data_3F3Q
# 
_entry.id   3F3Q 
# 
_audit_conform.dict_name       mmcif_pdbx.dic 
_audit_conform.dict_version    5.398 
_audit_conform.dict_location   http://mmcif.pdb.org/dictionaries/ascii/mmcif_pdbx.dic 
# 
loop_
_database_2.database_id 
_database_2.database_code 
_database_2.pdbx_database_accession 
_database_2.pdbx_DOI 
PDB   3F3Q         pdb_00003f3q 10.2210/pdb3f3q/pdb 
RCSB  RCSB050108   ?            ?                   
WWPDB D_1000050108 ?            ?                   
# 
loop_
_pdbx_audit_revision_history.ordinal 
_pdbx_audit_revision_history.data_content_type 
_pdbx_audit_revision_history.major_revision 
_pdbx_audit_revision_history.minor_revision 
_pdbx_audit_revision_history.revision_date 
1 'Structure model' 1 0 2009-10-20 
2 'Structure model' 1 1 2011-07-13 
3 'Structure model' 1 2 2023-11-01 
4 'Structure model' 1 3 2024-11-06 
# 
_pdbx_audit_revision_details.ordinal             1 
_pdbx_audit_revision_details.revision_ordinal    1 
_pdbx_audit_revision_details.data_content_type   'Structure model' 
_pdbx_audit_revision_details.provider            repository 
_pdbx_audit_revision_details.type                'Initial release' 
_pdbx_audit_revision_details.description         ? 
_pdbx_audit_revision_details.details             ? 
# 
loop_
_pdbx_audit_revision_group.ordinal 
_pdbx_audit_revision_group.revision_ordinal 
_pdbx_audit_revision_group.data_content_type 
_pdbx_audit_revision_group.group 
1 2 'Structure model' 'Version format compliance' 
2 3 'Structure model' 'Data collection'           
3 3 'Structure model' 'Database references'       
4 3 'Structure model' 'Derived calculations'      
5 3 'Structure model' 'Refinement description'    
6 4 'Structure model' 'Structure summary'         
# 
loop_
_pdbx_audit_revision_category.ordinal 
_pdbx_audit_revision_category.revision_ordinal 
_pdbx_audit_revision_category.data_content_type 
_pdbx_audit_revision_category.category 
1 3 'Structure model' chem_comp_atom                
2 3 'Structure model' chem_comp_bond                
3 3 'Structure model' database_2                    
4 3 'Structure model' pdbx_initial_refinement_model 
5 3 'Structure model' struct_ref_seq_dif            
6 3 'Structure model' struct_site                   
7 4 'Structure model' pdbx_entry_details            
8 4 'Structure model' pdbx_modification_feature     
# 
loop_
_pdbx_audit_revision_item.ordinal 
_pdbx_audit_revision_item.revision_ordinal 
_pdbx_audit_revision_item.data_content_type 
_pdbx_audit_revision_item.item 
1 3 'Structure model' '_database_2.pdbx_DOI'                
2 3 'Structure model' '_database_2.pdbx_database_accession' 
3 3 'Structure model' '_struct_ref_seq_dif.details'         
4 3 'Structure model' '_struct_site.pdbx_auth_asym_id'      
5 3 'Structure model' '_struct_site.pdbx_auth_comp_id'      
6 3 'Structure model' '_struct_site.pdbx_auth_seq_id'       
# 
_pdbx_database_status.status_code                     REL 
_pdbx_database_status.entry_id                        3F3Q 
_pdbx_database_status.recvd_initial_deposition_date   2008-10-31 
_pdbx_database_status.deposit_site                    RCSB 
_pdbx_database_status.process_site                    PDBJ 
_pdbx_database_status.status_code_sf                  REL 
_pdbx_database_status.status_code_mr                  ? 
_pdbx_database_status.SG_entry                        ? 
_pdbx_database_status.pdb_format_compatible           Y 
_pdbx_database_status.status_code_cs                  ? 
_pdbx_database_status.status_code_nmr_data            ? 
_pdbx_database_status.methods_development_category    ? 
# 
_pdbx_database_related.db_name        PDB 
_pdbx_database_related.db_id          3F3R 
_pdbx_database_related.details        . 
_pdbx_database_related.content_type   unspecified 
# 
loop_
_audit_author.name 
_audit_author.pdbx_ordinal 
'Zhang, Y.R.' 1 
'Bao, R.'     2 
'Zhou, C.Z.'  3 
'Chen, Y.X.'  4 
# 
_citation.id                        primary 
_citation.title                     
;Structural and kinetic analysis of Saccharomyces cerevisiae thioredoxin Trx1: implications for the catalytic mechanism of GSSG reduced by the thioredoxin system
;
_citation.journal_abbrev            Biochim.Biophys.Acta 
_citation.journal_volume            1794 
_citation.page_first                1218 
_citation.page_last                 1223 
_citation.year                      2009 
_citation.journal_id_ASTM           BBACAQ 
_citation.country                   NE 
_citation.journal_id_ISSN           0006-3002 
_citation.journal_id_CSD            0113 
_citation.book_publisher            ? 
_citation.pdbx_database_id_PubMed   19362171 
_citation.pdbx_database_id_DOI      10.1016/j.bbapap.2009.04.001 
# 
loop_
_citation_author.citation_id 
_citation_author.name 
_citation_author.ordinal 
_citation_author.identifier_ORCID 
primary 'Bao, R.'     1 ? 
primary 'Zhang, Y.R.' 2 ? 
primary 'Lou, X.'     3 ? 
primary 'Zhou, C.Z.'  4 ? 
primary 'Chen, Y.X.'  5 ? 
# 
loop_
_entity.id 
_entity.type 
_entity.src_method 
_entity.pdbx_description 
_entity.formula_weight 
_entity.pdbx_number_of_molecules 
_entity.pdbx_ec 
_entity.pdbx_mutation 
_entity.pdbx_fragment 
_entity.details 
1 polymer     man Thioredoxin-1 12073.813 1  ? ? ? ? 
2 non-polymer syn 'ZINC ION'    65.409    3  ? ? ? ? 
3 water       nat water         18.015    77 ? ? ? ? 
# 
_entity_name_com.entity_id   1 
_entity_name_com.name        'Thioredoxin I, TR-I, Thioredoxin-2' 
# 
_entity_poly.entity_id                      1 
_entity_poly.type                           'polypeptide(L)' 
_entity_poly.nstd_linkage                   no 
_entity_poly.nstd_monomer                   no 
_entity_poly.pdbx_seq_one_letter_code       
;HHHHHHMVTQFKTASEFDSAIAQDKLVVVDFYATWCGPCKMIAPMIEKFSEQYPQADFYKLDVDELGDVAQKNEVSAMPT
LLLFKNGKEVAKVVGANPAAIKQAIAANA
;
_entity_poly.pdbx_seq_one_letter_code_can   
;HHHHHHMVTQFKTASEFDSAIAQDKLVVVDFYATWCGPCKMIAPMIEKFSEQYPQADFYKLDVDELGDVAQKNEVSAMPT
LLLFKNGKEVAKVVGANPAAIKQAIAANA
;
_entity_poly.pdbx_strand_id                 A 
_entity_poly.pdbx_target_identifier         ? 
# 
loop_
_pdbx_entity_nonpoly.entity_id 
_pdbx_entity_nonpoly.name 
_pdbx_entity_nonpoly.comp_id 
2 'ZINC ION' ZN  
3 water      HOH 
# 
loop_
_entity_poly_seq.entity_id 
_entity_poly_seq.num 
_entity_poly_seq.mon_id 
_entity_poly_seq.hetero 
1 1   HIS n 
1 2   HIS n 
1 3   HIS n 
1 4   HIS n 
1 5   HIS n 
1 6   HIS n 
1 7   MET n 
1 8   VAL n 
1 9   THR n 
1 10  GLN n 
1 11  PHE n 
1 12  LYS n 
1 13  THR n 
1 14  ALA n 
1 15  SER n 
1 16  GLU n 
1 17  PHE n 
1 18  ASP n 
1 19  SER n 
1 20  ALA n 
1 21  ILE n 
1 22  ALA n 
1 23  GLN n 
1 24  ASP n 
1 25  LYS n 
1 26  LEU n 
1 27  VAL n 
1 28  VAL n 
1 29  VAL n 
1 30  ASP n 
1 31  PHE n 
1 32  TYR n 
1 33  ALA n 
1 34  THR n 
1 35  TRP n 
1 36  CYS n 
1 37  GLY n 
1 38  PRO n 
1 39  CYS n 
1 40  LYS n 
1 41  MET n 
1 42  ILE n 
1 43  ALA n 
1 44  PRO n 
1 45  MET n 
1 46  ILE n 
1 47  GLU n 
1 48  LYS n 
1 49  PHE n 
1 50  SER n 
1 51  GLU n 
1 52  GLN n 
1 53  TYR n 
1 54  PRO n 
1 55  GLN n 
1 56  ALA n 
1 57  ASP n 
1 58  PHE n 
1 59  TYR n 
1 60  LYS n 
1 61  LEU n 
1 62  ASP n 
1 63  VAL n 
1 64  ASP n 
1 65  GLU n 
1 66  LEU n 
1 67  GLY n 
1 68  ASP n 
1 69  VAL n 
1 70  ALA n 
1 71  GLN n 
1 72  LYS n 
1 73  ASN n 
1 74  GLU n 
1 75  VAL n 
1 76  SER n 
1 77  ALA n 
1 78  MET n 
1 79  PRO n 
1 80  THR n 
1 81  LEU n 
1 82  LEU n 
1 83  LEU n 
1 84  PHE n 
1 85  LYS n 
1 86  ASN n 
1 87  GLY n 
1 88  LYS n 
1 89  GLU n 
1 90  VAL n 
1 91  ALA n 
1 92  LYS n 
1 93  VAL n 
1 94  VAL n 
1 95  GLY n 
1 96  ALA n 
1 97  ASN n 
1 98  PRO n 
1 99  ALA n 
1 100 ALA n 
1 101 ILE n 
1 102 LYS n 
1 103 GLN n 
1 104 ALA n 
1 105 ILE n 
1 106 ALA n 
1 107 ALA n 
1 108 ASN n 
1 109 ALA n 
# 
_entity_src_gen.entity_id                          1 
_entity_src_gen.pdbx_src_id                        1 
_entity_src_gen.pdbx_alt_source_flag               sample 
_entity_src_gen.pdbx_seq_type                      ? 
_entity_src_gen.pdbx_beg_seq_num                   ? 
_entity_src_gen.pdbx_end_seq_num                   ? 
_entity_src_gen.gene_src_common_name               yeast 
_entity_src_gen.gene_src_genus                     ? 
_entity_src_gen.pdbx_gene_src_gene                 TRX1 
_entity_src_gen.gene_src_species                   ? 
_entity_src_gen.gene_src_strain                    ? 
_entity_src_gen.gene_src_tissue                    ? 
_entity_src_gen.gene_src_tissue_fraction           ? 
_entity_src_gen.gene_src_details                   ? 
_entity_src_gen.pdbx_gene_src_fragment             ? 
_entity_src_gen.pdbx_gene_src_scientific_name      'Saccharomyces cerevisiae' 
_entity_src_gen.pdbx_gene_src_ncbi_taxonomy_id     4932 
_entity_src_gen.pdbx_gene_src_variant              ? 
_entity_src_gen.pdbx_gene_src_cell_line            ? 
_entity_src_gen.pdbx_gene_src_atcc                 ? 
_entity_src_gen.pdbx_gene_src_organ                ? 
_entity_src_gen.pdbx_gene_src_organelle            ? 
_entity_src_gen.pdbx_gene_src_cell                 ? 
_entity_src_gen.pdbx_gene_src_cellular_location    ? 
_entity_src_gen.host_org_common_name               ? 
_entity_src_gen.pdbx_host_org_scientific_name      'Escherichia coli BL21(DE3)' 
_entity_src_gen.pdbx_host_org_ncbi_taxonomy_id     469008 
_entity_src_gen.host_org_genus                     ? 
_entity_src_gen.pdbx_host_org_gene                 ? 
_entity_src_gen.pdbx_host_org_organ                ? 
_entity_src_gen.host_org_species                   ? 
_entity_src_gen.pdbx_host_org_tissue               ? 
_entity_src_gen.pdbx_host_org_tissue_fraction      ? 
_entity_src_gen.pdbx_host_org_strain               'BL21(DE3)' 
_entity_src_gen.pdbx_host_org_variant              ? 
_entity_src_gen.pdbx_host_org_cell_line            ? 
_entity_src_gen.pdbx_host_org_atcc                 ? 
_entity_src_gen.pdbx_host_org_culture_collection   ? 
_entity_src_gen.pdbx_host_org_cell                 ? 
_entity_src_gen.pdbx_host_org_organelle            ? 
_entity_src_gen.pdbx_host_org_cellular_location    ? 
_entity_src_gen.pdbx_host_org_vector_type          PLASMID 
_entity_src_gen.pdbx_host_org_vector               ? 
_entity_src_gen.host_org_details                   ? 
_entity_src_gen.expression_system_id               ? 
_entity_src_gen.plasmid_name                       p28 
_entity_src_gen.plasmid_details                    ? 
_entity_src_gen.pdbx_description                   ? 
# 
loop_
_chem_comp.id 
_chem_comp.type 
_chem_comp.mon_nstd_flag 
_chem_comp.name 
_chem_comp.pdbx_synonyms 
_chem_comp.formula 
_chem_comp.formula_weight 
ALA 'L-peptide linking' y ALANINE         ? 'C3 H7 N O2'     89.093  
ASN 'L-peptide linking' y ASPARAGINE      ? 'C4 H8 N2 O3'    132.118 
ASP 'L-peptide linking' y 'ASPARTIC ACID' ? 'C4 H7 N O4'     133.103 
CYS 'L-peptide linking' y CYSTEINE        ? 'C3 H7 N O2 S'   121.158 
GLN 'L-peptide linking' y GLUTAMINE       ? 'C5 H10 N2 O3'   146.144 
GLU 'L-peptide linking' y 'GLUTAMIC ACID' ? 'C5 H9 N O4'     147.129 
GLY 'peptide linking'   y GLYCINE         ? 'C2 H5 N O2'     75.067  
HIS 'L-peptide linking' y HISTIDINE       ? 'C6 H10 N3 O2 1' 156.162 
HOH non-polymer         . WATER           ? 'H2 O'           18.015  
ILE 'L-peptide linking' y ISOLEUCINE      ? 'C6 H13 N O2'    131.173 
LEU 'L-peptide linking' y LEUCINE         ? 'C6 H13 N O2'    131.173 
LYS 'L-peptide linking' y LYSINE          ? 'C6 H15 N2 O2 1' 147.195 
MET 'L-peptide linking' y METHIONINE      ? 'C5 H11 N O2 S'  149.211 
PHE 'L-peptide linking' y PHENYLALANINE   ? 'C9 H11 N O2'    165.189 
PRO 'L-peptide linking' y PROLINE         ? 'C5 H9 N O2'     115.130 
SER 'L-peptide linking' y SERINE          ? 'C3 H7 N O3'     105.093 
THR 'L-peptide linking' y THREONINE       ? 'C4 H9 N O3'     119.119 
TRP 'L-peptide linking' y TRYPTOPHAN      ? 'C11 H12 N2 O2'  204.225 
TYR 'L-peptide linking' y TYROSINE        ? 'C9 H11 N O3'    181.189 
VAL 'L-peptide linking' y VALINE          ? 'C5 H11 N O2'    117.146 
ZN  non-polymer         . 'ZINC ION'      ? 'Zn 2'           65.409  
# 
loop_
_pdbx_poly_seq_scheme.asym_id 
_pdbx_poly_seq_scheme.entity_id 
_pdbx_poly_seq_scheme.seq_id 
_pdbx_poly_seq_scheme.mon_id 
_pdbx_poly_seq_scheme.ndb_seq_num 
_pdbx_poly_seq_scheme.pdb_seq_num 
_pdbx_poly_seq_scheme.auth_seq_num 
_pdbx_poly_seq_scheme.pdb_mon_id 
_pdbx_poly_seq_scheme.auth_mon_id 
_pdbx_poly_seq_scheme.pdb_strand_id 
_pdbx_poly_seq_scheme.pdb_ins_code 
_pdbx_poly_seq_scheme.hetero 
A 1 1   HIS 1   -5  -5  HIS HIS A . n 
A 1 2   HIS 2   -4  -4  HIS HIS A . n 
A 1 3   HIS 3   -3  -3  HIS HIS A . n 
A 1 4   HIS 4   -2  -2  HIS HIS A . n 
A 1 5   HIS 5   -1  -1  HIS HIS A . n 
A 1 6   HIS 6   0   0   HIS HIS A . n 
A 1 7   MET 7   1   1   MET MET A . n 
A 1 8   VAL 8   2   2   VAL VAL A . n 
A 1 9   THR 9   3   3   THR THR A . n 
A 1 10  GLN 10  4   4   GLN GLN A . n 
A 1 11  PHE 11  5   5   PHE PHE A . n 
A 1 12  LYS 12  6   6   LYS LYS A . n 
A 1 13  THR 13  7   7   THR THR A . n 
A 1 14  ALA 14  8   8   ALA ALA A . n 
A 1 15  SER 15  9   9   SER SER A . n 
A 1 16  GLU 16  10  10  GLU GLU A . n 
A 1 17  PHE 17  11  11  PHE PHE A . n 
A 1 18  ASP 18  12  12  ASP ASP A . n 
A 1 19  SER 19  13  13  SER SER A . n 
A 1 20  ALA 20  14  14  ALA ALA A . n 
A 1 21  ILE 21  15  15  ILE ILE A . n 
A 1 22  ALA 22  16  16  ALA ALA A . n 
A 1 23  GLN 23  17  17  GLN GLN A . n 
A 1 24  ASP 24  18  18  ASP ASP A . n 
A 1 25  LYS 25  19  19  LYS LYS A . n 
A 1 26  LEU 26  20  20  LEU LEU A . n 
A 1 27  VAL 27  21  21  VAL VAL A . n 
A 1 28  VAL 28  22  22  VAL VAL A . n 
A 1 29  VAL 29  23  23  VAL VAL A . n 
A 1 30  ASP 30  24  24  ASP ASP A . n 
A 1 31  PHE 31  25  25  PHE PHE A . n 
A 1 32  TYR 32  26  26  TYR TYR A . n 
A 1 33  ALA 33  27  27  ALA ALA A . n 
A 1 34  THR 34  28  28  THR THR A . n 
A 1 35  TRP 35  29  29  TRP TRP A . n 
A 1 36  CYS 36  30  30  CYS CYS A . n 
A 1 37  GLY 37  31  31  GLY GLY A . n 
A 1 38  PRO 38  32  32  PRO PRO A . n 
A 1 39  CYS 39  33  33  CYS CYS A . n 
A 1 40  LYS 40  34  34  LYS LYS A . n 
A 1 41  MET 41  35  35  MET MET A . n 
A 1 42  ILE 42  36  36  ILE ILE A . n 
A 1 43  ALA 43  37  37  ALA ALA A . n 
A 1 44  PRO 44  38  38  PRO PRO A . n 
A 1 45  MET 45  39  39  MET MET A . n 
A 1 46  ILE 46  40  40  ILE ILE A . n 
A 1 47  GLU 47  41  41  GLU GLU A . n 
A 1 48  LYS 48  42  42  LYS LYS A . n 
A 1 49  PHE 49  43  43  PHE PHE A . n 
A 1 50  SER 50  44  44  SER SER A . n 
A 1 51  GLU 51  45  45  GLU GLU A . n 
A 1 52  GLN 52  46  46  GLN GLN A . n 
A 1 53  TYR 53  47  47  TYR TYR A . n 
A 1 54  PRO 54  48  48  PRO PRO A . n 
A 1 55  GLN 55  49  49  GLN GLN A . n 
A 1 56  ALA 56  50  50  ALA ALA A . n 
A 1 57  ASP 57  51  51  ASP ASP A . n 
A 1 58  PHE 58  52  52  PHE PHE A . n 
A 1 59  TYR 59  53  53  TYR TYR A . n 
A 1 60  LYS 60  54  54  LYS LYS A . n 
A 1 61  LEU 61  55  55  LEU LEU A . n 
A 1 62  ASP 62  56  56  ASP ASP A . n 
A 1 63  VAL 63  57  57  VAL VAL A . n 
A 1 64  ASP 64  58  58  ASP ASP A . n 
A 1 65  GLU 65  59  59  GLU GLU A . n 
A 1 66  LEU 66  60  60  LEU LEU A . n 
A 1 67  GLY 67  61  61  GLY GLY A . n 
A 1 68  ASP 68  62  62  ASP ASP A . n 
A 1 69  VAL 69  63  63  VAL VAL A . n 
A 1 70  ALA 70  64  64  ALA ALA A . n 
A 1 71  GLN 71  65  65  GLN GLN A . n 
A 1 72  LYS 72  66  66  LYS LYS A . n 
A 1 73  ASN 73  67  67  ASN ASN A . n 
A 1 74  GLU 74  68  68  GLU GLU A . n 
A 1 75  VAL 75  69  69  VAL VAL A . n 
A 1 76  SER 76  70  70  SER SER A . n 
A 1 77  ALA 77  71  71  ALA ALA A . n 
A 1 78  MET 78  72  72  MET MET A . n 
A 1 79  PRO 79  73  73  PRO PRO A . n 
A 1 80  THR 80  74  74  THR THR A . n 
A 1 81  LEU 81  75  75  LEU LEU A . n 
A 1 82  LEU 82  76  76  LEU LEU A . n 
A 1 83  LEU 83  77  77  LEU LEU A . n 
A 1 84  PHE 84  78  78  PHE PHE A . n 
A 1 85  LYS 85  79  79  LYS LYS A . n 
A 1 86  ASN 86  80  80  ASN ASN A . n 
A 1 87  GLY 87  81  81  GLY GLY A . n 
A 1 88  LYS 88  82  82  LYS LYS A . n 
A 1 89  GLU 89  83  83  GLU GLU A . n 
A 1 90  VAL 90  84  84  VAL VAL A . n 
A 1 91  ALA 91  85  85  ALA ALA A . n 
A 1 92  LYS 92  86  86  LYS LYS A . n 
A 1 93  VAL 93  87  87  VAL VAL A . n 
A 1 94  VAL 94  88  88  VAL VAL A . n 
A 1 95  GLY 95  89  89  GLY GLY A . n 
A 1 96  ALA 96  90  90  ALA ALA A . n 
A 1 97  ASN 97  91  91  ASN ASN A . n 
A 1 98  PRO 98  92  92  PRO PRO A . n 
A 1 99  ALA 99  93  93  ALA ALA A . n 
A 1 100 ALA 100 94  94  ALA ALA A . n 
A 1 101 ILE 101 95  95  ILE ILE A . n 
A 1 102 LYS 102 96  96  LYS LYS A . n 
A 1 103 GLN 103 97  97  GLN GLN A . n 
A 1 104 ALA 104 98  98  ALA ALA A . n 
A 1 105 ILE 105 99  99  ILE ILE A . n 
A 1 106 ALA 106 100 100 ALA ALA A . n 
A 1 107 ALA 107 101 101 ALA ALA A . n 
A 1 108 ASN 108 102 102 ASN ASN A . n 
A 1 109 ALA 109 103 103 ALA ALA A . n 
# 
loop_
_pdbx_nonpoly_scheme.asym_id 
_pdbx_nonpoly_scheme.entity_id 
_pdbx_nonpoly_scheme.mon_id 
_pdbx_nonpoly_scheme.ndb_seq_num 
_pdbx_nonpoly_scheme.pdb_seq_num 
_pdbx_nonpoly_scheme.auth_seq_num 
_pdbx_nonpoly_scheme.pdb_mon_id 
_pdbx_nonpoly_scheme.auth_mon_id 
_pdbx_nonpoly_scheme.pdb_strand_id 
_pdbx_nonpoly_scheme.pdb_ins_code 
B 2 ZN  1  104 104 ZN  ZN  A . 
C 2 ZN  1  105 105 ZN  ZN  A . 
D 2 ZN  1  106 106 ZN  ZN  A . 
E 3 HOH 1  107 107 HOH HOH A . 
E 3 HOH 2  108 108 HOH HOH A . 
E 3 HOH 3  109 109 HOH HOH A . 
E 3 HOH 4  110 110 HOH HOH A . 
E 3 HOH 5  111 111 HOH HOH A . 
E 3 HOH 6  112 112 HOH HOH A . 
E 3 HOH 7  113 113 HOH HOH A . 
E 3 HOH 8  114 114 HOH HOH A . 
E 3 HOH 9  115 115 HOH HOH A . 
E 3 HOH 10 116 116 HOH HOH A . 
E 3 HOH 11 117 117 HOH HOH A . 
E 3 HOH 12 118 118 HOH HOH A . 
E 3 HOH 13 119 119 HOH HOH A . 
E 3 HOH 14 120 120 HOH HOH A . 
E 3 HOH 15 121 121 HOH HOH A . 
E 3 HOH 16 122 122 HOH HOH A . 
E 3 HOH 17 123 123 HOH HOH A . 
E 3 HOH 18 124 124 HOH HOH A . 
E 3 HOH 19 125 125 HOH HOH A . 
E 3 HOH 20 126 126 HOH HOH A . 
E 3 HOH 21 127 127 HOH HOH A . 
E 3 HOH 22 128 128 HOH HOH A . 
E 3 HOH 23 129 129 HOH HOH A . 
E 3 HOH 24 130 130 HOH HOH A . 
E 3 HOH 25 131 131 HOH HOH A . 
E 3 HOH 26 132 132 HOH HOH A . 
E 3 HOH 27 133 133 HOH HOH A . 
E 3 HOH 28 134 134 HOH HOH A . 
E 3 HOH 29 135 135 HOH HOH A . 
E 3 HOH 30 136 2   HOH HOH A . 
E 3 HOH 31 137 137 HOH HOH A . 
E 3 HOH 32 138 138 HOH HOH A . 
E 3 HOH 33 139 139 HOH HOH A . 
E 3 HOH 34 140 140 HOH HOH A . 
E 3 HOH 35 141 141 HOH HOH A . 
E 3 HOH 36 142 142 HOH HOH A . 
E 3 HOH 37 143 143 HOH HOH A . 
E 3 HOH 38 144 144 HOH HOH A . 
E 3 HOH 39 145 145 HOH HOH A . 
E 3 HOH 40 146 146 HOH HOH A . 
E 3 HOH 41 147 147 HOH HOH A . 
E 3 HOH 42 148 148 HOH HOH A . 
E 3 HOH 43 149 149 HOH HOH A . 
E 3 HOH 44 150 150 HOH HOH A . 
E 3 HOH 45 151 151 HOH HOH A . 
E 3 HOH 46 152 152 HOH HOH A . 
E 3 HOH 47 153 153 HOH HOH A . 
E 3 HOH 48 154 3   HOH HOH A . 
E 3 HOH 49 155 155 HOH HOH A . 
E 3 HOH 50 156 156 HOH HOH A . 
E 3 HOH 51 157 157 HOH HOH A . 
E 3 HOH 52 158 4   HOH HOH A . 
E 3 HOH 53 159 159 HOH HOH A . 
E 3 HOH 54 160 160 HOH HOH A . 
E 3 HOH 55 161 161 HOH HOH A . 
E 3 HOH 56 162 5   HOH HOH A . 
E 3 HOH 57 163 163 HOH HOH A . 
E 3 HOH 58 164 164 HOH HOH A . 
E 3 HOH 59 165 165 HOH HOH A . 
E 3 HOH 60 166 7   HOH HOH A . 
E 3 HOH 61 167 167 HOH HOH A . 
E 3 HOH 62 168 168 HOH HOH A . 
E 3 HOH 63 169 169 HOH HOH A . 
E 3 HOH 64 170 170 HOH HOH A . 
E 3 HOH 65 171 171 HOH HOH A . 
E 3 HOH 66 172 8   HOH HOH A . 
E 3 HOH 67 173 9   HOH HOH A . 
E 3 HOH 68 174 174 HOH HOH A . 
E 3 HOH 69 175 175 HOH HOH A . 
E 3 HOH 70 176 176 HOH HOH A . 
E 3 HOH 71 177 10  HOH HOH A . 
E 3 HOH 72 178 11  HOH HOH A . 
E 3 HOH 73 179 12  HOH HOH A . 
E 3 HOH 74 180 13  HOH HOH A . 
E 3 HOH 75 181 14  HOH HOH A . 
E 3 HOH 76 182 15  HOH HOH A . 
E 3 HOH 77 183 16  HOH HOH A . 
# 
loop_
_software.name 
_software.classification 
_software.version 
_software.citation_id 
_software.pdbx_ordinal 
CrystalClear 'data collection' .        ? 1 
MOLREP       phasing           .        ? 2 
REFMAC       refinement        5.2.0019 ? 3 
d*TREK       'data reduction'  .        ? 4 
d*TREK       'data scaling'    .        ? 5 
# 
_cell.entry_id           3F3Q 
_cell.length_a           32.292 
_cell.length_b           46.588 
_cell.length_c           64.200 
_cell.angle_alpha        90.00 
_cell.angle_beta         90.00 
_cell.angle_gamma        90.00 
_cell.Z_PDB              4 
_cell.pdbx_unique_axis   ? 
_cell.length_a_esd       ? 
_cell.length_b_esd       ? 
_cell.length_c_esd       ? 
_cell.angle_alpha_esd    ? 
_cell.angle_beta_esd     ? 
_cell.angle_gamma_esd    ? 
# 
_symmetry.entry_id                         3F3Q 
_symmetry.space_group_name_H-M             'P 21 21 21' 
_symmetry.pdbx_full_space_group_name_H-M   ? 
_symmetry.cell_setting                     ? 
_symmetry.Int_Tables_number                19 
_symmetry.space_group_name_Hall            ? 
# 
_exptl.entry_id          3F3Q 
_exptl.method            'X-RAY DIFFRACTION' 
_exptl.crystals_number   1 
# 
_exptl_crystal.id                    1 
_exptl_crystal.density_meas          ? 
_exptl_crystal.density_Matthews      2.00 
_exptl_crystal.density_percent_sol   38.50 
_exptl_crystal.description           ? 
_exptl_crystal.F_000                 ? 
_exptl_crystal.preparation           ? 
# 
_exptl_crystal_grow.crystal_id      1 
_exptl_crystal_grow.method          'VAPOR DIFFUSION, HANGING DROP' 
_exptl_crystal_grow.temp            291 
_exptl_crystal_grow.temp_details    ? 
_exptl_crystal_grow.pH              4.6 
_exptl_crystal_grow.pdbx_details    
'4% PEG400, 12%PEG8000, 0.1M sodium acetate, 0.2M zinc acetate, pH 4.6, VAPOR DIFFUSION, HANGING DROP, temperature 291K' 
_exptl_crystal_grow.pdbx_pH_range   . 
# 
_diffrn.id                     1 
_diffrn.ambient_temp           100 
_diffrn.ambient_temp_details   ? 
_diffrn.crystal_id             1 
# 
_diffrn_detector.diffrn_id              1 
_diffrn_detector.detector               'IMAGE PLATE' 
_diffrn_detector.type                   'RIGAKU RAXIS IV' 
_diffrn_detector.pdbx_collection_date   2006-11-06 
_diffrn_detector.details                ? 
# 
_diffrn_radiation.diffrn_id                        1 
_diffrn_radiation.wavelength_id                    1 
_diffrn_radiation.pdbx_monochromatic_or_laue_m_l   M 
_diffrn_radiation.monochromator                    GRAPHITE 
_diffrn_radiation.pdbx_diffrn_protocol             'SINGLE WAVELENGTH' 
_diffrn_radiation.pdbx_scattering_type             x-ray 
# 
_diffrn_radiation_wavelength.id           1 
_diffrn_radiation_wavelength.wavelength   1.5418 
_diffrn_radiation_wavelength.wt           1.0 
# 
_diffrn_source.diffrn_id                   1 
_diffrn_source.source                      'ROTATING ANODE' 
_diffrn_source.type                        'RIGAKU MICROMAX-007' 
_diffrn_source.pdbx_synchrotron_site       ? 
_diffrn_source.pdbx_synchrotron_beamline   ? 
_diffrn_source.pdbx_wavelength             ? 
_diffrn_source.pdbx_wavelength_list        1.5418 
# 
_reflns.entry_id                     3F3Q 
_reflns.observed_criterion_sigma_I   2 
_reflns.observed_criterion_sigma_F   2 
_reflns.d_resolution_low             37.706 
_reflns.d_resolution_high            1.7 
_reflns.number_obs                   10873 
_reflns.number_all                   ? 
_reflns.percent_possible_obs         97.4 
_reflns.pdbx_Rmerge_I_obs            0.041 
_reflns.pdbx_Rsym_value              ? 
_reflns.pdbx_netI_over_sigmaI        11.9 
_reflns.B_iso_Wilson_estimate        23.070 
_reflns.pdbx_redundancy              ? 
_reflns.R_free_details               ? 
_reflns.limit_h_max                  ? 
_reflns.limit_h_min                  ? 
_reflns.limit_k_max                  ? 
_reflns.limit_k_min                  ? 
_reflns.limit_l_max                  ? 
_reflns.limit_l_min                  ? 
_reflns.observed_criterion_F_max     ? 
_reflns.observed_criterion_F_min     ? 
_reflns.pdbx_chi_squared             ? 
_reflns.pdbx_scaling_rejects         ? 
_reflns.pdbx_diffrn_id               1 
_reflns.pdbx_ordinal                 1 
# 
_reflns_shell.d_res_high             1.76 
_reflns_shell.d_res_low              1.83 
_reflns_shell.percent_possible_all   96.4 
_reflns_shell.Rmerge_I_obs           0.040 
_reflns_shell.pdbx_Rsym_value        ? 
_reflns_shell.meanI_over_sigI_obs    2.7 
_reflns_shell.pdbx_redundancy        ? 
_reflns_shell.percent_possible_obs   ? 
_reflns_shell.number_unique_all      1044 
_reflns_shell.number_measured_all    ? 
_reflns_shell.number_measured_obs    ? 
_reflns_shell.number_unique_obs      ? 
_reflns_shell.pdbx_chi_squared       ? 
_reflns_shell.pdbx_diffrn_id         ? 
_reflns_shell.pdbx_ordinal           1 
# 
_refine.entry_id                                 3F3Q 
_refine.ls_number_reflns_obs                     9472 
_refine.ls_number_reflns_all                     9938 
_refine.pdbx_ls_sigma_I                          ? 
_refine.pdbx_ls_sigma_F                          2.0 
_refine.pdbx_data_cutoff_high_absF               ? 
_refine.pdbx_data_cutoff_low_absF                ? 
_refine.pdbx_data_cutoff_high_rms_absF           ? 
_refine.ls_d_res_low                             28.85 
_refine.ls_d_res_high                            1.76 
_refine.ls_percent_reflns_obs                    98.57 
_refine.ls_R_factor_obs                          0.19990 
_refine.ls_R_factor_all                          0.20 
_refine.ls_R_factor_R_work                       0.19758 
_refine.ls_R_factor_R_free                       0.24547 
_refine.ls_R_factor_R_free_error                 ? 
_refine.ls_R_factor_R_free_error_details         ? 
_refine.ls_percent_reflns_R_free                 4.7 
_refine.ls_number_reflns_R_free                  466 
_refine.ls_number_parameters                     ? 
_refine.ls_number_restraints                     ? 
_refine.occupancy_min                            ? 
_refine.occupancy_max                            ? 
_refine.correlation_coeff_Fo_to_Fc               0.956 
_refine.correlation_coeff_Fo_to_Fc_free          0.936 
_refine.B_iso_mean                               26.253 
_refine.aniso_B[1][1]                            1.74 
_refine.aniso_B[2][2]                            -1.40 
_refine.aniso_B[3][3]                            -0.35 
_refine.aniso_B[1][2]                            0.00 
_refine.aniso_B[1][3]                            0.00 
_refine.aniso_B[2][3]                            0.00 
_refine.solvent_model_details                    'BABINET MODEL WITH MASK' 
_refine.solvent_model_param_ksol                 ? 
_refine.solvent_model_param_bsol                 ? 
_refine.pdbx_solvent_vdw_probe_radii             1.20 
_refine.pdbx_solvent_ion_probe_radii             0.80 
_refine.pdbx_solvent_shrinkage_radii             0.80 
_refine.pdbx_ls_cross_valid_method               THROUGHOUT 
_refine.details                                  'HYDROGENS HAVE BEEN ADDED IN THE RIDING POSITIONS' 
_refine.pdbx_starting_model                      'PDB ENTRY 2FA4' 
_refine.pdbx_method_to_determine_struct          'MOLECULAR REPLACEMENT' 
_refine.pdbx_isotropic_thermal_model             ? 
_refine.pdbx_stereochemistry_target_values       'MAXIMUM LIKELIHOOD' 
_refine.pdbx_stereochem_target_val_spec_case     ? 
_refine.pdbx_R_Free_selection_details            RANDOM 
_refine.pdbx_overall_ESU_R                       0.143 
_refine.pdbx_overall_ESU_R_Free                  0.138 
_refine.overall_SU_ML                            0.104 
_refine.overall_SU_B                             3.309 
_refine.ls_redundancy_reflns_obs                 ? 
_refine.B_iso_min                                ? 
_refine.B_iso_max                                ? 
_refine.overall_SU_R_Cruickshank_DPI             ? 
_refine.overall_SU_R_free                        ? 
_refine.ls_wR_factor_R_free                      ? 
_refine.ls_wR_factor_R_work                      ? 
_refine.overall_FOM_free_R_set                   ? 
_refine.overall_FOM_work_R_set                   ? 
_refine.pdbx_refine_id                           'X-RAY DIFFRACTION' 
_refine.pdbx_overall_phase_error                 ? 
_refine.pdbx_diffrn_id                           1 
_refine.pdbx_TLS_residual_ADP_flag               ? 
_refine.pdbx_overall_SU_R_free_Cruickshank_DPI   ? 
_refine.pdbx_overall_SU_R_Blow_DPI               ? 
_refine.pdbx_overall_SU_R_free_Blow_DPI          ? 
# 
_refine_hist.pdbx_refine_id                   'X-RAY DIFFRACTION' 
_refine_hist.cycle_id                         LAST 
_refine_hist.pdbx_number_atoms_protein        848 
_refine_hist.pdbx_number_atoms_nucleic_acid   0 
_refine_hist.pdbx_number_atoms_ligand         3 
_refine_hist.number_atoms_solvent             77 
_refine_hist.number_atoms_total               928 
_refine_hist.d_res_high                       1.76 
_refine_hist.d_res_low                        28.85 
# 
loop_
_refine_ls_restr.type 
_refine_ls_restr.dev_ideal 
_refine_ls_restr.dev_ideal_target 
_refine_ls_restr.weight 
_refine_ls_restr.number 
_refine_ls_restr.pdbx_refine_id 
_refine_ls_restr.pdbx_restraint_function 
r_bond_refined_d             0.016  0.022  ? 870  'X-RAY DIFFRACTION' ? 
r_bond_other_d               ?      ?      ? ?    'X-RAY DIFFRACTION' ? 
r_angle_refined_deg          1.551  1.931  ? 1178 'X-RAY DIFFRACTION' ? 
r_angle_other_deg            ?      ?      ? ?    'X-RAY DIFFRACTION' ? 
r_dihedral_angle_1_deg       5.398  5.000  ? 108  'X-RAY DIFFRACTION' ? 
r_dihedral_angle_2_deg       33.528 25.897 ? 39   'X-RAY DIFFRACTION' ? 
r_dihedral_angle_3_deg       13.580 15.000 ? 145  'X-RAY DIFFRACTION' ? 
r_dihedral_angle_4_deg       ?      ?      ? ?    'X-RAY DIFFRACTION' ? 
r_chiral_restr               0.103  0.200  ? 130  'X-RAY DIFFRACTION' ? 
r_gen_planes_refined         0.006  0.020  ? 660  'X-RAY DIFFRACTION' ? 
r_gen_planes_other           ?      ?      ? ?    'X-RAY DIFFRACTION' ? 
r_nbd_refined                0.228  0.200  ? 388  'X-RAY DIFFRACTION' ? 
r_nbd_other                  ?      ?      ? ?    'X-RAY DIFFRACTION' ? 
r_nbtor_refined              0.312  0.200  ? 591  'X-RAY DIFFRACTION' ? 
r_nbtor_other                ?      ?      ? ?    'X-RAY DIFFRACTION' ? 
r_xyhbond_nbd_refined        0.156  0.200  ? 61   'X-RAY DIFFRACTION' ? 
r_xyhbond_nbd_other          ?      ?      ? ?    'X-RAY DIFFRACTION' ? 
r_metal_ion_refined          0.091  0.200  ? 5    'X-RAY DIFFRACTION' ? 
r_metal_ion_other            ?      ?      ? ?    'X-RAY DIFFRACTION' ? 
r_symmetry_vdw_refined       0.275  0.200  ? 51   'X-RAY DIFFRACTION' ? 
r_symmetry_vdw_other         ?      ?      ? ?    'X-RAY DIFFRACTION' ? 
r_symmetry_hbond_refined     0.114  0.200  ? 11   'X-RAY DIFFRACTION' ? 
r_symmetry_hbond_other       ?      ?      ? ?    'X-RAY DIFFRACTION' ? 
r_symmetry_metal_ion_refined 0.148  0.200  ? 2    'X-RAY DIFFRACTION' ? 
r_symmetry_metal_ion_other   ?      ?      ? ?    'X-RAY DIFFRACTION' ? 
r_mcbond_it                  1.087  1.500  ? 564  'X-RAY DIFFRACTION' ? 
r_mcbond_other               ?      ?      ? ?    'X-RAY DIFFRACTION' ? 
r_mcangle_it                 1.731  2.000  ? 877  'X-RAY DIFFRACTION' ? 
r_scbond_it                  2.287  3.000  ? 348  'X-RAY DIFFRACTION' ? 
r_scangle_it                 3.378  4.500  ? 301  'X-RAY DIFFRACTION' ? 
r_rigid_bond_restr           ?      ?      ? ?    'X-RAY DIFFRACTION' ? 
r_sphericity_free            ?      ?      ? ?    'X-RAY DIFFRACTION' ? 
r_sphericity_bonded          ?      ?      ? ?    'X-RAY DIFFRACTION' ? 
# 
_refine_ls_shell.pdbx_total_number_of_bins_used   ? 
_refine_ls_shell.d_res_high                       1.760 
_refine_ls_shell.d_res_low                        1.806 
_refine_ls_shell.number_reflns_R_work             ? 
_refine_ls_shell.R_factor_R_work                  0.297 
_refine_ls_shell.percent_reflns_obs               94.48 
_refine_ls_shell.R_factor_R_free                  0.359 
_refine_ls_shell.R_factor_R_free_error            ? 
_refine_ls_shell.percent_reflns_R_free            ? 
_refine_ls_shell.number_reflns_R_free             27 
_refine_ls_shell.number_reflns_all                ? 
_refine_ls_shell.R_factor_all                     ? 
_refine_ls_shell.number_reflns_obs                658 
_refine_ls_shell.redundancy_reflns_obs            ? 
_refine_ls_shell.pdbx_refine_id                   'X-RAY DIFFRACTION' 
# 
_struct.entry_id                  3F3Q 
_struct.title                     'Crystal structure of the oxidised form of thioredoxin 1 from saccharomyces cerevisiae' 
_struct.pdbx_model_details        ? 
_struct.pdbx_CASP_flag            N 
_struct.pdbx_model_type_details   ? 
# 
_struct_keywords.entry_id        3F3Q 
_struct_keywords.pdbx_keywords   'ELECTRON TRANSPORT' 
_struct_keywords.text            
;His tag, Electron transport, Cytoplasm, Deoxyribonucleotide synthesis, Golgi apparatus, Membrane, Nucleus, Protein transport, Redox-active center, Phosphoprotein, Transport
;
# 
loop_
_struct_asym.id 
_struct_asym.pdbx_blank_PDB_chainid_flag 
_struct_asym.pdbx_modified 
_struct_asym.entity_id 
_struct_asym.details 
A N N 1 ? 
B N N 2 ? 
C N N 2 ? 
D N N 2 ? 
E N N 3 ? 
# 
_struct_ref.id                         1 
_struct_ref.db_name                    UNP 
_struct_ref.db_code                    TRX1_YEAST 
_struct_ref.pdbx_db_accession          P22217 
_struct_ref.entity_id                  1 
_struct_ref.pdbx_seq_one_letter_code   
;MVTQFKTASEFDSAIAQDKLVVVDFYATWCGPCKMIAPMIEKFSEQYPQADFYKLDVDELGDVAQKNEVSAMPTLLLFKN
GKEVAKVVGANPAAIKQAIAANA
;
_struct_ref.pdbx_align_begin           1 
_struct_ref.pdbx_db_isoform            ? 
# 
_struct_ref_seq.align_id                      1 
_struct_ref_seq.ref_id                        1 
_struct_ref_seq.pdbx_PDB_id_code              3F3Q 
_struct_ref_seq.pdbx_strand_id                A 
_struct_ref_seq.seq_align_beg                 7 
_struct_ref_seq.pdbx_seq_align_beg_ins_code   ? 
_struct_ref_seq.seq_align_end                 109 
_struct_ref_seq.pdbx_seq_align_end_ins_code   ? 
_struct_ref_seq.pdbx_db_accession             P22217 
_struct_ref_seq.db_align_beg                  1 
_struct_ref_seq.pdbx_db_align_beg_ins_code    ? 
_struct_ref_seq.db_align_end                  103 
_struct_ref_seq.pdbx_db_align_end_ins_code    ? 
_struct_ref_seq.pdbx_auth_seq_align_beg       1 
_struct_ref_seq.pdbx_auth_seq_align_end       103 
# 
loop_
_struct_ref_seq_dif.align_id 
_struct_ref_seq_dif.pdbx_pdb_id_code 
_struct_ref_seq_dif.mon_id 
_struct_ref_seq_dif.pdbx_pdb_strand_id 
_struct_ref_seq_dif.seq_num 
_struct_ref_seq_dif.pdbx_pdb_ins_code 
_struct_ref_seq_dif.pdbx_seq_db_name 
_struct_ref_seq_dif.pdbx_seq_db_accession_code 
_struct_ref_seq_dif.db_mon_id 
_struct_ref_seq_dif.pdbx_seq_db_seq_num 
_struct_ref_seq_dif.details 
_struct_ref_seq_dif.pdbx_auth_seq_num 
_struct_ref_seq_dif.pdbx_ordinal 
1 3F3Q HIS A 1 ? UNP P22217 ? ? 'expression tag' -5 1 
1 3F3Q HIS A 2 ? UNP P22217 ? ? 'expression tag' -4 2 
1 3F3Q HIS A 3 ? UNP P22217 ? ? 'expression tag' -3 3 
1 3F3Q HIS A 4 ? UNP P22217 ? ? 'expression tag' -2 4 
1 3F3Q HIS A 5 ? UNP P22217 ? ? 'expression tag' -1 5 
1 3F3Q HIS A 6 ? UNP P22217 ? ? 'expression tag' 0  6 
# 
_pdbx_struct_assembly.id                   1 
_pdbx_struct_assembly.details              author_and_software_defined_assembly 
_pdbx_struct_assembly.method_details       PISA 
_pdbx_struct_assembly.oligomeric_details   monomeric 
_pdbx_struct_assembly.oligomeric_count     1 
# 
_pdbx_struct_assembly_gen.assembly_id       1 
_pdbx_struct_assembly_gen.oper_expression   1 
_pdbx_struct_assembly_gen.asym_id_list      A,B,C,D,E 
# 
_pdbx_struct_oper_list.id                   1 
_pdbx_struct_oper_list.type                 'identity operation' 
_pdbx_struct_oper_list.name                 1_555 
_pdbx_struct_oper_list.symmetry_operation   x,y,z 
_pdbx_struct_oper_list.matrix[1][1]         1.0000000000 
_pdbx_struct_oper_list.matrix[1][2]         0.0000000000 
_pdbx_struct_oper_list.matrix[1][3]         0.0000000000 
_pdbx_struct_oper_list.vector[1]            0.0000000000 
_pdbx_struct_oper_list.matrix[2][1]         0.0000000000 
_pdbx_struct_oper_list.matrix[2][2]         1.0000000000 
_pdbx_struct_oper_list.matrix[2][3]         0.0000000000 
_pdbx_struct_oper_list.vector[2]            0.0000000000 
_pdbx_struct_oper_list.matrix[3][1]         0.0000000000 
_pdbx_struct_oper_list.matrix[3][2]         0.0000000000 
_pdbx_struct_oper_list.matrix[3][3]         1.0000000000 
_pdbx_struct_oper_list.vector[3]            0.0000000000 
# 
_struct_biol.id        1 
_struct_biol.details   ? 
# 
loop_
_struct_conf.conf_type_id 
_struct_conf.id 
_struct_conf.pdbx_PDB_helix_id 
_struct_conf.beg_label_comp_id 
_struct_conf.beg_label_asym_id 
_struct_conf.beg_label_seq_id 
_struct_conf.pdbx_beg_PDB_ins_code 
_struct_conf.end_label_comp_id 
_struct_conf.end_label_asym_id 
_struct_conf.end_label_seq_id 
_struct_conf.pdbx_end_PDB_ins_code 
_struct_conf.beg_auth_comp_id 
_struct_conf.beg_auth_asym_id 
_struct_conf.beg_auth_seq_id 
_struct_conf.end_auth_comp_id 
_struct_conf.end_auth_asym_id 
_struct_conf.end_auth_seq_id 
_struct_conf.pdbx_PDB_helix_class 
_struct_conf.details 
_struct_conf.pdbx_PDB_helix_length 
HELX_P HELX_P1 1 THR A 13 ? ALA A 22  ? THR A 7  ALA A 16  1 ? 10 
HELX_P HELX_P2 2 CYS A 36 ? TYR A 53  ? CYS A 30 TYR A 47  1 ? 18 
HELX_P HELX_P3 3 LEU A 66 ? ASN A 73  ? LEU A 60 ASN A 67  1 ? 8  
HELX_P HELX_P4 4 ASN A 97 ? ALA A 109 ? ASN A 91 ALA A 103 1 ? 13 
# 
_struct_conf_type.id          HELX_P 
_struct_conf_type.criteria    ? 
_struct_conf_type.reference   ? 
# 
loop_
_struct_conn.id 
_struct_conn.conn_type_id 
_struct_conn.pdbx_leaving_atom_flag 
_struct_conn.pdbx_PDB_id 
_struct_conn.ptnr1_label_asym_id 
_struct_conn.ptnr1_label_comp_id 
_struct_conn.ptnr1_label_seq_id 
_struct_conn.ptnr1_label_atom_id 
_struct_conn.pdbx_ptnr1_label_alt_id 
_struct_conn.pdbx_ptnr1_PDB_ins_code 
_struct_conn.pdbx_ptnr1_standard_comp_id 
_struct_conn.ptnr1_symmetry 
_struct_conn.ptnr2_label_asym_id 
_struct_conn.ptnr2_label_comp_id 
_struct_conn.ptnr2_label_seq_id 
_struct_conn.ptnr2_label_atom_id 
_struct_conn.pdbx_ptnr2_label_alt_id 
_struct_conn.pdbx_ptnr2_PDB_ins_code 
_struct_conn.ptnr1_auth_asym_id 
_struct_conn.ptnr1_auth_comp_id 
_struct_conn.ptnr1_auth_seq_id 
_struct_conn.ptnr2_auth_asym_id 
_struct_conn.ptnr2_auth_comp_id 
_struct_conn.ptnr2_auth_seq_id 
_struct_conn.ptnr2_symmetry 
_struct_conn.pdbx_ptnr3_label_atom_id 
_struct_conn.pdbx_ptnr3_label_seq_id 
_struct_conn.pdbx_ptnr3_label_comp_id 
_struct_conn.pdbx_ptnr3_label_asym_id 
_struct_conn.pdbx_ptnr3_label_alt_id 
_struct_conn.pdbx_ptnr3_PDB_ins_code 
_struct_conn.details 
_struct_conn.pdbx_dist_value 
_struct_conn.pdbx_value_order 
_struct_conn.pdbx_role 
disulf1 disulf ? ? A CYS 36 SG  ? ? ? 1_555 A CYS 39 SG ? ? A CYS 30  A CYS 33  1_555 ? ? ? ? ? ? ? 2.052 ? ? 
metalc1 metalc ? ? A HIS 1  ND1 ? ? ? 1_555 D ZN  .  ZN ? ? A HIS -5  A ZN  106 1_555 ? ? ? ? ? ? ? 2.359 ? ? 
metalc2 metalc ? ? A HIS 2  NE2 ? ? ? 1_555 B ZN  .  ZN ? ? A HIS -4  A ZN  104 1_555 ? ? ? ? ? ? ? 1.873 ? ? 
metalc3 metalc ? ? A HIS 3  NE2 ? ? ? 1_555 D ZN  .  ZN ? ? A HIS -3  A ZN  106 1_555 ? ? ? ? ? ? ? 2.059 ? ? 
metalc4 metalc ? ? A HIS 4  NE2 ? ? ? 1_555 C ZN  .  ZN ? ? A HIS -2  A ZN  105 1_555 ? ? ? ? ? ? ? 2.037 ? ? 
metalc5 metalc ? ? A HIS 5  ND1 ? ? ? 1_555 B ZN  .  ZN ? ? A HIS -1  A ZN  104 1_555 ? ? ? ? ? ? ? 2.097 ? ? 
metalc6 metalc ? ? A HIS 6  NE2 ? ? ? 1_555 C ZN  .  ZN ? ? A HIS 0   A ZN  105 1_555 ? ? ? ? ? ? ? 1.983 ? ? 
metalc7 metalc ? ? A GLU 51 OE2 ? ? ? 1_555 B ZN  .  ZN ? ? A GLU 45  A ZN  104 1_555 ? ? ? ? ? ? ? 2.008 ? ? 
metalc8 metalc ? ? C ZN  .  ZN  ? ? ? 1_555 E HOH .  O  ? ? A ZN  105 A HOH 136 1_555 ? ? ? ? ? ? ? 2.209 ? ? 
metalc9 metalc ? ? D ZN  .  ZN  ? ? ? 1_555 E HOH .  O  ? ? A ZN  106 A HOH 181 1_555 ? ? ? ? ? ? ? 2.278 ? ? 
# 
loop_
_struct_conn_type.id 
_struct_conn_type.criteria 
_struct_conn_type.reference 
disulf ? ? 
metalc ? ? 
# 
loop_
_pdbx_struct_conn_angle.id 
_pdbx_struct_conn_angle.ptnr1_label_atom_id 
_pdbx_struct_conn_angle.ptnr1_label_alt_id 
_pdbx_struct_conn_angle.ptnr1_label_asym_id 
_pdbx_struct_conn_angle.ptnr1_label_comp_id 
_pdbx_struct_conn_angle.ptnr1_label_seq_id 
_pdbx_struct_conn_angle.ptnr1_auth_atom_id 
_pdbx_struct_conn_angle.ptnr1_auth_asym_id 
_pdbx_struct_conn_angle.ptnr1_auth_comp_id 
_pdbx_struct_conn_angle.ptnr1_auth_seq_id 
_pdbx_struct_conn_angle.ptnr1_PDB_ins_code 
_pdbx_struct_conn_angle.ptnr1_symmetry 
_pdbx_struct_conn_angle.ptnr2_label_atom_id 
_pdbx_struct_conn_angle.ptnr2_label_alt_id 
_pdbx_struct_conn_angle.ptnr2_label_asym_id 
_pdbx_struct_conn_angle.ptnr2_label_comp_id 
_pdbx_struct_conn_angle.ptnr2_label_seq_id 
_pdbx_struct_conn_angle.ptnr2_auth_atom_id 
_pdbx_struct_conn_angle.ptnr2_auth_asym_id 
_pdbx_struct_conn_angle.ptnr2_auth_comp_id 
_pdbx_struct_conn_angle.ptnr2_auth_seq_id 
_pdbx_struct_conn_angle.ptnr2_PDB_ins_code 
_pdbx_struct_conn_angle.ptnr2_symmetry 
_pdbx_struct_conn_angle.ptnr3_label_atom_id 
_pdbx_struct_conn_angle.ptnr3_label_alt_id 
_pdbx_struct_conn_angle.ptnr3_label_asym_id 
_pdbx_struct_conn_angle.ptnr3_label_comp_id 
_pdbx_struct_conn_angle.ptnr3_label_seq_id 
_pdbx_struct_conn_angle.ptnr3_auth_atom_id 
_pdbx_struct_conn_angle.ptnr3_auth_asym_id 
_pdbx_struct_conn_angle.ptnr3_auth_comp_id 
_pdbx_struct_conn_angle.ptnr3_auth_seq_id 
_pdbx_struct_conn_angle.ptnr3_PDB_ins_code 
_pdbx_struct_conn_angle.ptnr3_symmetry 
_pdbx_struct_conn_angle.value 
_pdbx_struct_conn_angle.value_esd 
1 ND1 ? A HIS 1 ? A HIS -5 ? 1_555 ZN ? D ZN . ? A ZN 106 ? 1_555 NE2 ? A HIS 3  ? A HIS -3  ? 1_555 102.9 ? 
2 ND1 ? A HIS 1 ? A HIS -5 ? 1_555 ZN ? D ZN . ? A ZN 106 ? 1_555 O   ? E HOH .  ? A HOH 181 ? 1_555 121.6 ? 
3 NE2 ? A HIS 3 ? A HIS -3 ? 1_555 ZN ? D ZN . ? A ZN 106 ? 1_555 O   ? E HOH .  ? A HOH 181 ? 1_555 114.5 ? 
4 NE2 ? A HIS 2 ? A HIS -4 ? 1_555 ZN ? B ZN . ? A ZN 104 ? 1_555 ND1 ? A HIS 5  ? A HIS -1  ? 1_555 113.7 ? 
5 NE2 ? A HIS 2 ? A HIS -4 ? 1_555 ZN ? B ZN . ? A ZN 104 ? 1_555 OE2 ? A GLU 51 ? A GLU 45  ? 1_555 113.4 ? 
6 ND1 ? A HIS 5 ? A HIS -1 ? 1_555 ZN ? B ZN . ? A ZN 104 ? 1_555 OE2 ? A GLU 51 ? A GLU 45  ? 1_555 108.9 ? 
7 NE2 ? A HIS 4 ? A HIS -2 ? 1_555 ZN ? C ZN . ? A ZN 105 ? 1_555 NE2 ? A HIS 6  ? A HIS 0   ? 1_555 107.8 ? 
8 NE2 ? A HIS 4 ? A HIS -2 ? 1_555 ZN ? C ZN . ? A ZN 105 ? 1_555 O   ? E HOH .  ? A HOH 136 ? 1_555 107.6 ? 
9 NE2 ? A HIS 6 ? A HIS 0  ? 1_555 ZN ? C ZN . ? A ZN 105 ? 1_555 O   ? E HOH .  ? A HOH 136 ? 1_555 107.1 ? 
# 
_pdbx_modification_feature.ordinal                            1 
_pdbx_modification_feature.label_comp_id                      CYS 
_pdbx_modification_feature.label_asym_id                      A 
_pdbx_modification_feature.label_seq_id                       36 
_pdbx_modification_feature.label_alt_id                       ? 
_pdbx_modification_feature.modified_residue_label_comp_id     CYS 
_pdbx_modification_feature.modified_residue_label_asym_id     A 
_pdbx_modification_feature.modified_residue_label_seq_id      39 
_pdbx_modification_feature.modified_residue_label_alt_id      ? 
_pdbx_modification_feature.auth_comp_id                       CYS 
_pdbx_modification_feature.auth_asym_id                       A 
_pdbx_modification_feature.auth_seq_id                        30 
_pdbx_modification_feature.PDB_ins_code                       ? 
_pdbx_modification_feature.symmetry                           1_555 
_pdbx_modification_feature.modified_residue_auth_comp_id      CYS 
_pdbx_modification_feature.modified_residue_auth_asym_id      A 
_pdbx_modification_feature.modified_residue_auth_seq_id       33 
_pdbx_modification_feature.modified_residue_PDB_ins_code      ? 
_pdbx_modification_feature.modified_residue_symmetry          1_555 
_pdbx_modification_feature.comp_id_linking_atom               SG 
_pdbx_modification_feature.modified_residue_id_linking_atom   SG 
_pdbx_modification_feature.modified_residue_id                . 
_pdbx_modification_feature.ref_pcm_id                         . 
_pdbx_modification_feature.ref_comp_id                        . 
_pdbx_modification_feature.type                               None 
_pdbx_modification_feature.category                           'Disulfide bridge' 
# 
_struct_mon_prot_cis.pdbx_id                1 
_struct_mon_prot_cis.label_comp_id          MET 
_struct_mon_prot_cis.label_seq_id           78 
_struct_mon_prot_cis.label_asym_id          A 
_struct_mon_prot_cis.label_alt_id           . 
_struct_mon_prot_cis.pdbx_PDB_ins_code      ? 
_struct_mon_prot_cis.auth_comp_id           MET 
_struct_mon_prot_cis.auth_seq_id            72 
_struct_mon_prot_cis.auth_asym_id           A 
_struct_mon_prot_cis.pdbx_label_comp_id_2   PRO 
_struct_mon_prot_cis.pdbx_label_seq_id_2    79 
_struct_mon_prot_cis.pdbx_label_asym_id_2   A 
_struct_mon_prot_cis.pdbx_PDB_ins_code_2    ? 
_struct_mon_prot_cis.pdbx_auth_comp_id_2    PRO 
_struct_mon_prot_cis.pdbx_auth_seq_id_2     73 
_struct_mon_prot_cis.pdbx_auth_asym_id_2    A 
_struct_mon_prot_cis.pdbx_PDB_model_num     1 
_struct_mon_prot_cis.pdbx_omega_angle       -2.46 
# 
_struct_sheet.id               A 
_struct_sheet.type             ? 
_struct_sheet.number_strands   5 
_struct_sheet.details          ? 
# 
loop_
_struct_sheet_order.sheet_id 
_struct_sheet_order.range_id_1 
_struct_sheet_order.range_id_2 
_struct_sheet_order.offset 
_struct_sheet_order.sense 
A 1 2 ? parallel      
A 2 3 ? parallel      
A 3 4 ? anti-parallel 
A 4 5 ? anti-parallel 
# 
loop_
_struct_sheet_range.sheet_id 
_struct_sheet_range.id 
_struct_sheet_range.beg_label_comp_id 
_struct_sheet_range.beg_label_asym_id 
_struct_sheet_range.beg_label_seq_id 
_struct_sheet_range.pdbx_beg_PDB_ins_code 
_struct_sheet_range.end_label_comp_id 
_struct_sheet_range.end_label_asym_id 
_struct_sheet_range.end_label_seq_id 
_struct_sheet_range.pdbx_end_PDB_ins_code 
_struct_sheet_range.beg_auth_comp_id 
_struct_sheet_range.beg_auth_asym_id 
_struct_sheet_range.beg_auth_seq_id 
_struct_sheet_range.end_auth_comp_id 
_struct_sheet_range.end_auth_asym_id 
_struct_sheet_range.end_auth_seq_id 
A 1 THR A 9  ? GLN A 10 ? THR A 3  GLN A 4  
A 2 ASP A 57 ? ASP A 62 ? ASP A 51 ASP A 56 
A 3 VAL A 27 ? TYR A 32 ? VAL A 21 TYR A 26 
A 4 THR A 80 ? LYS A 85 ? THR A 74 LYS A 79 
A 5 LYS A 88 ? VAL A 94 ? LYS A 82 VAL A 88 
# 
loop_
_pdbx_struct_sheet_hbond.sheet_id 
_pdbx_struct_sheet_hbond.range_id_1 
_pdbx_struct_sheet_hbond.range_id_2 
_pdbx_struct_sheet_hbond.range_1_label_atom_id 
_pdbx_struct_sheet_hbond.range_1_label_comp_id 
_pdbx_struct_sheet_hbond.range_1_label_asym_id 
_pdbx_struct_sheet_hbond.range_1_label_seq_id 
_pdbx_struct_sheet_hbond.range_1_PDB_ins_code 
_pdbx_struct_sheet_hbond.range_1_auth_atom_id 
_pdbx_struct_sheet_hbond.range_1_auth_comp_id 
_pdbx_struct_sheet_hbond.range_1_auth_asym_id 
_pdbx_struct_sheet_hbond.range_1_auth_seq_id 
_pdbx_struct_sheet_hbond.range_2_label_atom_id 
_pdbx_struct_sheet_hbond.range_2_label_comp_id 
_pdbx_struct_sheet_hbond.range_2_label_asym_id 
_pdbx_struct_sheet_hbond.range_2_label_seq_id 
_pdbx_struct_sheet_hbond.range_2_PDB_ins_code 
_pdbx_struct_sheet_hbond.range_2_auth_atom_id 
_pdbx_struct_sheet_hbond.range_2_auth_comp_id 
_pdbx_struct_sheet_hbond.range_2_auth_asym_id 
_pdbx_struct_sheet_hbond.range_2_auth_seq_id 
A 1 2 N THR A 9  ? N THR A 3  O LYS A 60 ? O LYS A 54 
A 2 3 O ASP A 57 ? O ASP A 51 N VAL A 28 ? N VAL A 22 
A 3 4 N PHE A 31 ? N PHE A 25 O THR A 80 ? O THR A 74 
A 4 5 N LEU A 83 ? N LEU A 77 O VAL A 90 ? O VAL A 84 
# 
loop_
_struct_site.id 
_struct_site.pdbx_evidence_code 
_struct_site.pdbx_auth_asym_id 
_struct_site.pdbx_auth_comp_id 
_struct_site.pdbx_auth_seq_id 
_struct_site.pdbx_auth_ins_code 
_struct_site.pdbx_num_residues 
_struct_site.details 
AC1 Software A ZN 104 ? 4 'BINDING SITE FOR RESIDUE ZN A 104' 
AC2 Software A ZN 105 ? 4 'BINDING SITE FOR RESIDUE ZN A 105' 
AC3 Software A ZN 106 ? 4 'BINDING SITE FOR RESIDUE ZN A 106' 
# 
loop_
_struct_site_gen.id 
_struct_site_gen.site_id 
_struct_site_gen.pdbx_num_res 
_struct_site_gen.label_comp_id 
_struct_site_gen.label_asym_id 
_struct_site_gen.label_seq_id 
_struct_site_gen.pdbx_auth_ins_code 
_struct_site_gen.auth_comp_id 
_struct_site_gen.auth_asym_id 
_struct_site_gen.auth_seq_id 
_struct_site_gen.label_atom_id 
_struct_site_gen.label_alt_id 
_struct_site_gen.symmetry 
_struct_site_gen.details 
1  AC1 4 HIS A 5  ? HIS A -1  . ? 1_555 ? 
2  AC1 4 HIS A 2  ? HIS A -4  . ? 1_555 ? 
3  AC1 4 GLU A 51 ? GLU A 45  . ? 1_555 ? 
4  AC1 4 HOH E .  ? HOH A 158 . ? 4_555 ? 
5  AC2 4 HIS A 4  ? HIS A -2  . ? 1_555 ? 
6  AC2 4 HIS A 6  ? HIS A 0   . ? 1_555 ? 
7  AC2 4 GLU A 74 ? GLU A 68  . ? 2_554 ? 
8  AC2 4 HOH E .  ? HOH A 136 . ? 1_555 ? 
9  AC3 4 HIS A 1  ? HIS A -5  . ? 1_555 ? 
10 AC3 4 HIS A 3  ? HIS A -3  . ? 1_555 ? 
11 AC3 4 ASP A 18 ? ASP A 12  . ? 2_554 ? 
12 AC3 4 HOH E .  ? HOH A 181 . ? 1_555 ? 
# 
_pdbx_entry_details.entry_id                   3F3Q 
_pdbx_entry_details.compound_details           ? 
_pdbx_entry_details.source_details             ? 
_pdbx_entry_details.nonpolymer_details         ? 
_pdbx_entry_details.sequence_details           ? 
_pdbx_entry_details.has_ligand_of_interest     ? 
_pdbx_entry_details.has_protein_modification   Y 
# 
loop_
_pdbx_validate_torsion.id 
_pdbx_validate_torsion.PDB_model_num 
_pdbx_validate_torsion.auth_comp_id 
_pdbx_validate_torsion.auth_asym_id 
_pdbx_validate_torsion.auth_seq_id 
_pdbx_validate_torsion.PDB_ins_code 
_pdbx_validate_torsion.label_alt_id 
_pdbx_validate_torsion.phi 
_pdbx_validate_torsion.psi 
1 1 SER A 70 ? ? -126.58 -59.80 
2 1 ALA A 90 ? ? -104.05 49.35  
# 
loop_
_chem_comp_atom.comp_id 
_chem_comp_atom.atom_id 
_chem_comp_atom.type_symbol 
_chem_comp_atom.pdbx_aromatic_flag 
_chem_comp_atom.pdbx_stereo_config 
_chem_comp_atom.pdbx_ordinal 
ALA N    N  N N 1   
ALA CA   C  N S 2   
ALA C    C  N N 3   
ALA O    O  N N 4   
ALA CB   C  N N 5   
ALA OXT  O  N N 6   
ALA H    H  N N 7   
ALA H2   H  N N 8   
ALA HA   H  N N 9   
ALA HB1  H  N N 10  
ALA HB2  H  N N 11  
ALA HB3  H  N N 12  
ALA HXT  H  N N 13  
ASN N    N  N N 14  
ASN CA   C  N S 15  
ASN C    C  N N 16  
ASN O    O  N N 17  
ASN CB   C  N N 18  
ASN CG   C  N N 19  
ASN OD1  O  N N 20  
ASN ND2  N  N N 21  
ASN OXT  O  N N 22  
ASN H    H  N N 23  
ASN H2   H  N N 24  
ASN HA   H  N N 25  
ASN HB2  H  N N 26  
ASN HB3  H  N N 27  
ASN HD21 H  N N 28  
ASN HD22 H  N N 29  
ASN HXT  H  N N 30  
ASP N    N  N N 31  
ASP CA   C  N S 32  
ASP C    C  N N 33  
ASP O    O  N N 34  
ASP CB   C  N N 35  
ASP CG   C  N N 36  
ASP OD1  O  N N 37  
ASP OD2  O  N N 38  
ASP OXT  O  N N 39  
ASP H    H  N N 40  
ASP H2   H  N N 41  
ASP HA   H  N N 42  
ASP HB2  H  N N 43  
ASP HB3  H  N N 44  
ASP HD2  H  N N 45  
ASP HXT  H  N N 46  
CYS N    N  N N 47  
CYS CA   C  N R 48  
CYS C    C  N N 49  
CYS O    O  N N 50  
CYS CB   C  N N 51  
CYS SG   S  N N 52  
CYS OXT  O  N N 53  
CYS H    H  N N 54  
CYS H2   H  N N 55  
CYS HA   H  N N 56  
CYS HB2  H  N N 57  
CYS HB3  H  N N 58  
CYS HG   H  N N 59  
CYS HXT  H  N N 60  
GLN N    N  N N 61  
GLN CA   C  N S 62  
GLN C    C  N N 63  
GLN O    O  N N 64  
GLN CB   C  N N 65  
GLN CG   C  N N 66  
GLN CD   C  N N 67  
GLN OE1  O  N N 68  
GLN NE2  N  N N 69  
GLN OXT  O  N N 70  
GLN H    H  N N 71  
GLN H2   H  N N 72  
GLN HA   H  N N 73  
GLN HB2  H  N N 74  
GLN HB3  H  N N 75  
GLN HG2  H  N N 76  
GLN HG3  H  N N 77  
GLN HE21 H  N N 78  
GLN HE22 H  N N 79  
GLN HXT  H  N N 80  
GLU N    N  N N 81  
GLU CA   C  N S 82  
GLU C    C  N N 83  
GLU O    O  N N 84  
GLU CB   C  N N 85  
GLU CG   C  N N 86  
GLU CD   C  N N 87  
GLU OE1  O  N N 88  
GLU OE2  O  N N 89  
GLU OXT  O  N N 90  
GLU H    H  N N 91  
GLU H2   H  N N 92  
GLU HA   H  N N 93  
GLU HB2  H  N N 94  
GLU HB3  H  N N 95  
GLU HG2  H  N N 96  
GLU HG3  H  N N 97  
GLU HE2  H  N N 98  
GLU HXT  H  N N 99  
GLY N    N  N N 100 
GLY CA   C  N N 101 
GLY C    C  N N 102 
GLY O    O  N N 103 
GLY OXT  O  N N 104 
GLY H    H  N N 105 
GLY H2   H  N N 106 
GLY HA2  H  N N 107 
GLY HA3  H  N N 108 
GLY HXT  H  N N 109 
HIS N    N  N N 110 
HIS CA   C  N S 111 
HIS C    C  N N 112 
HIS O    O  N N 113 
HIS CB   C  N N 114 
HIS CG   C  Y N 115 
HIS ND1  N  Y N 116 
HIS CD2  C  Y N 117 
HIS CE1  C  Y N 118 
HIS NE2  N  Y N 119 
HIS OXT  O  N N 120 
HIS H    H  N N 121 
HIS H2   H  N N 122 
HIS HA   H  N N 123 
HIS HB2  H  N N 124 
HIS HB3  H  N N 125 
HIS HD1  H  N N 126 
HIS HD2  H  N N 127 
HIS HE1  H  N N 128 
HIS HE2  H  N N 129 
HIS HXT  H  N N 130 
HOH O    O  N N 131 
HOH H1   H  N N 132 
HOH H2   H  N N 133 
ILE N    N  N N 134 
ILE CA   C  N S 135 
ILE C    C  N N 136 
ILE O    O  N N 137 
ILE CB   C  N S 138 
ILE CG1  C  N N 139 
ILE CG2  C  N N 140 
ILE CD1  C  N N 141 
ILE OXT  O  N N 142 
ILE H    H  N N 143 
ILE H2   H  N N 144 
ILE HA   H  N N 145 
ILE HB   H  N N 146 
ILE HG12 H  N N 147 
ILE HG13 H  N N 148 
ILE HG21 H  N N 149 
ILE HG22 H  N N 150 
ILE HG23 H  N N 151 
ILE HD11 H  N N 152 
ILE HD12 H  N N 153 
ILE HD13 H  N N 154 
ILE HXT  H  N N 155 
LEU N    N  N N 156 
LEU CA   C  N S 157 
LEU C    C  N N 158 
LEU O    O  N N 159 
LEU CB   C  N N 160 
LEU CG   C  N N 161 
LEU CD1  C  N N 162 
LEU CD2  C  N N 163 
LEU OXT  O  N N 164 
LEU H    H  N N 165 
LEU H2   H  N N 166 
LEU HA   H  N N 167 
LEU HB2  H  N N 168 
LEU HB3  H  N N 169 
LEU HG   H  N N 170 
LEU HD11 H  N N 171 
LEU HD12 H  N N 172 
LEU HD13 H  N N 173 
LEU HD21 H  N N 174 
LEU HD22 H  N N 175 
LEU HD23 H  N N 176 
LEU HXT  H  N N 177 
LYS N    N  N N 178 
LYS CA   C  N S 179 
LYS C    C  N N 180 
LYS O    O  N N 181 
LYS CB   C  N N 182 
LYS CG   C  N N 183 
LYS CD   C  N N 184 
LYS CE   C  N N 185 
LYS NZ   N  N N 186 
LYS OXT  O  N N 187 
LYS H    H  N N 188 
LYS H2   H  N N 189 
LYS HA   H  N N 190 
LYS HB2  H  N N 191 
LYS HB3  H  N N 192 
LYS HG2  H  N N 193 
LYS HG3  H  N N 194 
LYS HD2  H  N N 195 
LYS HD3  H  N N 196 
LYS HE2  H  N N 197 
LYS HE3  H  N N 198 
LYS HZ1  H  N N 199 
LYS HZ2  H  N N 200 
LYS HZ3  H  N N 201 
LYS HXT  H  N N 202 
MET N    N  N N 203 
MET CA   C  N S 204 
MET C    C  N N 205 
MET O    O  N N 206 
MET CB   C  N N 207 
MET CG   C  N N 208 
MET SD   S  N N 209 
MET CE   C  N N 210 
MET OXT  O  N N 211 
MET H    H  N N 212 
MET H2   H  N N 213 
MET HA   H  N N 214 
MET HB2  H  N N 215 
MET HB3  H  N N 216 
MET HG2  H  N N 217 
MET HG3  H  N N 218 
MET HE1  H  N N 219 
MET HE2  H  N N 220 
MET HE3  H  N N 221 
MET HXT  H  N N 222 
PHE N    N  N N 223 
PHE CA   C  N S 224 
PHE C    C  N N 225 
PHE O    O  N N 226 
PHE CB   C  N N 227 
PHE CG   C  Y N 228 
PHE CD1  C  Y N 229 
PHE CD2  C  Y N 230 
PHE CE1  C  Y N 231 
PHE CE2  C  Y N 232 
PHE CZ   C  Y N 233 
PHE OXT  O  N N 234 
PHE H    H  N N 235 
PHE H2   H  N N 236 
PHE HA   H  N N 237 
PHE HB2  H  N N 238 
PHE HB3  H  N N 239 
PHE HD1  H  N N 240 
PHE HD2  H  N N 241 
PHE HE1  H  N N 242 
PHE HE2  H  N N 243 
PHE HZ   H  N N 244 
PHE HXT  H  N N 245 
PRO N    N  N N 246 
PRO CA   C  N S 247 
PRO C    C  N N 248 
PRO O    O  N N 249 
PRO CB   C  N N 250 
PRO CG   C  N N 251 
PRO CD   C  N N 252 
PRO OXT  O  N N 253 
PRO H    H  N N 254 
PRO HA   H  N N 255 
PRO HB2  H  N N 256 
PRO HB3  H  N N 257 
PRO HG2  H  N N 258 
PRO HG3  H  N N 259 
PRO HD2  H  N N 260 
PRO HD3  H  N N 261 
PRO HXT  H  N N 262 
SER N    N  N N 263 
SER CA   C  N S 264 
SER C    C  N N 265 
SER O    O  N N 266 
SER CB   C  N N 267 
SER OG   O  N N 268 
SER OXT  O  N N 269 
SER H    H  N N 270 
SER H2   H  N N 271 
SER HA   H  N N 272 
SER HB2  H  N N 273 
SER HB3  H  N N 274 
SER HG   H  N N 275 
SER HXT  H  N N 276 
THR N    N  N N 277 
THR CA   C  N S 278 
THR C    C  N N 279 
THR O    O  N N 280 
THR CB   C  N R 281 
THR OG1  O  N N 282 
THR CG2  C  N N 283 
THR OXT  O  N N 284 
THR H    H  N N 285 
THR H2   H  N N 286 
THR HA   H  N N 287 
THR HB   H  N N 288 
THR HG1  H  N N 289 
THR HG21 H  N N 290 
THR HG22 H  N N 291 
THR HG23 H  N N 292 
THR HXT  H  N N 293 
TRP N    N  N N 294 
TRP CA   C  N S 295 
TRP C    C  N N 296 
TRP O    O  N N 297 
TRP CB   C  N N 298 
TRP CG   C  Y N 299 
TRP CD1  C  Y N 300 
TRP CD2  C  Y N 301 
TRP NE1  N  Y N 302 
TRP CE2  C  Y N 303 
TRP CE3  C  Y N 304 
TRP CZ2  C  Y N 305 
TRP CZ3  C  Y N 306 
TRP CH2  C  Y N 307 
TRP OXT  O  N N 308 
TRP H    H  N N 309 
TRP H2   H  N N 310 
TRP HA   H  N N 311 
TRP HB2  H  N N 312 
TRP HB3  H  N N 313 
TRP HD1  H  N N 314 
TRP HE1  H  N N 315 
TRP HE3  H  N N 316 
TRP HZ2  H  N N 317 
TRP HZ3  H  N N 318 
TRP HH2  H  N N 319 
TRP HXT  H  N N 320 
TYR N    N  N N 321 
TYR CA   C  N S 322 
TYR C    C  N N 323 
TYR O    O  N N 324 
TYR CB   C  N N 325 
TYR CG   C  Y N 326 
TYR CD1  C  Y N 327 
TYR CD2  C  Y N 328 
TYR CE1  C  Y N 329 
TYR CE2  C  Y N 330 
TYR CZ   C  Y N 331 
TYR OH   O  N N 332 
TYR OXT  O  N N 333 
TYR H    H  N N 334 
TYR H2   H  N N 335 
TYR HA   H  N N 336 
TYR HB2  H  N N 337 
TYR HB3  H  N N 338 
TYR HD1  H  N N 339 
TYR HD2  H  N N 340 
TYR HE1  H  N N 341 
TYR HE2  H  N N 342 
TYR HH   H  N N 343 
TYR HXT  H  N N 344 
VAL N    N  N N 345 
VAL CA   C  N S 346 
VAL C    C  N N 347 
VAL O    O  N N 348 
VAL CB   C  N N 349 
VAL CG1  C  N N 350 
VAL CG2  C  N N 351 
VAL OXT  O  N N 352 
VAL H    H  N N 353 
VAL H2   H  N N 354 
VAL HA   H  N N 355 
VAL HB   H  N N 356 
VAL HG11 H  N N 357 
VAL HG12 H  N N 358 
VAL HG13 H  N N 359 
VAL HG21 H  N N 360 
VAL HG22 H  N N 361 
VAL HG23 H  N N 362 
VAL HXT  H  N N 363 
ZN  ZN   ZN N N 364 
# 
loop_
_chem_comp_bond.comp_id 
_chem_comp_bond.atom_id_1 
_chem_comp_bond.atom_id_2 
_chem_comp_bond.value_order 
_chem_comp_bond.pdbx_aromatic_flag 
_chem_comp_bond.pdbx_stereo_config 
_chem_comp_bond.pdbx_ordinal 
ALA N   CA   sing N N 1   
ALA N   H    sing N N 2   
ALA N   H2   sing N N 3   
ALA CA  C    sing N N 4   
ALA CA  CB   sing N N 5   
ALA CA  HA   sing N N 6   
ALA C   O    doub N N 7   
ALA C   OXT  sing N N 8   
ALA CB  HB1  sing N N 9   
ALA CB  HB2  sing N N 10  
ALA CB  HB3  sing N N 11  
ALA OXT HXT  sing N N 12  
ASN N   CA   sing N N 13  
ASN N   H    sing N N 14  
ASN N   H2   sing N N 15  
ASN CA  C    sing N N 16  
ASN CA  CB   sing N N 17  
ASN CA  HA   sing N N 18  
ASN C   O    doub N N 19  
ASN C   OXT  sing N N 20  
ASN CB  CG   sing N N 21  
ASN CB  HB2  sing N N 22  
ASN CB  HB3  sing N N 23  
ASN CG  OD1  doub N N 24  
ASN CG  ND2  sing N N 25  
ASN ND2 HD21 sing N N 26  
ASN ND2 HD22 sing N N 27  
ASN OXT HXT  sing N N 28  
ASP N   CA   sing N N 29  
ASP N   H    sing N N 30  
ASP N   H2   sing N N 31  
ASP CA  C    sing N N 32  
ASP CA  CB   sing N N 33  
ASP CA  HA   sing N N 34  
ASP C   O    doub N N 35  
ASP C   OXT  sing N N 36  
ASP CB  CG   sing N N 37  
ASP CB  HB2  sing N N 38  
ASP CB  HB3  sing N N 39  
ASP CG  OD1  doub N N 40  
ASP CG  OD2  sing N N 41  
ASP OD2 HD2  sing N N 42  
ASP OXT HXT  sing N N 43  
CYS N   CA   sing N N 44  
CYS N   H    sing N N 45  
CYS N   H2   sing N N 46  
CYS CA  C    sing N N 47  
CYS CA  CB   sing N N 48  
CYS CA  HA   sing N N 49  
CYS C   O    doub N N 50  
CYS C   OXT  sing N N 51  
CYS CB  SG   sing N N 52  
CYS CB  HB2  sing N N 53  
CYS CB  HB3  sing N N 54  
CYS SG  HG   sing N N 55  
CYS OXT HXT  sing N N 56  
GLN N   CA   sing N N 57  
GLN N   H    sing N N 58  
GLN N   H2   sing N N 59  
GLN CA  C    sing N N 60  
GLN CA  CB   sing N N 61  
GLN CA  HA   sing N N 62  
GLN C   O    doub N N 63  
GLN C   OXT  sing N N 64  
GLN CB  CG   sing N N 65  
GLN CB  HB2  sing N N 66  
GLN CB  HB3  sing N N 67  
GLN CG  CD   sing N N 68  
GLN CG  HG2  sing N N 69  
GLN CG  HG3  sing N N 70  
GLN CD  OE1  doub N N 71  
GLN CD  NE2  sing N N 72  
GLN NE2 HE21 sing N N 73  
GLN NE2 HE22 sing N N 74  
GLN OXT HXT  sing N N 75  
GLU N   CA   sing N N 76  
GLU N   H    sing N N 77  
GLU N   H2   sing N N 78  
GLU CA  C    sing N N 79  
GLU CA  CB   sing N N 80  
GLU CA  HA   sing N N 81  
GLU C   O    doub N N 82  
GLU C   OXT  sing N N 83  
GLU CB  CG   sing N N 84  
GLU CB  HB2  sing N N 85  
GLU CB  HB3  sing N N 86  
GLU CG  CD   sing N N 87  
GLU CG  HG2  sing N N 88  
GLU CG  HG3  sing N N 89  
GLU CD  OE1  doub N N 90  
GLU CD  OE2  sing N N 91  
GLU OE2 HE2  sing N N 92  
GLU OXT HXT  sing N N 93  
GLY N   CA   sing N N 94  
GLY N   H    sing N N 95  
GLY N   H2   sing N N 96  
GLY CA  C    sing N N 97  
GLY CA  HA2  sing N N 98  
GLY CA  HA3  sing N N 99  
GLY C   O    doub N N 100 
GLY C   OXT  sing N N 101 
GLY OXT HXT  sing N N 102 
HIS N   CA   sing N N 103 
HIS N   H    sing N N 104 
HIS N   H2   sing N N 105 
HIS CA  C    sing N N 106 
HIS CA  CB   sing N N 107 
HIS CA  HA   sing N N 108 
HIS C   O    doub N N 109 
HIS C   OXT  sing N N 110 
HIS CB  CG   sing N N 111 
HIS CB  HB2  sing N N 112 
HIS CB  HB3  sing N N 113 
HIS CG  ND1  sing Y N 114 
HIS CG  CD2  doub Y N 115 
HIS ND1 CE1  doub Y N 116 
HIS ND1 HD1  sing N N 117 
HIS CD2 NE2  sing Y N 118 
HIS CD2 HD2  sing N N 119 
HIS CE1 NE2  sing Y N 120 
HIS CE1 HE1  sing N N 121 
HIS NE2 HE2  sing N N 122 
HIS OXT HXT  sing N N 123 
HOH O   H1   sing N N 124 
HOH O   H2   sing N N 125 
ILE N   CA   sing N N 126 
ILE N   H    sing N N 127 
ILE N   H2   sing N N 128 
ILE CA  C    sing N N 129 
ILE CA  CB   sing N N 130 
ILE CA  HA   sing N N 131 
ILE C   O    doub N N 132 
ILE C   OXT  sing N N 133 
ILE CB  CG1  sing N N 134 
ILE CB  CG2  sing N N 135 
ILE CB  HB   sing N N 136 
ILE CG1 CD1  sing N N 137 
ILE CG1 HG12 sing N N 138 
ILE CG1 HG13 sing N N 139 
ILE CG2 HG21 sing N N 140 
ILE CG2 HG22 sing N N 141 
ILE CG2 HG23 sing N N 142 
ILE CD1 HD11 sing N N 143 
ILE CD1 HD12 sing N N 144 
ILE CD1 HD13 sing N N 145 
ILE OXT HXT  sing N N 146 
LEU N   CA   sing N N 147 
LEU N   H    sing N N 148 
LEU N   H2   sing N N 149 
LEU CA  C    sing N N 150 
LEU CA  CB   sing N N 151 
LEU CA  HA   sing N N 152 
LEU C   O    doub N N 153 
LEU C   OXT  sing N N 154 
LEU CB  CG   sing N N 155 
LEU CB  HB2  sing N N 156 
LEU CB  HB3  sing N N 157 
LEU CG  CD1  sing N N 158 
LEU CG  CD2  sing N N 159 
LEU CG  HG   sing N N 160 
LEU CD1 HD11 sing N N 161 
LEU CD1 HD12 sing N N 162 
LEU CD1 HD13 sing N N 163 
LEU CD2 HD21 sing N N 164 
LEU CD2 HD22 sing N N 165 
LEU CD2 HD23 sing N N 166 
LEU OXT HXT  sing N N 167 
LYS N   CA   sing N N 168 
LYS N   H    sing N N 169 
LYS N   H2   sing N N 170 
LYS CA  C    sing N N 171 
LYS CA  CB   sing N N 172 
LYS CA  HA   sing N N 173 
LYS C   O    doub N N 174 
LYS C   OXT  sing N N 175 
LYS CB  CG   sing N N 176 
LYS CB  HB2  sing N N 177 
LYS CB  HB3  sing N N 178 
LYS CG  CD   sing N N 179 
LYS CG  HG2  sing N N 180 
LYS CG  HG3  sing N N 181 
LYS CD  CE   sing N N 182 
LYS CD  HD2  sing N N 183 
LYS CD  HD3  sing N N 184 
LYS CE  NZ   sing N N 185 
LYS CE  HE2  sing N N 186 
LYS CE  HE3  sing N N 187 
LYS NZ  HZ1  sing N N 188 
LYS NZ  HZ2  sing N N 189 
LYS NZ  HZ3  sing N N 190 
LYS OXT HXT  sing N N 191 
MET N   CA   sing N N 192 
MET N   H    sing N N 193 
MET N   H2   sing N N 194 
MET CA  C    sing N N 195 
MET CA  CB   sing N N 196 
MET CA  HA   sing N N 197 
MET C   O    doub N N 198 
MET C   OXT  sing N N 199 
MET CB  CG   sing N N 200 
MET CB  HB2  sing N N 201 
MET CB  HB3  sing N N 202 
MET CG  SD   sing N N 203 
MET CG  HG2  sing N N 204 
MET CG  HG3  sing N N 205 
MET SD  CE   sing N N 206 
MET CE  HE1  sing N N 207 
MET CE  HE2  sing N N 208 
MET CE  HE3  sing N N 209 
MET OXT HXT  sing N N 210 
PHE N   CA   sing N N 211 
PHE N   H    sing N N 212 
PHE N   H2   sing N N 213 
PHE CA  C    sing N N 214 
PHE CA  CB   sing N N 215 
PHE CA  HA   sing N N 216 
PHE C   O    doub N N 217 
PHE C   OXT  sing N N 218 
PHE CB  CG   sing N N 219 
PHE CB  HB2  sing N N 220 
PHE CB  HB3  sing N N 221 
PHE CG  CD1  doub Y N 222 
PHE CG  CD2  sing Y N 223 
PHE CD1 CE1  sing Y N 224 
PHE CD1 HD1  sing N N 225 
PHE CD2 CE2  doub Y N 226 
PHE CD2 HD2  sing N N 227 
PHE CE1 CZ   doub Y N 228 
PHE CE1 HE1  sing N N 229 
PHE CE2 CZ   sing Y N 230 
PHE CE2 HE2  sing N N 231 
PHE CZ  HZ   sing N N 232 
PHE OXT HXT  sing N N 233 
PRO N   CA   sing N N 234 
PRO N   CD   sing N N 235 
PRO N   H    sing N N 236 
PRO CA  C    sing N N 237 
PRO CA  CB   sing N N 238 
PRO CA  HA   sing N N 239 
PRO C   O    doub N N 240 
PRO C   OXT  sing N N 241 
PRO CB  CG   sing N N 242 
PRO CB  HB2  sing N N 243 
PRO CB  HB3  sing N N 244 
PRO CG  CD   sing N N 245 
PRO CG  HG2  sing N N 246 
PRO CG  HG3  sing N N 247 
PRO CD  HD2  sing N N 248 
PRO CD  HD3  sing N N 249 
PRO OXT HXT  sing N N 250 
SER N   CA   sing N N 251 
SER N   H    sing N N 252 
SER N   H2   sing N N 253 
SER CA  C    sing N N 254 
SER CA  CB   sing N N 255 
SER CA  HA   sing N N 256 
SER C   O    doub N N 257 
SER C   OXT  sing N N 258 
SER CB  OG   sing N N 259 
SER CB  HB2  sing N N 260 
SER CB  HB3  sing N N 261 
SER OG  HG   sing N N 262 
SER OXT HXT  sing N N 263 
THR N   CA   sing N N 264 
THR N   H    sing N N 265 
THR N   H2   sing N N 266 
THR CA  C    sing N N 267 
THR CA  CB   sing N N 268 
THR CA  HA   sing N N 269 
THR C   O    doub N N 270 
THR C   OXT  sing N N 271 
THR CB  OG1  sing N N 272 
THR CB  CG2  sing N N 273 
THR CB  HB   sing N N 274 
THR OG1 HG1  sing N N 275 
THR CG2 HG21 sing N N 276 
THR CG2 HG22 sing N N 277 
THR CG2 HG23 sing N N 278 
THR OXT HXT  sing N N 279 
TRP N   CA   sing N N 280 
TRP N   H    sing N N 281 
TRP N   H2   sing N N 282 
TRP CA  C    sing N N 283 
TRP CA  CB   sing N N 284 
TRP CA  HA   sing N N 285 
TRP C   O    doub N N 286 
TRP C   OXT  sing N N 287 
TRP CB  CG   sing N N 288 
TRP CB  HB2  sing N N 289 
TRP CB  HB3  sing N N 290 
TRP CG  CD1  doub Y N 291 
TRP CG  CD2  sing Y N 292 
TRP CD1 NE1  sing Y N 293 
TRP CD1 HD1  sing N N 294 
TRP CD2 CE2  doub Y N 295 
TRP CD2 CE3  sing Y N 296 
TRP NE1 CE2  sing Y N 297 
TRP NE1 HE1  sing N N 298 
TRP CE2 CZ2  sing Y N 299 
TRP CE3 CZ3  doub Y N 300 
TRP CE3 HE3  sing N N 301 
TRP CZ2 CH2  doub Y N 302 
TRP CZ2 HZ2  sing N N 303 
TRP CZ3 CH2  sing Y N 304 
TRP CZ3 HZ3  sing N N 305 
TRP CH2 HH2  sing N N 306 
TRP OXT HXT  sing N N 307 
TYR N   CA   sing N N 308 
TYR N   H    sing N N 309 
TYR N   H2   sing N N 310 
TYR CA  C    sing N N 311 
TYR CA  CB   sing N N 312 
TYR CA  HA   sing N N 313 
TYR C   O    doub N N 314 
TYR C   OXT  sing N N 315 
TYR CB  CG   sing N N 316 
TYR CB  HB2  sing N N 317 
TYR CB  HB3  sing N N 318 
TYR CG  CD1  doub Y N 319 
TYR CG  CD2  sing Y N 320 
TYR CD1 CE1  sing Y N 321 
TYR CD1 HD1  sing N N 322 
TYR CD2 CE2  doub Y N 323 
TYR CD2 HD2  sing N N 324 
TYR CE1 CZ   doub Y N 325 
TYR CE1 HE1  sing N N 326 
TYR CE2 CZ   sing Y N 327 
TYR CE2 HE2  sing N N 328 
TYR CZ  OH   sing N N 329 
TYR OH  HH   sing N N 330 
TYR OXT HXT  sing N N 331 
VAL N   CA   sing N N 332 
VAL N   H    sing N N 333 
VAL N   H2   sing N N 334 
VAL CA  C    sing N N 335 
VAL CA  CB   sing N N 336 
VAL CA  HA   sing N N 337 
VAL C   O    doub N N 338 
VAL C   OXT  sing N N 339 
VAL CB  CG1  sing N N 340 
VAL CB  CG2  sing N N 341 
VAL CB  HB   sing N N 342 
VAL CG1 HG11 sing N N 343 
VAL CG1 HG12 sing N N 344 
VAL CG1 HG13 sing N N 345 
VAL CG2 HG21 sing N N 346 
VAL CG2 HG22 sing N N 347 
VAL CG2 HG23 sing N N 348 
VAL OXT HXT  sing N N 349 
# 
_pdbx_initial_refinement_model.id               1 
_pdbx_initial_refinement_model.entity_id_list   ? 
_pdbx_initial_refinement_model.type             'experimental model' 
_pdbx_initial_refinement_model.source_name      PDB 
_pdbx_initial_refinement_model.accession_code   2FA4 
_pdbx_initial_refinement_model.details          'PDB ENTRY 2FA4' 
# 
_atom_sites.entry_id                    3F3Q 
_atom_sites.fract_transf_matrix[1][1]   -0.02496507 
_atom_sites.fract_transf_matrix[1][2]   -0.00659769 
_atom_sites.fract_transf_matrix[1][3]   0.01709301 
_atom_sites.fract_transf_matrix[2][1]   -0.00780239 
_atom_sites.fract_transf_matrix[2][2]   0.01962859 
_atom_sites.fract_transf_matrix[2][3]   -0.00381932 
_atom_sites.fract_transf_matrix[3][1]   -0.00727153 
_atom_sites.fract_transf_matrix[3][2]   -0.00535948 
_atom_sites.fract_transf_matrix[3][3]   -0.01268907 
_atom_sites.fract_transf_vector[1]      0.344172 
_atom_sites.fract_transf_vector[2]      0.096905 
_atom_sites.fract_transf_vector[3]      0.137016 
# 
loop_
_atom_type.symbol 
C  
N  
O  
S  
ZN 
# 
loop_
_atom_site.group_PDB 
_atom_site.id 
_atom_site.type_symbol 
_atom_site.label_atom_id 
_atom_site.label_alt_id 
_atom_site.label_comp_id 
_atom_site.label_asym_id 
_atom_site.label_entity_id 
_atom_site.label_seq_id 
_atom_site.pdbx_PDB_ins_code 
_atom_site.Cartn_x 
_atom_site.Cartn_y 
_atom_site.Cartn_z 
_atom_site.occupancy 
_atom_site.B_iso_or_equiv 
_atom_site.pdbx_formal_charge 
_atom_site.auth_seq_id 
_atom_site.auth_comp_id 
_atom_site.auth_asym_id 
_atom_site.auth_atom_id 
_atom_site.pdbx_PDB_model_num 
ATOM   1   N  N   . HIS A 1 1   ? 4.684   -1.044  24.685  1.00 35.00 ? -5  HIS A N   1 
ATOM   2   C  CA  . HIS A 1 1   ? 6.098   -0.744  24.241  1.00 35.49 ? -5  HIS A CA  1 
ATOM   3   C  C   . HIS A 1 1   ? 6.207   0.001   22.902  1.00 33.62 ? -5  HIS A C   1 
ATOM   4   O  O   . HIS A 1 1   ? 7.013   -0.365  22.018  1.00 34.90 ? -5  HIS A O   1 
ATOM   5   C  CB  . HIS A 1 1   ? 6.927   -2.030  24.211  1.00 36.54 ? -5  HIS A CB  1 
ATOM   6   C  CG  . HIS A 1 1   ? 6.938   -2.750  25.522  1.00 39.55 ? -5  HIS A CG  1 
ATOM   7   N  ND1 . HIS A 1 1   ? 7.555   -2.233  26.643  1.00 41.96 ? -5  HIS A ND1 1 
ATOM   8   C  CD2 . HIS A 1 1   ? 6.362   -3.915  25.910  1.00 42.22 ? -5  HIS A CD2 1 
ATOM   9   C  CE1 . HIS A 1 1   ? 7.401   -3.076  27.652  1.00 43.10 ? -5  HIS A CE1 1 
ATOM   10  N  NE2 . HIS A 1 1   ? 6.677   -4.101  27.236  1.00 42.05 ? -5  HIS A NE2 1 
ATOM   11  N  N   . HIS A 1 2   ? 5.438   1.070   22.770  1.00 31.01 ? -4  HIS A N   1 
ATOM   12  C  CA  . HIS A 1 2   ? 5.417   1.867   21.535  1.00 28.00 ? -4  HIS A CA  1 
ATOM   13  C  C   . HIS A 1 2   ? 6.548   2.881   21.559  1.00 26.64 ? -4  HIS A C   1 
ATOM   14  O  O   . HIS A 1 2   ? 6.313   4.111   21.689  1.00 25.96 ? -4  HIS A O   1 
ATOM   15  C  CB  . HIS A 1 2   ? 4.098   2.639   21.433  1.00 28.03 ? -4  HIS A CB  1 
ATOM   16  C  CG  . HIS A 1 2   ? 3.644   2.857   20.026  1.00 27.01 ? -4  HIS A CG  1 
ATOM   17  N  ND1 . HIS A 1 2   ? 2.776   1.993   19.398  1.00 26.84 ? -4  HIS A ND1 1 
ATOM   18  C  CD2 . HIS A 1 2   ? 3.941   3.824   19.121  1.00 25.18 ? -4  HIS A CD2 1 
ATOM   19  C  CE1 . HIS A 1 2   ? 2.557   2.414   18.163  1.00 25.67 ? -4  HIS A CE1 1 
ATOM   20  N  NE2 . HIS A 1 2   ? 3.267   3.515   17.960  1.00 21.25 ? -4  HIS A NE2 1 
ATOM   21  N  N   . HIS A 1 3   ? 7.774   2.384   21.482  1.00 23.82 ? -3  HIS A N   1 
ATOM   22  C  CA  . HIS A 1 3   ? 8.943   3.255   21.680  1.00 22.57 ? -3  HIS A CA  1 
ATOM   23  C  C   . HIS A 1 3   ? 9.383   3.942   20.398  1.00 22.10 ? -3  HIS A C   1 
ATOM   24  O  O   . HIS A 1 3   ? 10.287  4.799   20.424  1.00 21.09 ? -3  HIS A O   1 
ATOM   25  C  CB  . HIS A 1 3   ? 10.083  2.406   22.199  1.00 23.20 ? -3  HIS A CB  1 
ATOM   26  C  CG  . HIS A 1 3   ? 9.735   1.666   23.456  1.00 23.38 ? -3  HIS A CG  1 
ATOM   27  N  ND1 . HIS A 1 3   ? 9.153   2.294   24.532  1.00 27.02 ? -3  HIS A ND1 1 
ATOM   28  C  CD2 . HIS A 1 3   ? 9.914   0.376   23.821  1.00 25.01 ? -3  HIS A CD2 1 
ATOM   29  C  CE1 . HIS A 1 3   ? 8.983   1.425   25.511  1.00 25.01 ? -3  HIS A CE1 1 
ATOM   30  N  NE2 . HIS A 1 3   ? 9.407   0.246   25.095  1.00 26.11 ? -3  HIS A NE2 1 
ATOM   31  N  N   . HIS A 1 4   ? 8.776   3.561   19.266  1.00 19.73 ? -2  HIS A N   1 
ATOM   32  C  CA  . HIS A 1 4   ? 9.126   4.234   18.009  1.00 19.18 ? -2  HIS A CA  1 
ATOM   33  C  C   . HIS A 1 4   ? 7.917   4.023   17.091  1.00 19.22 ? -2  HIS A C   1 
ATOM   34  O  O   . HIS A 1 4   ? 7.035   3.275   17.464  1.00 19.27 ? -2  HIS A O   1 
ATOM   35  C  CB  . HIS A 1 4   ? 10.389  3.615   17.415  1.00 17.83 ? -2  HIS A CB  1 
ATOM   36  C  CG  . HIS A 1 4   ? 10.251  2.161   17.088  1.00 18.46 ? -2  HIS A CG  1 
ATOM   37  N  ND1 . HIS A 1 4   ? 10.801  1.147   17.861  1.00 18.27 ? -2  HIS A ND1 1 
ATOM   38  C  CD2 . HIS A 1 4   ? 9.622   1.550   16.060  1.00 20.57 ? -2  HIS A CD2 1 
ATOM   39  C  CE1 . HIS A 1 4   ? 10.516  -0.023  17.307  1.00 21.18 ? -2  HIS A CE1 1 
ATOM   40  N  NE2 . HIS A 1 4   ? 9.814   0.198   16.207  1.00 21.69 ? -2  HIS A NE2 1 
ATOM   41  N  N   . HIS A 1 5   ? 7.936   4.614   15.893  1.00 19.53 ? -1  HIS A N   1 
ATOM   42  C  CA  . HIS A 1 5   ? 6.833   4.489   14.954  1.00 21.51 ? -1  HIS A CA  1 
ATOM   43  C  C   . HIS A 1 5   ? 7.280   3.877   13.617  1.00 22.56 ? -1  HIS A C   1 
ATOM   44  O  O   . HIS A 1 5   ? 8.471   3.867   13.278  1.00 22.00 ? -1  HIS A O   1 
ATOM   45  C  CB  . HIS A 1 5   ? 6.248   5.858   14.658  1.00 20.80 ? -1  HIS A CB  1 
ATOM   46  C  CG  . HIS A 1 5   ? 5.817   6.611   15.873  1.00 22.57 ? -1  HIS A CG  1 
ATOM   47  N  ND1 . HIS A 1 5   ? 4.788   6.182   16.683  1.00 21.27 ? -1  HIS A ND1 1 
ATOM   48  C  CD2 . HIS A 1 5   ? 6.280   7.763   16.421  1.00 24.34 ? -1  HIS A CD2 1 
ATOM   49  C  CE1 . HIS A 1 5   ? 4.615   7.054   17.666  1.00 23.25 ? -1  HIS A CE1 1 
ATOM   50  N  NE2 . HIS A 1 5   ? 5.516   8.015   17.540  1.00 21.55 ? -1  HIS A NE2 1 
ATOM   51  N  N   . HIS A 1 6   ? 6.309   3.378   12.858  1.00 23.61 ? 0   HIS A N   1 
ATOM   52  C  CA  . HIS A 1 6   ? 6.518   3.075   11.453  1.00 25.41 ? 0   HIS A CA  1 
ATOM   53  C  C   . HIS A 1 6   ? 5.512   3.948   10.743  1.00 27.23 ? 0   HIS A C   1 
ATOM   54  O  O   . HIS A 1 6   ? 4.470   4.260   11.334  1.00 28.93 ? 0   HIS A O   1 
ATOM   55  C  CB  . HIS A 1 6   ? 6.274   1.611   11.198  1.00 24.70 ? 0   HIS A CB  1 
ATOM   56  C  CG  . HIS A 1 6   ? 7.232   0.749   11.945  1.00 26.82 ? 0   HIS A CG  1 
ATOM   57  N  ND1 . HIS A 1 6   ? 8.492   0.470   11.470  1.00 26.76 ? 0   HIS A ND1 1 
ATOM   58  C  CD2 . HIS A 1 6   ? 7.149   0.177   13.168  1.00 25.91 ? 0   HIS A CD2 1 
ATOM   59  C  CE1 . HIS A 1 6   ? 9.145   -0.247  12.366  1.00 25.21 ? 0   HIS A CE1 1 
ATOM   60  N  NE2 . HIS A 1 6   ? 8.341   -0.465  13.390  1.00 26.34 ? 0   HIS A NE2 1 
ATOM   61  N  N   . MET A 1 7   ? 5.836   4.378   9.532   1.00 28.37 ? 1   MET A N   1 
ATOM   62  C  CA  . MET A 1 7   ? 4.942   5.265   8.780   1.00 28.88 ? 1   MET A CA  1 
ATOM   63  C  C   . MET A 1 7   ? 4.469   4.615   7.511   1.00 29.06 ? 1   MET A C   1 
ATOM   64  O  O   . MET A 1 7   ? 5.116   3.703   6.969   1.00 29.16 ? 1   MET A O   1 
ATOM   65  C  CB  . MET A 1 7   ? 5.643   6.602   8.462   1.00 28.97 ? 1   MET A CB  1 
ATOM   66  C  CG  . MET A 1 7   ? 5.942   7.429   9.737   1.00 31.77 ? 1   MET A CG  1 
ATOM   67  S  SD  . MET A 1 7   ? 6.703   9.041   9.412   0.50 31.19 ? 1   MET A SD  1 
ATOM   68  C  CE  . MET A 1 7   ? 5.791   9.596   7.991   1.00 35.48 ? 1   MET A CE  1 
ATOM   69  N  N   . VAL A 1 8   ? 3.341   5.103   7.025   1.00 28.75 ? 2   VAL A N   1 
ATOM   70  C  CA  . VAL A 1 8   ? 2.939   4.812   5.661   1.00 28.92 ? 2   VAL A CA  1 
ATOM   71  C  C   . VAL A 1 8   ? 3.456   5.973   4.813   1.00 28.43 ? 2   VAL A C   1 
ATOM   72  O  O   . VAL A 1 8   ? 2.902   7.070   4.856   1.00 29.67 ? 2   VAL A O   1 
ATOM   73  C  CB  . VAL A 1 8   ? 1.437   4.684   5.541   1.00 28.42 ? 2   VAL A CB  1 
ATOM   74  C  CG1 . VAL A 1 8   ? 1.074   4.230   4.128   1.00 27.89 ? 2   VAL A CG1 1 
ATOM   75  C  CG2 . VAL A 1 8   ? 0.888   3.687   6.570   1.00 29.68 ? 2   VAL A CG2 1 
ATOM   76  N  N   . THR A 1 9   ? 4.543   5.750   4.099   1.00 28.01 ? 3   THR A N   1 
ATOM   77  C  CA  . THR A 1 9   ? 5.208   6.802   3.307   1.00 27.46 ? 3   THR A CA  1 
ATOM   78  C  C   . THR A 1 9   ? 4.539   7.093   1.952   1.00 26.38 ? 3   THR A C   1 
ATOM   79  O  O   . THR A 1 9   ? 4.268   6.179   1.194   1.00 23.16 ? 3   THR A O   1 
ATOM   80  C  CB  . THR A 1 9   ? 6.665   6.394   3.051   1.00 28.23 ? 3   THR A CB  1 
ATOM   81  O  OG1 . THR A 1 9   ? 7.370   6.508   4.283   1.00 30.69 ? 3   THR A OG1 1 
ATOM   82  C  CG2 . THR A 1 9   ? 7.347   7.301   1.994   1.00 31.30 ? 3   THR A CG2 1 
ATOM   83  N  N   . GLN A 1 10  ? 4.322   8.370   1.639   1.00 25.05 ? 4   GLN A N   1 
ATOM   84  C  CA  . GLN A 1 10  ? 3.717   8.736   0.348   1.00 25.64 ? 4   GLN A CA  1 
ATOM   85  C  C   . GLN A 1 10  ? 4.748   8.810   -0.766  1.00 25.06 ? 4   GLN A C   1 
ATOM   86  O  O   . GLN A 1 10  ? 5.687   9.618   -0.680  1.00 25.78 ? 4   GLN A O   1 
ATOM   87  C  CB  . GLN A 1 10  ? 2.955   10.075  0.454   1.00 25.36 ? 4   GLN A CB  1 
ATOM   88  C  CG  . GLN A 1 10  ? 2.205   10.492  -0.826  1.00 27.00 ? 4   GLN A CG  1 
ATOM   89  C  CD  . GLN A 1 10  ? 1.290   11.668  -0.560  1.00 29.21 ? 4   GLN A CD  1 
ATOM   90  O  OE1 . GLN A 1 10  ? 1.057   12.018  0.601   1.00 31.63 ? 4   GLN A OE1 1 
ATOM   91  N  NE2 . GLN A 1 10  ? 0.791   12.304  -1.618  1.00 30.19 ? 4   GLN A NE2 1 
ATOM   92  N  N   . PHE A 1 11  ? 4.577   8.004   -1.813  1.00 24.08 ? 5   PHE A N   1 
ATOM   93  C  CA  . PHE A 1 11  ? 5.396   8.103   -3.039  1.00 24.54 ? 5   PHE A CA  1 
ATOM   94  C  C   . PHE A 1 11  ? 5.203   9.458   -3.739  1.00 25.73 ? 5   PHE A C   1 
ATOM   95  O  O   . PHE A 1 11  ? 4.046   9.911   -3.891  1.00 24.92 ? 5   PHE A O   1 
ATOM   96  C  CB  . PHE A 1 11  ? 5.026   7.000   -4.040  1.00 24.06 ? 5   PHE A CB  1 
ATOM   97  C  CG  . PHE A 1 11  ? 5.558   5.653   -3.693  1.00 24.43 ? 5   PHE A CG  1 
ATOM   98  C  CD1 . PHE A 1 11  ? 6.912   5.467   -3.442  1.00 24.66 ? 5   PHE A CD1 1 
ATOM   99  C  CD2 . PHE A 1 11  ? 4.693   4.554   -3.599  1.00 24.09 ? 5   PHE A CD2 1 
ATOM   100 C  CE1 . PHE A 1 11  ? 7.411   4.183   -3.109  1.00 23.92 ? 5   PHE A CE1 1 
ATOM   101 C  CE2 . PHE A 1 11  ? 5.171   3.282   -3.277  1.00 21.86 ? 5   PHE A CE2 1 
ATOM   102 C  CZ  . PHE A 1 11  ? 6.524   3.092   -3.027  1.00 24.76 ? 5   PHE A CZ  1 
ATOM   103 N  N   . LYS A 1 12  ? 6.323   10.051  -4.185  1.00 26.95 ? 6   LYS A N   1 
ATOM   104 C  CA  . LYS A 1 12  ? 6.427   11.367  -4.854  1.00 28.68 ? 6   LYS A CA  1 
ATOM   105 C  C   . LYS A 1 12  ? 6.515   11.160  -6.367  1.00 28.18 ? 6   LYS A C   1 
ATOM   106 O  O   . LYS A 1 12  ? 5.926   11.904  -7.156  1.00 29.68 ? 6   LYS A O   1 
ATOM   107 C  CB  . LYS A 1 12  ? 7.733   12.022  -4.355  1.00 29.19 ? 6   LYS A CB  1 
ATOM   108 C  CG  . LYS A 1 12  ? 8.124   13.498  -4.696  1.00 29.76 ? 6   LYS A CG  1 
ATOM   109 C  CD  . LYS A 1 12  ? 9.479   13.745  -3.905  1.00 30.81 ? 6   LYS A CD  1 
ATOM   110 C  CE  . LYS A 1 12  ? 10.349  14.932  -4.328  1.00 30.59 ? 6   LYS A CE  1 
ATOM   111 N  NZ  . LYS A 1 12  ? 11.835  14.697  -4.041  1.00 29.61 ? 6   LYS A NZ  1 
ATOM   112 N  N   . THR A 1 13  ? 7.267   10.159  -6.788  1.00 28.28 ? 7   THR A N   1 
ATOM   113 C  CA  . THR A 1 13  ? 7.459   9.938   -8.235  1.00 27.96 ? 7   THR A CA  1 
ATOM   114 C  C   . THR A 1 13  ? 7.386   8.463   -8.583  1.00 27.45 ? 7   THR A C   1 
ATOM   115 O  O   . THR A 1 13  ? 7.513   7.616   -7.708  1.00 27.20 ? 7   THR A O   1 
ATOM   116 C  CB  . THR A 1 13  ? 8.856   10.440  -8.709  1.00 28.54 ? 7   THR A CB  1 
ATOM   117 O  OG1 . THR A 1 13  ? 9.863   9.544   -8.218  1.00 29.51 ? 7   THR A OG1 1 
ATOM   118 C  CG2 . THR A 1 13  ? 9.156   11.843  -8.201  1.00 28.69 ? 7   THR A CG2 1 
ATOM   119 N  N   . ALA A 1 14  ? 7.225   8.175   -9.882  1.00 27.68 ? 8   ALA A N   1 
ATOM   120 C  CA  . ALA A 1 14  ? 7.248   6.810   -10.410 1.00 27.81 ? 8   ALA A CA  1 
ATOM   121 C  C   . ALA A 1 14  ? 8.582   6.112   -10.132 1.00 29.18 ? 8   ALA A C   1 
ATOM   122 O  O   . ALA A 1 14  ? 8.618   4.909   -9.863  1.00 27.97 ? 8   ALA A O   1 
ATOM   123 C  CB  . ALA A 1 14  ? 6.984   6.833   -11.917 1.00 28.25 ? 8   ALA A CB  1 
ATOM   124 N  N   . SER A 1 15  ? 9.687   6.850   -10.208 1.00 29.44 ? 9   SER A N   1 
ATOM   125 C  CA  . SER A 1 15  ? 10.980  6.206   -10.017 1.00 30.57 ? 9   SER A CA  1 
ATOM   126 C  C   . SER A 1 15  ? 11.170  5.701   -8.584  1.00 30.10 ? 9   SER A C   1 
ATOM   127 O  O   . SER A 1 15  ? 11.697  4.603   -8.400  1.00 31.05 ? 9   SER A O   1 
ATOM   128 C  CB  . SER A 1 15  ? 12.115  7.121   -10.473 1.00 31.61 ? 9   SER A CB  1 
ATOM   129 O  OG  . SER A 1 15  ? 11.883  7.477   -11.834 1.00 33.05 ? 9   SER A OG  1 
ATOM   130 N  N   . GLU A 1 16  ? 10.727  6.468   -7.588  1.00 29.11 ? 10  GLU A N   1 
ATOM   131 C  CA  . GLU A 1 16  ? 10.749  6.013   -6.188  1.00 29.64 ? 10  GLU A CA  1 
ATOM   132 C  C   . GLU A 1 16  ? 9.878   4.758   -5.997  1.00 28.56 ? 10  GLU A C   1 
ATOM   133 O  O   . GLU A 1 16  ? 10.239  3.825   -5.283  1.00 27.64 ? 10  GLU A O   1 
ATOM   134 C  CB  . GLU A 1 16  ? 10.200  7.065   -5.235  1.00 28.82 ? 10  GLU A CB  1 
ATOM   135 C  CG  . GLU A 1 16  ? 10.889  8.443   -5.242  1.00 31.88 ? 10  GLU A CG  1 
ATOM   136 C  CD  . GLU A 1 16  ? 10.082  9.509   -4.478  1.00 33.26 ? 10  GLU A CD  1 
ATOM   137 O  OE1 . GLU A 1 16  ? 8.957   9.200   -3.958  1.00 33.76 ? 10  GLU A OE1 1 
ATOM   138 O  OE2 . GLU A 1 16  ? 10.571  10.674  -4.422  1.00 35.24 ? 10  GLU A OE2 1 
ATOM   139 N  N   . PHE A 1 17  ? 8.714   4.758   -6.639  1.00 27.47 ? 11  PHE A N   1 
ATOM   140 C  CA  . PHE A 1 17  ? 7.870   3.550   -6.644  1.00 26.35 ? 11  PHE A CA  1 
ATOM   141 C  C   . PHE A 1 17  ? 8.657   2.347   -7.146  1.00 26.68 ? 11  PHE A C   1 
ATOM   142 O  O   . PHE A 1 17  ? 8.743   1.333   -6.454  1.00 27.13 ? 11  PHE A O   1 
ATOM   143 C  CB  . PHE A 1 17  ? 6.634   3.756   -7.507  1.00 24.29 ? 11  PHE A CB  1 
ATOM   144 C  CG  . PHE A 1 17  ? 5.784   2.522   -7.666  1.00 22.54 ? 11  PHE A CG  1 
ATOM   145 C  CD1 . PHE A 1 17  ? 4.804   2.185   -6.704  1.00 20.35 ? 11  PHE A CD1 1 
ATOM   146 C  CD2 . PHE A 1 17  ? 5.929   1.717   -8.791  1.00 19.20 ? 11  PHE A CD2 1 
ATOM   147 C  CE1 . PHE A 1 17  ? 4.011   1.033   -6.872  1.00 19.74 ? 11  PHE A CE1 1 
ATOM   148 C  CE2 . PHE A 1 17  ? 5.147   0.566   -8.953  1.00 19.61 ? 11  PHE A CE2 1 
ATOM   149 C  CZ  . PHE A 1 17  ? 4.167   0.241   -7.976  1.00 21.53 ? 11  PHE A CZ  1 
ATOM   150 N  N   . ASP A 1 18  ? 9.207   2.471   -8.341  1.00 27.45 ? 12  ASP A N   1 
ATOM   151 C  CA  . ASP A 1 18  ? 9.954   1.383   -8.994  1.00 29.56 ? 12  ASP A CA  1 
ATOM   152 C  C   . ASP A 1 18  ? 11.088  0.829   -8.150  1.00 30.10 ? 12  ASP A C   1 
ATOM   153 O  O   . ASP A 1 18  ? 11.304  -0.401  -8.122  1.00 30.95 ? 12  ASP A O   1 
ATOM   154 C  CB  . ASP A 1 18  ? 10.504  1.821   -10.360 1.00 29.15 ? 12  ASP A CB  1 
ATOM   155 C  CG  . ASP A 1 18  ? 9.461   1.792   -11.473 1.00 30.37 ? 12  ASP A CG  1 
ATOM   156 O  OD1 . ASP A 1 18  ? 8.538   0.902   -11.523 1.00 25.61 ? 12  ASP A OD1 1 
ATOM   157 O  OD2 . ASP A 1 18  ? 9.580   2.698   -12.341 1.00 28.82 ? 12  ASP A OD2 1 
ATOM   158 N  N   . SER A 1 19  ? 11.833  1.714   -7.469  1.00 30.99 ? 13  SER A N   1 
ATOM   159 C  CA  . SER A 1 19  ? 12.976  1.272   -6.640  1.00 31.02 ? 13  SER A CA  1 
ATOM   160 C  C   . SER A 1 19  ? 12.489  0.616   -5.364  1.00 30.16 ? 13  SER A C   1 
ATOM   161 O  O   . SER A 1 19  ? 13.052  -0.405  -4.936  1.00 28.63 ? 13  SER A O   1 
ATOM   162 C  CB  . SER A 1 19  ? 13.958  2.425   -6.274  1.00 31.75 ? 13  SER A CB  1 
ATOM   163 O  OG  . SER A 1 19  ? 14.269  3.208   -7.414  1.00 35.40 ? 13  SER A OG  1 
ATOM   164 N  N   . ALA A 1 20  ? 11.441  1.199   -4.769  1.00 28.99 ? 14  ALA A N   1 
ATOM   165 C  CA  . ALA A 1 20  ? 10.920  0.718   -3.494  1.00 28.02 ? 14  ALA A CA  1 
ATOM   166 C  C   . ALA A 1 20  ? 10.407  -0.723  -3.616  1.00 27.86 ? 14  ALA A C   1 
ATOM   167 O  O   . ALA A 1 20  ? 10.679  -1.559  -2.770  1.00 27.85 ? 14  ALA A O   1 
ATOM   168 C  CB  . ALA A 1 20  ? 9.831   1.615   -2.997  1.00 28.96 ? 14  ALA A CB  1 
ATOM   169 N  N   . ILE A 1 21  ? 9.684   -1.019  -4.690  1.00 27.24 ? 15  ILE A N   1 
ATOM   170 C  CA  . ILE A 1 21  ? 9.163   -2.364  -4.862  1.00 26.61 ? 15  ILE A CA  1 
ATOM   171 C  C   . ILE A 1 21  ? 10.193  -3.428  -5.276  1.00 27.57 ? 15  ILE A C   1 
ATOM   172 O  O   . ILE A 1 21  ? 9.902   -4.619  -5.215  1.00 26.14 ? 15  ILE A O   1 
ATOM   173 C  CB  . ILE A 1 21  ? 7.932   -2.388  -5.798  1.00 26.01 ? 15  ILE A CB  1 
ATOM   174 C  CG1 . ILE A 1 21  ? 8.311   -2.063  -7.243  1.00 25.97 ? 15  ILE A CG1 1 
ATOM   175 C  CG2 . ILE A 1 21  ? 6.871   -1.448  -5.220  1.00 26.65 ? 15  ILE A CG2 1 
ATOM   176 C  CD1 . ILE A 1 21  ? 7.227   -2.379  -8.248  1.00 25.68 ? 15  ILE A CD1 1 
ATOM   177 N  N   . ALA A 1 22  ? 11.385  -2.990  -5.687  1.00 27.56 ? 16  ALA A N   1 
ATOM   178 C  CA  . ALA A 1 22  ? 12.461  -3.910  -6.099  1.00 29.11 ? 16  ALA A CA  1 
ATOM   179 C  C   . ALA A 1 22  ? 13.041  -4.723  -4.910  1.00 29.77 ? 16  ALA A C   1 
ATOM   180 O  O   . ALA A 1 22  ? 13.801  -5.685  -5.078  1.00 32.59 ? 16  ALA A O   1 
ATOM   181 C  CB  . ALA A 1 22  ? 13.561  -3.135  -6.785  0.50 28.79 ? 16  ALA A CB  1 
ATOM   182 N  N   . GLN A 1 23  ? 12.683  -4.358  -3.709  1.00 29.38 ? 17  GLN A N   1 
ATOM   183 C  CA  . GLN A 1 23  ? 13.364  -4.936  -2.573  1.00 30.13 ? 17  GLN A CA  1 
ATOM   184 C  C   . GLN A 1 23  ? 12.951  -6.352  -2.277  1.00 29.24 ? 17  GLN A C   1 
ATOM   185 O  O   . GLN A 1 23  ? 11.837  -6.773  -2.605  1.00 27.45 ? 17  GLN A O   1 
ATOM   186 C  CB  . GLN A 1 23  ? 13.122  -4.095  -1.336  1.00 30.25 ? 17  GLN A CB  1 
ATOM   187 C  CG  . GLN A 1 23  ? 13.318  -2.623  -1.564  1.00 33.90 ? 17  GLN A CG  1 
ATOM   188 C  CD  . GLN A 1 23  ? 12.847  -1.867  -0.365  1.00 37.32 ? 17  GLN A CD  1 
ATOM   189 O  OE1 . GLN A 1 23  ? 11.737  -1.332  -0.354  1.00 37.55 ? 17  GLN A OE1 1 
ATOM   190 N  NE2 . GLN A 1 23  ? 13.662  -1.881  0.705   1.00 40.33 ? 17  GLN A NE2 1 
ATOM   191 N  N   . ASP A 1 24  ? 13.858  -7.059  -1.608  1.00 28.99 ? 18  ASP A N   1 
ATOM   192 C  CA  . ASP A 1 24  ? 13.638  -8.414  -1.192  1.00 28.85 ? 18  ASP A CA  1 
ATOM   193 C  C   . ASP A 1 24  ? 12.893  -8.462  0.155   1.00 28.63 ? 18  ASP A C   1 
ATOM   194 O  O   . ASP A 1 24  ? 13.398  -8.998  1.155   1.00 28.11 ? 18  ASP A O   1 
ATOM   195 C  CB  . ASP A 1 24  ? 14.992  -9.115  -1.139  1.00 30.33 ? 18  ASP A CB  1 
ATOM   196 C  CG  . ASP A 1 24  ? 14.892  -10.541 -0.689  1.00 33.78 ? 18  ASP A CG  1 
ATOM   197 O  OD1 . ASP A 1 24  ? 13.871  -11.195 -0.997  1.00 32.72 ? 18  ASP A OD1 1 
ATOM   198 O  OD2 . ASP A 1 24  ? 15.854  -10.986 -0.008  1.00 37.70 ? 18  ASP A OD2 1 
ATOM   199 N  N   . LYS A 1 25  ? 11.687  -7.909  0.186   1.00 26.66 ? 19  LYS A N   1 
ATOM   200 C  CA  . LYS A 1 25  ? 10.879  -7.837  1.413   1.00 26.36 ? 19  LYS A CA  1 
ATOM   201 C  C   . LYS A 1 25  ? 9.459   -7.441  0.992   1.00 24.57 ? 19  LYS A C   1 
ATOM   202 O  O   . LYS A 1 25  ? 9.296   -6.931  -0.127  1.00 26.78 ? 19  LYS A O   1 
ATOM   203 C  CB  . LYS A 1 25  ? 11.455  -6.775  2.362   1.00 26.24 ? 19  LYS A CB  1 
ATOM   204 C  CG  . LYS A 1 25  ? 11.331  -5.351  1.854   1.00 27.80 ? 19  LYS A CG  1 
ATOM   205 C  CD  . LYS A 1 25  ? 11.997  -4.287  2.764   1.00 28.31 ? 19  LYS A CD  1 
ATOM   206 C  CE  . LYS A 1 25  ? 11.662  -4.474  4.218   1.00 32.04 ? 19  LYS A CE  1 
ATOM   207 N  NZ  . LYS A 1 25  ? 12.268  -3.369  5.052   1.00 36.78 ? 19  LYS A NZ  1 
ATOM   208 N  N   . LEU A 1 26  ? 8.460   -7.660  1.845   1.00 22.50 ? 20  LEU A N   1 
ATOM   209 C  CA  . LEU A 1 26  ? 7.074   -7.275  1.481   1.00 21.28 ? 20  LEU A CA  1 
ATOM   210 C  C   . LEU A 1 26  ? 6.935   -5.756  1.450   1.00 20.44 ? 20  LEU A C   1 
ATOM   211 O  O   . LEU A 1 26  ? 7.355   -5.093  2.400   1.00 19.41 ? 20  LEU A O   1 
ATOM   212 C  CB  . LEU A 1 26  ? 6.038   -7.819  2.447   1.00 21.54 ? 20  LEU A CB  1 
ATOM   213 C  CG  . LEU A 1 26  ? 4.588   -7.370  2.211   1.00 21.46 ? 20  LEU A CG  1 
ATOM   214 C  CD1 . LEU A 1 26  ? 4.079   -7.786  0.832   1.00 18.82 ? 20  LEU A CD1 1 
ATOM   215 C  CD2 . LEU A 1 26  ? 3.673   -7.893  3.334   1.00 22.20 ? 20  LEU A CD2 1 
ATOM   216 N  N   . VAL A 1 27  ? 6.352   -5.221  0.370   1.00 19.19 ? 21  VAL A N   1 
ATOM   217 C  CA  . VAL A 1 27  ? 6.178   -3.771  0.220   1.00 18.26 ? 21  VAL A CA  1 
ATOM   218 C  C   . VAL A 1 27  ? 4.679   -3.624  -0.050  1.00 19.78 ? 21  VAL A C   1 
ATOM   219 O  O   . VAL A 1 27  ? 4.153   -4.270  -0.975  1.00 18.49 ? 21  VAL A O   1 
ATOM   220 C  CB  . VAL A 1 27  ? 7.055   -3.172  -0.910  1.00 18.59 ? 21  VAL A CB  1 
ATOM   221 C  CG1 . VAL A 1 27  ? 6.687   -1.717  -1.197  1.00 19.93 ? 21  VAL A CG1 1 
ATOM   222 C  CG2 . VAL A 1 27  ? 8.574   -3.300  -0.608  1.00 18.99 ? 21  VAL A CG2 1 
ATOM   223 N  N   . VAL A 1 28  ? 4.009   -2.829  0.775   1.00 19.18 ? 22  VAL A N   1 
ATOM   224 C  CA  . VAL A 1 28  ? 2.541   -2.700  0.727   1.00 18.22 ? 22  VAL A CA  1 
ATOM   225 C  C   . VAL A 1 28  ? 2.248   -1.319  0.195   1.00 18.35 ? 22  VAL A C   1 
ATOM   226 O  O   . VAL A 1 28  ? 2.781   -0.357  0.718   1.00 17.00 ? 22  VAL A O   1 
ATOM   227 C  CB  . VAL A 1 28  ? 1.942   -2.844  2.130   1.00 18.57 ? 22  VAL A CB  1 
ATOM   228 C  CG1 . VAL A 1 28  ? 0.412   -2.612  2.076   1.00 20.68 ? 22  VAL A CG1 1 
ATOM   229 C  CG2 . VAL A 1 28  ? 2.265   -4.218  2.736   1.00 18.73 ? 22  VAL A CG2 1 
ATOM   230 N  N   . VAL A 1 29  ? 1.409   -1.195  -0.842  1.00 16.96 ? 23  VAL A N   1 
ATOM   231 C  CA  . VAL A 1 29  ? 1.148   0.114   -1.399  1.00 16.38 ? 23  VAL A CA  1 
ATOM   232 C  C   . VAL A 1 29  ? -0.355  0.394   -1.428  1.00 17.16 ? 23  VAL A C   1 
ATOM   233 O  O   . VAL A 1 29  ? -1.103  -0.298  -2.118  1.00 15.34 ? 23  VAL A O   1 
ATOM   234 C  CB  . VAL A 1 29  ? 1.721   0.309   -2.813  1.00 16.59 ? 23  VAL A CB  1 
ATOM   235 C  CG1 . VAL A 1 29  ? 1.533   1.813   -3.264  1.00 15.90 ? 23  VAL A CG1 1 
ATOM   236 C  CG2 . VAL A 1 29  ? 3.198   -0.112  -2.877  1.00 18.14 ? 23  VAL A CG2 1 
ATOM   237 N  N   . ASP A 1 30  ? -0.771  1.403   -0.670  1.00 17.03 ? 24  ASP A N   1 
ATOM   238 C  CA  . ASP A 1 30  ? -2.181  1.804   -0.612  1.00 16.28 ? 24  ASP A CA  1 
ATOM   239 C  C   . ASP A 1 30  ? -2.444  2.850   -1.695  1.00 17.61 ? 24  ASP A C   1 
ATOM   240 O  O   . ASP A 1 30  ? -1.969  4.002   -1.605  1.00 17.50 ? 24  ASP A O   1 
ATOM   241 C  CB  . ASP A 1 30  ? -2.478  2.438   0.767   1.00 18.10 ? 24  ASP A CB  1 
ATOM   242 C  CG  . ASP A 1 30  ? -3.974  2.842   0.945   1.00 20.28 ? 24  ASP A CG  1 
ATOM   243 O  OD1 . ASP A 1 30  ? -4.828  2.658   0.029   1.00 23.18 ? 24  ASP A OD1 1 
ATOM   244 O  OD2 . ASP A 1 30  ? -4.332  3.362   2.014   1.00 26.77 ? 24  ASP A OD2 1 
ATOM   245 N  N   . PHE A 1 31  ? -3.181  2.458   -2.734  1.00 15.84 ? 25  PHE A N   1 
ATOM   246 C  CA  . PHE A 1 31  ? -3.548  3.398   -3.785  1.00 17.90 ? 25  PHE A CA  1 
ATOM   247 C  C   . PHE A 1 31  ? -4.837  4.118   -3.329  1.00 18.66 ? 25  PHE A C   1 
ATOM   248 O  O   . PHE A 1 31  ? -5.861  3.461   -3.079  1.00 18.35 ? 25  PHE A O   1 
ATOM   249 C  CB  . PHE A 1 31  ? -3.746  2.628   -5.106  1.00 17.77 ? 25  PHE A CB  1 
ATOM   250 C  CG  . PHE A 1 31  ? -2.484  2.270   -5.786  1.00 16.17 ? 25  PHE A CG  1 
ATOM   251 C  CD1 . PHE A 1 31  ? -1.663  1.224   -5.309  1.00 15.47 ? 25  PHE A CD1 1 
ATOM   252 C  CD2 . PHE A 1 31  ? -2.095  2.962   -6.933  1.00 18.79 ? 25  PHE A CD2 1 
ATOM   253 C  CE1 . PHE A 1 31  ? -0.450  0.909   -5.960  1.00 19.37 ? 25  PHE A CE1 1 
ATOM   254 C  CE2 . PHE A 1 31  ? -0.877  2.671   -7.573  1.00 18.56 ? 25  PHE A CE2 1 
ATOM   255 C  CZ  . PHE A 1 31  ? -0.060  1.618   -7.083  1.00 16.68 ? 25  PHE A CZ  1 
ATOM   256 N  N   . TYR A 1 32  ? -4.814  5.455   -3.246  1.00 19.14 ? 26  TYR A N   1 
ATOM   257 C  CA  . TYR A 1 32  ? -5.974  6.209   -2.724  1.00 18.77 ? 26  TYR A CA  1 
ATOM   258 C  C   . TYR A 1 32  ? -6.163  7.506   -3.513  1.00 19.08 ? 26  TYR A C   1 
ATOM   259 O  O   . TYR A 1 32  ? -5.423  7.793   -4.431  1.00 18.42 ? 26  TYR A O   1 
ATOM   260 C  CB  . TYR A 1 32  ? -5.800  6.503   -1.225  1.00 19.33 ? 26  TYR A CB  1 
ATOM   261 C  CG  . TYR A 1 32  ? -4.746  7.577   -0.980  1.00 19.86 ? 26  TYR A CG  1 
ATOM   262 C  CD1 . TYR A 1 32  ? -5.105  8.899   -0.728  1.00 21.72 ? 26  TYR A CD1 1 
ATOM   263 C  CD2 . TYR A 1 32  ? -3.388  7.258   -0.992  1.00 20.46 ? 26  TYR A CD2 1 
ATOM   264 C  CE1 . TYR A 1 32  ? -4.141  9.870   -0.515  1.00 20.33 ? 26  TYR A CE1 1 
ATOM   265 C  CE2 . TYR A 1 32  ? -2.417  8.225   -0.782  1.00 21.09 ? 26  TYR A CE2 1 
ATOM   266 C  CZ  . TYR A 1 32  ? -2.795  9.537   -0.559  1.00 21.32 ? 26  TYR A CZ  1 
ATOM   267 O  OH  . TYR A 1 32  ? -1.815  10.503  -0.345  1.00 23.18 ? 26  TYR A OH  1 
ATOM   268 N  N   . ALA A 1 33  ? -7.170  8.277   -3.140  1.00 20.37 ? 27  ALA A N   1 
ATOM   269 C  CA  . ALA A 1 33  ? -7.378  9.595   -3.704  1.00 21.30 ? 27  ALA A CA  1 
ATOM   270 C  C   . ALA A 1 33  ? -7.986  10.449  -2.615  1.00 20.96 ? 27  ALA A C   1 
ATOM   271 O  O   . ALA A 1 33  ? -8.618  9.929   -1.725  1.00 20.80 ? 27  ALA A O   1 
ATOM   272 C  CB  . ALA A 1 33  ? -8.272  9.501   -4.922  1.00 22.36 ? 27  ALA A CB  1 
ATOM   273 N  N   . THR A 1 34  ? -7.776  11.768  -2.640  1.00 21.03 ? 28  THR A N   1 
ATOM   274 C  CA  . THR A 1 34  ? -8.348  12.601  -1.612  1.00 22.14 ? 28  THR A CA  1 
ATOM   275 C  C   . THR A 1 34  ? -9.867  12.652  -1.774  1.00 20.89 ? 28  THR A C   1 
ATOM   276 O  O   . THR A 1 34  ? -10.577 12.939  -0.822  1.00 22.31 ? 28  THR A O   1 
ATOM   277 C  CB  . THR A 1 34  ? -7.866  14.067  -1.704  1.00 22.77 ? 28  THR A CB  1 
ATOM   278 O  OG1 . THR A 1 34  ? -8.067  14.531  -3.042  1.00 22.76 ? 28  THR A OG1 1 
ATOM   279 C  CG2 . THR A 1 34  ? -6.369  14.144  -1.306  1.00 25.61 ? 28  THR A CG2 1 
ATOM   280 N  N   . TRP A 1 35  ? -10.358 12.388  -2.982  1.00 19.43 ? 29  TRP A N   1 
ATOM   281 C  CA  . TRP A 1 35  ? -11.836 12.359  -3.177  1.00 18.39 ? 29  TRP A CA  1 
ATOM   282 C  C   . TRP A 1 35  ? -12.487 11.025  -2.787  1.00 18.18 ? 29  TRP A C   1 
ATOM   283 O  O   . TRP A 1 35  ? -13.709 10.841  -2.914  1.00 17.00 ? 29  TRP A O   1 
ATOM   284 C  CB  . TRP A 1 35  ? -12.165 12.701  -4.621  1.00 18.06 ? 29  TRP A CB  1 
ATOM   285 C  CG  . TRP A 1 35  ? -11.289 12.020  -5.667  1.00 19.59 ? 29  TRP A CG  1 
ATOM   286 C  CD1 . TRP A 1 35  ? -10.257 12.613  -6.400  1.00 19.55 ? 29  TRP A CD1 1 
ATOM   287 C  CD2 . TRP A 1 35  ? -11.337 10.654  -6.100  1.00 18.98 ? 29  TRP A CD2 1 
ATOM   288 N  NE1 . TRP A 1 35  ? -9.710  11.693  -7.262  1.00 17.66 ? 29  TRP A NE1 1 
ATOM   289 C  CE2 . TRP A 1 35  ? -10.350 10.497  -7.109  1.00 19.27 ? 29  TRP A CE2 1 
ATOM   290 C  CE3 . TRP A 1 35  ? -12.149 9.541   -5.759  1.00 20.13 ? 29  TRP A CE3 1 
ATOM   291 C  CZ2 . TRP A 1 35  ? -10.132 9.269   -7.769  1.00 21.90 ? 29  TRP A CZ2 1 
ATOM   292 C  CZ3 . TRP A 1 35  ? -11.940 8.333   -6.415  1.00 19.21 ? 29  TRP A CZ3 1 
ATOM   293 C  CH2 . TRP A 1 35  ? -10.932 8.201   -7.399  1.00 20.80 ? 29  TRP A CH2 1 
ATOM   294 N  N   . CYS A 1 36  ? -11.676 10.070  -2.331  1.00 18.95 ? 30  CYS A N   1 
ATOM   295 C  CA  . CYS A 1 36  ? -12.133 8.683   -2.212  1.00 18.23 ? 30  CYS A CA  1 
ATOM   296 C  C   . CYS A 1 36  ? -12.631 8.418   -0.803  1.00 19.70 ? 30  CYS A C   1 
ATOM   297 O  O   . CYS A 1 36  ? -11.818 8.342   0.129   1.00 19.09 ? 30  CYS A O   1 
ATOM   298 C  CB  . CYS A 1 36  ? -10.964 7.737   -2.517  1.00 18.26 ? 30  CYS A CB  1 
ATOM   299 S  SG  . CYS A 1 36  ? -11.387 6.003   -2.283  1.00 18.34 ? 30  CYS A SG  1 
ATOM   300 N  N   . GLY A 1 37  ? -13.940 8.239   -0.656  1.00 19.80 ? 31  GLY A N   1 
ATOM   301 C  CA  . GLY A 1 37  ? -14.569 7.936   0.645   1.00 20.70 ? 31  GLY A CA  1 
ATOM   302 C  C   . GLY A 1 37  ? -14.110 6.649   1.317   1.00 21.08 ? 31  GLY A C   1 
ATOM   303 O  O   . GLY A 1 37  ? -13.646 6.675   2.465   1.00 22.24 ? 31  GLY A O   1 
ATOM   304 N  N   . PRO A 1 38  ? -14.239 5.509   0.623   1.00 20.69 ? 32  PRO A N   1 
ATOM   305 C  CA  . PRO A 1 38  ? -13.826 4.255   1.284   1.00 21.50 ? 32  PRO A CA  1 
ATOM   306 C  C   . PRO A 1 38  ? -12.332 4.265   1.645   1.00 21.67 ? 32  PRO A C   1 
ATOM   307 O  O   . PRO A 1 38  ? -11.934 3.662   2.647   1.00 21.57 ? 32  PRO A O   1 
ATOM   308 C  CB  . PRO A 1 38  ? -14.186 3.181   0.256   1.00 21.79 ? 32  PRO A CB  1 
ATOM   309 C  CG  . PRO A 1 38  ? -15.345 3.856   -0.570  1.00 22.64 ? 32  PRO A CG  1 
ATOM   310 C  CD  . PRO A 1 38  ? -14.819 5.276   -0.716  1.00 21.27 ? 32  PRO A CD  1 
ATOM   311 N  N   . CYS A 1 39  ? -11.514 4.965   0.854   1.00 21.68 ? 33  CYS A N   1 
ATOM   312 C  CA  . CYS A 1 39  ? -10.054 5.098   1.146   1.00 21.92 ? 33  CYS A CA  1 
ATOM   313 C  C   . CYS A 1 39  ? -9.807  5.721   2.522   1.00 23.31 ? 33  CYS A C   1 
ATOM   314 O  O   . CYS A 1 39  ? -8.959  5.262   3.277   1.00 22.99 ? 33  CYS A O   1 
ATOM   315 C  CB  . CYS A 1 39  ? -9.369  5.958   0.101   1.00 21.32 ? 33  CYS A CB  1 
ATOM   316 S  SG  . CYS A 1 39  ? -9.577  5.329   -1.591  1.00 18.53 ? 33  CYS A SG  1 
ATOM   317 N  N   . LYS A 1 40  ? -10.552 6.782   2.822   1.00 25.24 ? 34  LYS A N   1 
ATOM   318 C  CA  . LYS A 1 40  ? -10.503 7.399   4.133   1.00 27.74 ? 34  LYS A CA  1 
ATOM   319 C  C   . LYS A 1 40  ? -10.976 6.461   5.228   1.00 29.45 ? 34  LYS A C   1 
ATOM   320 O  O   . LYS A 1 40  ? -10.438 6.509   6.331   1.00 29.05 ? 34  LYS A O   1 
ATOM   321 C  CB  . LYS A 1 40  ? -11.346 8.679   4.159   1.00 27.64 ? 34  LYS A CB  1 
ATOM   322 C  CG  . LYS A 1 40  ? -10.726 9.804   3.365   1.00 28.12 ? 34  LYS A CG  1 
ATOM   323 C  CD  . LYS A 1 40  ? -11.508 11.127  3.585   1.00 30.81 ? 34  LYS A CD  1 
ATOM   324 C  CE  . LYS A 1 40  ? -12.299 11.506  2.350   1.00 34.23 ? 34  LYS A CE  1 
ATOM   325 N  NZ  . LYS A 1 40  ? -13.467 12.401  2.663   0.50 35.68 ? 34  LYS A NZ  1 
ATOM   326 N  N   . MET A 1 41  ? -11.977 5.629   4.926   1.00 31.03 ? 35  MET A N   1 
ATOM   327 C  CA  . MET A 1 41  ? -12.496 4.678   5.896   1.00 33.10 ? 35  MET A CA  1 
ATOM   328 C  C   . MET A 1 41  ? -11.441 3.623   6.260   1.00 33.84 ? 35  MET A C   1 
ATOM   329 O  O   . MET A 1 41  ? -11.422 3.136   7.398   1.00 34.61 ? 35  MET A O   1 
ATOM   330 C  CB  . MET A 1 41  ? -13.768 3.968   5.387   1.00 33.22 ? 35  MET A CB  1 
ATOM   331 C  CG  . MET A 1 41  ? -15.117 4.706   5.483   1.00 35.21 ? 35  MET A CG  1 
ATOM   332 S  SD  . MET A 1 41  ? -16.523 3.527   5.212   0.50 33.92 ? 35  MET A SD  1 
ATOM   333 C  CE  . MET A 1 41  ? -15.931 2.458   3.889   0.50 34.17 ? 35  MET A CE  1 
ATOM   334 N  N   . ILE A 1 42  ? -10.593 3.231   5.309   1.00 33.70 ? 36  ILE A N   1 
ATOM   335 C  CA  . ILE A 1 42  ? -9.604  2.184   5.605   1.00 34.18 ? 36  ILE A CA  1 
ATOM   336 C  C   . ILE A 1 42  ? -8.225  2.715   5.986   1.00 33.97 ? 36  ILE A C   1 
ATOM   337 O  O   . ILE A 1 42  ? -7.369  1.956   6.464   1.00 34.33 ? 36  ILE A O   1 
ATOM   338 C  CB  . ILE A 1 42  ? -9.421  1.112   4.487   1.00 33.46 ? 36  ILE A CB  1 
ATOM   339 C  CG1 . ILE A 1 42  ? -8.780  1.701   3.247   1.00 33.16 ? 36  ILE A CG1 1 
ATOM   340 C  CG2 . ILE A 1 42  ? -10.703 0.356   4.185   1.00 35.76 ? 36  ILE A CG2 1 
ATOM   341 C  CD1 . ILE A 1 42  ? -7.855  0.704   2.601   1.00 36.91 ? 36  ILE A CD1 1 
ATOM   342 N  N   . ALA A 1 43  ? -8.012  4.009   5.792   1.00 34.11 ? 37  ALA A N   1 
ATOM   343 C  CA  . ALA A 1 43  ? -6.753  4.619   6.187   1.00 34.85 ? 37  ALA A CA  1 
ATOM   344 C  C   . ALA A 1 43  ? -6.309  4.196   7.607   1.00 35.31 ? 37  ALA A C   1 
ATOM   345 O  O   . ALA A 1 43  ? -5.149  3.782   7.769   1.00 35.73 ? 37  ALA A O   1 
ATOM   346 C  CB  . ALA A 1 43  ? -6.814  6.110   6.064   1.00 34.57 ? 37  ALA A CB  1 
ATOM   347 N  N   . PRO A 1 44  ? -7.223  4.280   8.618   1.00 35.38 ? 38  PRO A N   1 
ATOM   348 C  CA  . PRO A 1 44  ? -6.822  3.917   9.982   1.00 34.94 ? 38  PRO A CA  1 
ATOM   349 C  C   . PRO A 1 44  ? -6.255  2.489   10.088  1.00 34.42 ? 38  PRO A C   1 
ATOM   350 O  O   . PRO A 1 44  ? -5.243  2.288   10.754  1.00 33.88 ? 38  PRO A O   1 
ATOM   351 C  CB  . PRO A 1 44  ? -8.128  4.023   10.778  1.00 35.14 ? 38  PRO A CB  1 
ATOM   352 C  CG  . PRO A 1 44  ? -8.959  5.024   10.002  1.00 35.75 ? 38  PRO A CG  1 
ATOM   353 C  CD  . PRO A 1 44  ? -8.639  4.711   8.574   1.00 35.58 ? 38  PRO A CD  1 
ATOM   354 N  N   . MET A 1 45  ? -6.908  1.527   9.430   1.00 33.53 ? 39  MET A N   1 
ATOM   355 C  CA  . MET A 1 45  ? -6.443  0.137   9.433   1.00 32.27 ? 39  MET A CA  1 
ATOM   356 C  C   . MET A 1 45  ? -5.063  -0.006  8.846   1.00 31.25 ? 39  MET A C   1 
ATOM   357 O  O   . MET A 1 45  ? -4.216  -0.698  9.412   1.00 30.61 ? 39  MET A O   1 
ATOM   358 C  CB  . MET A 1 45  ? -7.420  -0.776  8.708   1.00 32.53 ? 39  MET A CB  1 
ATOM   359 C  CG  . MET A 1 45  ? -8.487  -1.427  9.596   0.20 32.92 ? 39  MET A CG  1 
ATOM   360 S  SD  . MET A 1 45  ? -7.871  -2.284  11.062  0.20 33.22 ? 39  MET A SD  1 
ATOM   361 C  CE  . MET A 1 45  ? -7.974  -1.000  12.310  0.20 32.95 ? 39  MET A CE  1 
ATOM   362 N  N   . ILE A 1 46  ? -4.817  0.666   7.721   1.00 30.62 ? 40  ILE A N   1 
ATOM   363 C  CA  . ILE A 1 46  ? -3.517  0.580   7.066   1.00 29.10 ? 40  ILE A CA  1 
ATOM   364 C  C   . ILE A 1 46  ? -2.400  1.151   7.966   1.00 30.18 ? 40  ILE A C   1 
ATOM   365 O  O   . ILE A 1 46  ? -1.266  0.655   7.964   1.00 29.47 ? 40  ILE A O   1 
ATOM   366 C  CB  . ILE A 1 46  ? -3.482  1.266   5.664   1.00 29.48 ? 40  ILE A CB  1 
ATOM   367 C  CG1 . ILE A 1 46  ? -4.598  0.718   4.725   1.00 28.76 ? 40  ILE A CG1 1 
ATOM   368 C  CG2 . ILE A 1 46  ? -2.105  1.121   5.063   1.00 26.44 ? 40  ILE A CG2 1 
ATOM   369 C  CD1 . ILE A 1 46  ? -4.615  -0.775  4.551   1.00 27.57 ? 40  ILE A CD1 1 
ATOM   370 N  N   . GLU A 1 47  ? -2.735  2.183   8.744   1.00 30.83 ? 41  GLU A N   1 
ATOM   371 C  CA  . GLU A 1 47  ? -1.718  2.823   9.615   1.00 31.78 ? 41  GLU A CA  1 
ATOM   372 C  C   . GLU A 1 47  ? -1.308  1.867   10.705  1.00 31.26 ? 41  GLU A C   1 
ATOM   373 O  O   . GLU A 1 47  ? -0.138  1.777   11.072  1.00 32.67 ? 41  GLU A O   1 
ATOM   374 C  CB  . GLU A 1 47  ? -2.280  4.094   10.268  1.00 32.12 ? 41  GLU A CB  1 
ATOM   375 C  CG  . GLU A 1 47  ? -2.612  5.215   9.274   1.00 36.43 ? 41  GLU A CG  1 
ATOM   376 C  CD  . GLU A 1 47  ? -1.382  5.922   8.758   1.00 41.25 ? 41  GLU A CD  1 
ATOM   377 O  OE1 . GLU A 1 47  ? -0.258  5.428   9.001   1.00 45.99 ? 41  GLU A OE1 1 
ATOM   378 O  OE2 . GLU A 1 47  ? -1.528  6.995   8.128   1.00 43.46 ? 41  GLU A OE2 1 
ATOM   379 N  N   . LYS A 1 48  ? -2.299  1.170   11.221  1.00 31.33 ? 42  LYS A N   1 
ATOM   380 C  CA  . LYS A 1 48  ? -2.139  0.208   12.298  1.00 31.59 ? 42  LYS A CA  1 
ATOM   381 C  C   . LYS A 1 48  ? -1.353  -0.993  11.797  1.00 31.72 ? 42  LYS A C   1 
ATOM   382 O  O   . LYS A 1 48  ? -0.331  -1.367  12.401  1.00 30.33 ? 42  LYS A O   1 
ATOM   383 C  CB  . LYS A 1 48  ? -3.522  -0.193  12.792  1.00 31.59 ? 42  LYS A CB  1 
ATOM   384 C  CG  . LYS A 1 48  ? -3.581  -1.315  13.839  1.00 34.41 ? 42  LYS A CG  1 
ATOM   385 C  CD  . LYS A 1 48  ? -4.963  -1.968  13.797  0.50 37.06 ? 42  LYS A CD  1 
ATOM   386 C  CE  . LYS A 1 48  ? -5.196  -2.915  14.961  0.50 37.95 ? 42  LYS A CE  1 
ATOM   387 N  NZ  . LYS A 1 48  ? -6.390  -3.784  14.733  0.50 39.65 ? 42  LYS A NZ  1 
ATOM   388 N  N   . PHE A 1 49  ? -1.783  -1.572  10.663  1.00 30.48 ? 43  PHE A N   1 
ATOM   389 C  CA  . PHE A 1 49  ? -0.991  -2.626  10.025  1.00 30.70 ? 43  PHE A CA  1 
ATOM   390 C  C   . PHE A 1 49  ? 0.483   -2.254  9.875   1.00 29.83 ? 43  PHE A C   1 
ATOM   391 O  O   . PHE A 1 49  ? 1.344   -3.116  10.057  1.00 30.57 ? 43  PHE A O   1 
ATOM   392 C  CB  . PHE A 1 49  ? -1.568  -3.096  8.672   1.00 29.81 ? 43  PHE A CB  1 
ATOM   393 C  CG  . PHE A 1 49  ? -3.010  -3.542  8.730   1.00 31.54 ? 43  PHE A CG  1 
ATOM   394 C  CD1 . PHE A 1 49  ? -3.563  -4.064  9.902   1.00 32.84 ? 43  PHE A CD1 1 
ATOM   395 C  CD2 . PHE A 1 49  ? -3.811  -3.459  7.599   1.00 31.11 ? 43  PHE A CD2 1 
ATOM   396 C  CE1 . PHE A 1 49  ? -4.895  -4.482  9.940   1.00 31.93 ? 43  PHE A CE1 1 
ATOM   397 C  CE2 . PHE A 1 49  ? -5.135  -3.873  7.629   1.00 32.33 ? 43  PHE A CE2 1 
ATOM   398 C  CZ  . PHE A 1 49  ? -5.677  -4.390  8.806   1.00 33.31 ? 43  PHE A CZ  1 
ATOM   399 N  N   . SER A 1 50  ? 0.795   -0.996  9.548   1.00 30.23 ? 44  SER A N   1 
ATOM   400 C  CA  . SER A 1 50  ? 2.196   -0.613  9.300   1.00 30.09 ? 44  SER A CA  1 
ATOM   401 C  C   . SER A 1 50  ? 3.058   -0.820  10.558  1.00 30.45 ? 44  SER A C   1 
ATOM   402 O  O   . SER A 1 50  ? 4.243   -1.162  10.485  1.00 30.50 ? 44  SER A O   1 
ATOM   403 C  CB  . SER A 1 50  ? 2.346   0.836   8.825   1.00 31.21 ? 44  SER A CB  1 
ATOM   404 O  OG  . SER A 1 50  ? 2.031   1.803   9.834   1.00 31.62 ? 44  SER A OG  1 
ATOM   405 N  N   . GLU A 1 51  ? 2.440   -0.573  11.699  1.00 30.33 ? 45  GLU A N   1 
ATOM   406 C  CA  . GLU A 1 51  ? 3.097   -0.792  12.983  1.00 31.51 ? 45  GLU A CA  1 
ATOM   407 C  C   . GLU A 1 51  ? 2.894   -2.211  13.524  1.00 32.51 ? 45  GLU A C   1 
ATOM   408 O  O   . GLU A 1 51  ? 3.629   -2.627  14.417  1.00 33.58 ? 45  GLU A O   1 
ATOM   409 C  CB  . GLU A 1 51  ? 2.672   0.289   13.980  1.00 31.14 ? 45  GLU A CB  1 
ATOM   410 C  CG  . GLU A 1 51  ? 3.270   1.625   13.638  1.00 28.20 ? 45  GLU A CG  1 
ATOM   411 C  CD  . GLU A 1 51  ? 3.002   2.694   14.691  1.00 27.77 ? 45  GLU A CD  1 
ATOM   412 O  OE1 . GLU A 1 51  ? 1.986   2.647   15.421  1.00 26.82 ? 45  GLU A OE1 1 
ATOM   413 O  OE2 . GLU A 1 51  ? 3.814   3.627   14.764  1.00 27.60 ? 45  GLU A OE2 1 
ATOM   414 N  N   . GLN A 1 52  ? 1.942   -2.967  12.969  1.00 33.44 ? 46  GLN A N   1 
ATOM   415 C  CA  . GLN A 1 52  ? 1.795   -4.402  13.291  1.00 33.61 ? 46  GLN A CA  1 
ATOM   416 C  C   . GLN A 1 52  ? 2.733   -5.325  12.527  1.00 33.89 ? 46  GLN A C   1 
ATOM   417 O  O   . GLN A 1 52  ? 3.062   -6.422  13.017  1.00 33.97 ? 46  GLN A O   1 
ATOM   418 C  CB  . GLN A 1 52  ? 0.367   -4.888  13.056  1.00 34.79 ? 46  GLN A CB  1 
ATOM   419 C  CG  . GLN A 1 52  ? -0.646  -4.425  14.096  1.00 36.39 ? 46  GLN A CG  1 
ATOM   420 C  CD  . GLN A 1 52  ? -2.029  -4.942  13.812  1.00 40.82 ? 46  GLN A CD  1 
ATOM   421 O  OE1 . GLN A 1 52  ? -2.981  -4.598  14.508  1.00 44.87 ? 46  GLN A OE1 1 
ATOM   422 N  NE2 . GLN A 1 52  ? -2.155  -5.777  12.785  1.00 41.11 ? 46  GLN A NE2 1 
ATOM   423 N  N   . TYR A 1 53  ? 3.148   -4.913  11.322  1.00 33.31 ? 47  TYR A N   1 
ATOM   424 C  CA  . TYR A 1 53  ? 4.092   -5.690  10.513  1.00 33.21 ? 47  TYR A CA  1 
ATOM   425 C  C   . TYR A 1 53  ? 5.336   -4.867  10.199  1.00 32.48 ? 47  TYR A C   1 
ATOM   426 O  O   . TYR A 1 53  ? 5.491   -4.396  9.076   1.00 32.59 ? 47  TYR A O   1 
ATOM   427 C  CB  . TYR A 1 53  ? 3.425   -6.191  9.219   1.00 33.63 ? 47  TYR A CB  1 
ATOM   428 C  CG  . TYR A 1 53  ? 2.271   -7.146  9.456   1.00 34.89 ? 47  TYR A CG  1 
ATOM   429 C  CD1 . TYR A 1 53  ? 2.471   -8.540  9.469   1.00 34.93 ? 47  TYR A CD1 1 
ATOM   430 C  CD2 . TYR A 1 53  ? 0.986   -6.667  9.686   1.00 34.40 ? 47  TYR A CD2 1 
ATOM   431 C  CE1 . TYR A 1 53  ? 1.394   -9.424  9.710   1.00 35.04 ? 47  TYR A CE1 1 
ATOM   432 C  CE2 . TYR A 1 53  ? -0.078  -7.530  9.924   1.00 35.58 ? 47  TYR A CE2 1 
ATOM   433 C  CZ  . TYR A 1 53  ? 0.131   -8.902  9.929   1.00 35.13 ? 47  TYR A CZ  1 
ATOM   434 O  OH  . TYR A 1 53  ? -0.951  -9.731  10.154  1.00 38.35 ? 47  TYR A OH  1 
ATOM   435 N  N   . PRO A 1 54  ? 6.230   -4.661  11.191  1.00 32.39 ? 48  PRO A N   1 
ATOM   436 C  CA  . PRO A 1 54  ? 7.441   -3.837  11.000  1.00 31.48 ? 48  PRO A CA  1 
ATOM   437 C  C   . PRO A 1 54  ? 8.421   -4.436  9.995   1.00 31.04 ? 48  PRO A C   1 
ATOM   438 O  O   . PRO A 1 54  ? 9.323   -3.734  9.486   1.00 30.54 ? 48  PRO A O   1 
ATOM   439 C  CB  . PRO A 1 54  ? 8.078   -3.814  12.404  1.00 32.55 ? 48  PRO A CB  1 
ATOM   440 C  CG  . PRO A 1 54  ? 7.551   -5.021  13.069  1.00 31.65 ? 48  PRO A CG  1 
ATOM   441 C  CD  . PRO A 1 54  ? 6.148   -5.178  12.573  1.00 33.05 ? 48  PRO A CD  1 
ATOM   442 N  N   . GLN A 1 55  ? 8.266   -5.727  9.695   1.00 28.99 ? 49  GLN A N   1 
ATOM   443 C  CA  . GLN A 1 55  ? 9.126   -6.335  8.695   1.00 29.78 ? 49  GLN A CA  1 
ATOM   444 C  C   . GLN A 1 55  ? 8.732   -6.009  7.236   1.00 28.82 ? 49  GLN A C   1 
ATOM   445 O  O   . GLN A 1 55  ? 9.494   -6.304  6.293   1.00 28.85 ? 49  GLN A O   1 
ATOM   446 C  CB  . GLN A 1 55  ? 9.211   -7.851  8.904   1.00 30.14 ? 49  GLN A CB  1 
ATOM   447 C  CG  . GLN A 1 55  ? 7.935   -8.647  8.531   1.00 32.19 ? 49  GLN A CG  1 
ATOM   448 C  CD  . GLN A 1 55  ? 6.914   -8.720  9.639   1.00 35.58 ? 49  GLN A CD  1 
ATOM   449 O  OE1 . GLN A 1 55  ? 6.725   -7.775  10.415  1.00 35.95 ? 49  GLN A OE1 1 
ATOM   450 N  NE2 . GLN A 1 55  ? 6.230   -9.858  9.722   1.00 37.11 ? 49  GLN A NE2 1 
ATOM   451 N  N   . ALA A 1 56  ? 7.558   -5.397  7.058   1.00 28.13 ? 50  ALA A N   1 
ATOM   452 C  CA  . ALA A 1 56  ? 7.111   -4.975  5.709   1.00 26.59 ? 50  ALA A CA  1 
ATOM   453 C  C   . ALA A 1 56  ? 7.245   -3.444  5.573   1.00 25.64 ? 50  ALA A C   1 
ATOM   454 O  O   . ALA A 1 56  ? 7.105   -2.742  6.576   1.00 25.77 ? 50  ALA A O   1 
ATOM   455 C  CB  . ALA A 1 56  ? 5.677   -5.389  5.494   1.00 26.24 ? 50  ALA A CB  1 
ATOM   456 N  N   . ASP A 1 57  ? 7.511   -2.934  4.376   1.00 23.52 ? 51  ASP A N   1 
ATOM   457 C  CA  . ASP A 1 57  ? 7.529   -1.483  4.163   1.00 23.67 ? 51  ASP A CA  1 
ATOM   458 C  C   . ASP A 1 57  ? 6.173   -1.069  3.613   1.00 23.27 ? 51  ASP A C   1 
ATOM   459 O  O   . ASP A 1 57  ? 5.709   -1.653  2.594   1.00 22.72 ? 51  ASP A O   1 
ATOM   460 C  CB  . ASP A 1 57  ? 8.532   -1.094  3.077   1.00 22.66 ? 51  ASP A CB  1 
ATOM   461 C  CG  . ASP A 1 57  ? 9.977   -1.233  3.504   1.00 27.28 ? 51  ASP A CG  1 
ATOM   462 O  OD1 . ASP A 1 57  ? 10.250  -1.489  4.677   1.00 26.86 ? 51  ASP A OD1 1 
ATOM   463 O  OD2 . ASP A 1 57  ? 10.831  -1.080  2.621   1.00 31.81 ? 51  ASP A OD2 1 
ATOM   464 N  N   . PHE A 1 58  ? 5.611   -0.031  4.203   1.00 22.35 ? 52  PHE A N   1 
ATOM   465 C  CA  . PHE A 1 58  ? 4.271   0.488   3.801   1.00 21.45 ? 52  PHE A CA  1 
ATOM   466 C  C   . PHE A 1 58  ? 4.355   1.841   3.132   1.00 21.54 ? 52  PHE A C   1 
ATOM   467 O  O   . PHE A 1 58  ? 5.047   2.775   3.602   1.00 20.29 ? 52  PHE A O   1 
ATOM   468 C  CB  . PHE A 1 58  ? 3.356   0.594   5.037   1.00 21.89 ? 52  PHE A CB  1 
ATOM   469 C  CG  . PHE A 1 58  ? 2.840   -0.739  5.544   1.00 22.99 ? 52  PHE A CG  1 
ATOM   470 C  CD1 . PHE A 1 58  ? 3.691   -1.645  6.189   1.00 24.69 ? 52  PHE A CD1 1 
ATOM   471 C  CD2 . PHE A 1 58  ? 1.490   -1.083  5.392   1.00 22.38 ? 52  PHE A CD2 1 
ATOM   472 C  CE1 . PHE A 1 58  ? 3.219   -2.874  6.663   1.00 23.02 ? 52  PHE A CE1 1 
ATOM   473 C  CE2 . PHE A 1 58  ? 1.015   -2.290  5.855   1.00 24.43 ? 52  PHE A CE2 1 
ATOM   474 C  CZ  . PHE A 1 58  ? 1.886   -3.196  6.497   1.00 25.33 ? 52  PHE A CZ  1 
ATOM   475 N  N   . TYR A 1 59  ? 3.599   1.986   2.051   1.00 19.82 ? 53  TYR A N   1 
ATOM   476 C  CA  . TYR A 1 59  ? 3.597   3.236   1.299   1.00 19.39 ? 53  TYR A CA  1 
ATOM   477 C  C   . TYR A 1 59  ? 2.161   3.524   0.904   1.00 19.06 ? 53  TYR A C   1 
ATOM   478 O  O   . TYR A 1 59  ? 1.301   2.604   0.954   1.00 18.27 ? 53  TYR A O   1 
ATOM   479 C  CB  . TYR A 1 59  ? 4.395   3.085   0.021   1.00 19.92 ? 53  TYR A CB  1 
ATOM   480 C  CG  . TYR A 1 59  ? 5.886   2.943   0.215   1.00 23.97 ? 53  TYR A CG  1 
ATOM   481 C  CD1 . TYR A 1 59  ? 6.466   1.688   0.363   1.00 25.53 ? 53  TYR A CD1 1 
ATOM   482 C  CD2 . TYR A 1 59  ? 6.714   4.073   0.255   1.00 26.82 ? 53  TYR A CD2 1 
ATOM   483 C  CE1 . TYR A 1 59  ? 7.850   1.545   0.533   1.00 27.81 ? 53  TYR A CE1 1 
ATOM   484 C  CE2 . TYR A 1 59  ? 8.091   3.941   0.419   1.00 29.31 ? 53  TYR A CE2 1 
ATOM   485 C  CZ  . TYR A 1 59  ? 8.646   2.669   0.543   1.00 27.90 ? 53  TYR A CZ  1 
ATOM   486 O  OH  . TYR A 1 59  ? 10.010  2.537   0.726   1.00 29.07 ? 53  TYR A OH  1 
ATOM   487 N  N   . LYS A 1 60  ? 1.926   4.773   0.483   1.00 17.86 ? 54  LYS A N   1 
ATOM   488 C  CA  . LYS A 1 60  ? 0.634   5.160   -0.098  1.00 19.23 ? 54  LYS A CA  1 
ATOM   489 C  C   . LYS A 1 60  ? 0.906   5.983   -1.352  1.00 18.35 ? 54  LYS A C   1 
ATOM   490 O  O   . LYS A 1 60  ? 1.970   6.598   -1.499  1.00 17.80 ? 54  LYS A O   1 
ATOM   491 C  CB  . LYS A 1 60  ? -0.262  5.906   0.902   1.00 19.12 ? 54  LYS A CB  1 
ATOM   492 C  CG  . LYS A 1 60  ? 0.377   7.136   1.575   1.00 21.05 ? 54  LYS A CG  1 
ATOM   493 C  CD  . LYS A 1 60  ? -0.585  7.755   2.575   1.00 22.24 ? 54  LYS A CD  1 
ATOM   494 C  CE  . LYS A 1 60  ? 0.031   8.898   3.312   1.00 26.99 ? 54  LYS A CE  1 
ATOM   495 N  NZ  . LYS A 1 60  ? -1.010  9.486   4.198   1.00 24.88 ? 54  LYS A NZ  1 
ATOM   496 N  N   . LEU A 1 61  ? -0.075  5.992   -2.252  1.00 17.62 ? 55  LEU A N   1 
ATOM   497 C  CA  . LEU A 1 61  ? 0.069   6.643   -3.500  1.00 17.75 ? 55  LEU A CA  1 
ATOM   498 C  C   . LEU A 1 61  ? -1.249  7.311   -3.881  1.00 18.25 ? 55  LEU A C   1 
ATOM   499 O  O   . LEU A 1 61  ? -2.300  6.654   -3.981  1.00 17.33 ? 55  LEU A O   1 
ATOM   500 C  CB  . LEU A 1 61  ? 0.554   5.658   -4.585  1.00 17.41 ? 55  LEU A CB  1 
ATOM   501 C  CG  . LEU A 1 61  ? 0.836   6.148   -6.010  1.00 18.49 ? 55  LEU A CG  1 
ATOM   502 C  CD1 . LEU A 1 61  ? 1.861   5.259   -6.763  1.00 17.62 ? 55  LEU A CD1 1 
ATOM   503 C  CD2 . LEU A 1 61  ? -0.478  6.258   -6.812  1.00 17.11 ? 55  LEU A CD2 1 
ATOM   504 N  N   . ASP A 1 62  ? -1.145  8.616   -4.128  1.00 17.69 ? 56  ASP A N   1 
ATOM   505 C  CA  . ASP A 1 62  ? -2.287  9.454   -4.507  1.00 19.96 ? 56  ASP A CA  1 
ATOM   506 C  C   . ASP A 1 62  ? -2.442  9.389   -6.003  1.00 20.15 ? 56  ASP A C   1 
ATOM   507 O  O   . ASP A 1 62  ? -1.623  9.932   -6.789  1.00 20.72 ? 56  ASP A O   1 
ATOM   508 C  CB  . ASP A 1 62  ? -2.108  10.900  -4.005  1.00 19.80 ? 56  ASP A CB  1 
ATOM   509 C  CG  . ASP A 1 62  ? -3.367  11.785  -4.246  1.00 22.61 ? 56  ASP A CG  1 
ATOM   510 O  OD1 . ASP A 1 62  ? -4.177  11.483  -5.147  1.00 23.25 ? 56  ASP A OD1 1 
ATOM   511 O  OD2 . ASP A 1 62  ? -3.535  12.774  -3.505  1.00 22.49 ? 56  ASP A OD2 1 
ATOM   512 N  N   . VAL A 1 63  ? -3.523  8.746   -6.425  1.00 20.67 ? 57  VAL A N   1 
ATOM   513 C  CA  . VAL A 1 63  ? -3.732  8.544   -7.841  1.00 20.86 ? 57  VAL A CA  1 
ATOM   514 C  C   . VAL A 1 63  ? -3.984  9.873   -8.601  1.00 22.13 ? 57  VAL A C   1 
ATOM   515 O  O   . VAL A 1 63  ? -3.851  9.893   -9.818  1.00 23.16 ? 57  VAL A O   1 
ATOM   516 C  CB  . VAL A 1 63  ? -4.852  7.506   -8.163  1.00 20.08 ? 57  VAL A CB  1 
ATOM   517 C  CG1 . VAL A 1 63  ? -4.512  6.119   -7.555  1.00 18.06 ? 57  VAL A CG1 1 
ATOM   518 C  CG2 . VAL A 1 63  ? -6.192  8.013   -7.708  1.00 19.58 ? 57  VAL A CG2 1 
ATOM   519 N  N   . ASP A 1 64  ? -4.344  10.939  -7.881  1.00 23.25 ? 58  ASP A N   1 
ATOM   520 C  CA  . ASP A 1 64  ? -4.410  12.284  -8.476  1.00 25.31 ? 58  ASP A CA  1 
ATOM   521 C  C   . ASP A 1 64  ? -3.004  12.841  -8.758  1.00 25.62 ? 58  ASP A C   1 
ATOM   522 O  O   . ASP A 1 64  ? -2.837  13.687  -9.653  1.00 27.29 ? 58  ASP A O   1 
ATOM   523 C  CB  . ASP A 1 64  ? -5.172  13.237  -7.557  1.00 26.27 ? 58  ASP A CB  1 
ATOM   524 C  CG  . ASP A 1 64  ? -6.688  13.161  -7.752  1.00 30.10 ? 58  ASP A CG  1 
ATOM   525 O  OD1 . ASP A 1 64  ? -7.172  12.391  -8.634  1.00 32.15 ? 58  ASP A OD1 1 
ATOM   526 O  OD2 . ASP A 1 64  ? -7.387  13.880  -6.989  1.00 34.02 ? 58  ASP A OD2 1 
ATOM   527 N  N   . GLU A 1 65  ? -1.994  12.347  -8.026  1.00 23.69 ? 59  GLU A N   1 
ATOM   528 C  CA  . GLU A 1 65  ? -0.607  12.779  -8.218  1.00 23.42 ? 59  GLU A CA  1 
ATOM   529 C  C   . GLU A 1 65  ? 0.204   11.867  -9.086  1.00 23.21 ? 59  GLU A C   1 
ATOM   530 O  O   . GLU A 1 65  ? 1.018   12.350  -9.892  1.00 22.32 ? 59  GLU A O   1 
ATOM   531 C  CB  . GLU A 1 65  ? 0.136   12.948  -6.905  1.00 23.37 ? 59  GLU A CB  1 
ATOM   532 C  CG  . GLU A 1 65  ? -0.421  13.989  -5.981  1.00 26.06 ? 59  GLU A CG  1 
ATOM   533 C  CD  . GLU A 1 65  ? 0.378   14.033  -4.701  1.00 30.24 ? 59  GLU A CD  1 
ATOM   534 O  OE1 . GLU A 1 65  ? 1.293   13.186  -4.548  1.00 31.20 ? 59  GLU A OE1 1 
ATOM   535 O  OE2 . GLU A 1 65  ? 0.077   14.881  -3.840  1.00 33.93 ? 59  GLU A OE2 1 
ATOM   536 N  N   . LEU A 1 66  ? -0.007  10.555  -8.931  1.00 21.66 ? 60  LEU A N   1 
ATOM   537 C  CA  . LEU A 1 66  ? 0.716   9.561   -9.719  1.00 21.53 ? 60  LEU A CA  1 
ATOM   538 C  C   . LEU A 1 66  ? -0.263  8.632   -10.467 1.00 22.44 ? 60  LEU A C   1 
ATOM   539 O  O   . LEU A 1 66  ? -0.111  7.422   -10.427 1.00 20.61 ? 60  LEU A O   1 
ATOM   540 C  CB  . LEU A 1 66  ? 1.656   8.729   -8.825  1.00 21.48 ? 60  LEU A CB  1 
ATOM   541 C  CG  . LEU A 1 66  ? 2.827   9.533   -8.232  1.00 20.19 ? 60  LEU A CG  1 
ATOM   542 C  CD1 . LEU A 1 66  ? 3.540   8.727   -7.151  1.00 18.97 ? 60  LEU A CD1 1 
ATOM   543 C  CD2 . LEU A 1 66  ? 3.796   9.983   -9.342  1.00 22.71 ? 60  LEU A CD2 1 
ATOM   544 N  N   . GLY A 1 67  ? -1.241  9.224   -11.163 1.00 23.76 ? 61  GLY A N   1 
ATOM   545 C  CA  . GLY A 1 67  ? -2.212  8.467   -11.969 1.00 24.98 ? 61  GLY A CA  1 
ATOM   546 C  C   . GLY A 1 67  ? -1.533  7.606   -13.020 1.00 25.68 ? 61  GLY A C   1 
ATOM   547 O  O   . GLY A 1 67  ? -2.059  6.541   -13.423 1.00 26.57 ? 61  GLY A O   1 
ATOM   548 N  N   . ASP A 1 68  ? -0.377  8.068   -13.490 1.00 25.42 ? 62  ASP A N   1 
ATOM   549 C  CA  . ASP A 1 68  ? 0.484   7.257   -14.351 1.00 25.09 ? 62  ASP A CA  1 
ATOM   550 C  C   . ASP A 1 68  ? 0.951   5.913   -13.771 1.00 24.98 ? 62  ASP A C   1 
ATOM   551 O  O   . ASP A 1 68  ? 0.908   4.890   -14.466 1.00 23.77 ? 62  ASP A O   1 
ATOM   552 C  CB  . ASP A 1 68  ? 1.729   8.046   -14.815 1.00 26.99 ? 62  ASP A CB  1 
ATOM   553 C  CG  . ASP A 1 68  ? 2.585   8.549   -13.670 1.00 28.30 ? 62  ASP A CG  1 
ATOM   554 O  OD1 . ASP A 1 68  ? 2.010   9.020   -12.688 1.00 28.40 ? 62  ASP A OD1 1 
ATOM   555 O  OD2 . ASP A 1 68  ? 3.844   8.499   -13.752 1.00 30.43 ? 62  ASP A OD2 1 
ATOM   556 N  N   . VAL A 1 69  ? 1.499   5.943   -12.555 1.00 22.26 ? 63  VAL A N   1 
ATOM   557 C  CA  . VAL A 1 69  ? 1.840   4.719   -11.840 1.00 21.61 ? 63  VAL A CA  1 
ATOM   558 C  C   . VAL A 1 69  ? 0.584   3.824   -11.701 1.00 21.23 ? 63  VAL A C   1 
ATOM   559 O  O   . VAL A 1 69  ? 0.649   2.591   -11.941 1.00 20.80 ? 63  VAL A O   1 
ATOM   560 C  CB  . VAL A 1 69  ? 2.423   5.035   -10.464 1.00 21.79 ? 63  VAL A CB  1 
ATOM   561 C  CG1 . VAL A 1 69  ? 2.719   3.714   -9.679  1.00 21.38 ? 63  VAL A CG1 1 
ATOM   562 C  CG2 . VAL A 1 69  ? 3.699   5.824   -10.621 1.00 21.13 ? 63  VAL A CG2 1 
ATOM   563 N  N   . ALA A 1 70  ? -0.555  4.445   -11.368 1.00 21.65 ? 64  ALA A N   1 
ATOM   564 C  CA  . ALA A 1 70  ? -1.834  3.733   -11.208 1.00 21.85 ? 64  ALA A CA  1 
ATOM   565 C  C   . ALA A 1 70  ? -2.209  3.043   -12.511 1.00 23.44 ? 64  ALA A C   1 
ATOM   566 O  O   . ALA A 1 70  ? -2.637  1.872   -12.528 1.00 23.75 ? 64  ALA A O   1 
ATOM   567 C  CB  . ALA A 1 70  ? -2.957  4.708   -10.791 1.00 23.43 ? 64  ALA A CB  1 
ATOM   568 N  N   . GLN A 1 71  ? -2.043  3.770   -13.616 1.00 23.56 ? 65  GLN A N   1 
ATOM   569 C  CA  . GLN A 1 71  ? -2.339  3.217   -14.944 1.00 25.39 ? 65  GLN A CA  1 
ATOM   570 C  C   . GLN A 1 71  ? -1.443  2.041   -15.291 1.00 24.35 ? 65  GLN A C   1 
ATOM   571 O  O   . GLN A 1 71  ? -1.955  0.998   -15.749 1.00 24.79 ? 65  GLN A O   1 
ATOM   572 C  CB  . GLN A 1 71  ? -2.283  4.306   -16.017 1.00 26.01 ? 65  GLN A CB  1 
ATOM   573 C  CG  . GLN A 1 71  ? -2.882  3.876   -17.387 1.00 30.81 ? 65  GLN A CG  1 
ATOM   574 C  CD  . GLN A 1 71  ? -1.899  3.136   -18.297 1.00 36.40 ? 65  GLN A CD  1 
ATOM   575 O  OE1 . GLN A 1 71  ? -0.672  3.237   -18.157 1.00 38.18 ? 65  GLN A OE1 1 
ATOM   576 N  NE2 . GLN A 1 71  ? -2.448  2.376   -19.253 1.00 37.11 ? 65  GLN A NE2 1 
ATOM   577 N  N   . LYS A 1 72  ? -0.130  2.150   -15.040 1.00 23.52 ? 66  LYS A N   1 
ATOM   578 C  CA  . LYS A 1 72  ? 0.782   1.033   -15.337 1.00 24.40 ? 66  LYS A CA  1 
ATOM   579 C  C   . LYS A 1 72  ? 0.488   -0.218  -14.494 1.00 22.82 ? 66  LYS A C   1 
ATOM   580 O  O   . LYS A 1 72  ? 0.686   -1.368  -14.941 1.00 22.39 ? 66  LYS A O   1 
ATOM   581 C  CB  . LYS A 1 72  ? 2.256   1.419   -15.130 1.00 25.11 ? 66  LYS A CB  1 
ATOM   582 C  CG  . LYS A 1 72  ? 2.849   2.433   -16.180 1.00 28.49 ? 66  LYS A CG  1 
ATOM   583 C  CD  . LYS A 1 72  ? 4.289   2.065   -16.499 0.50 29.58 ? 66  LYS A CD  1 
ATOM   584 C  CE  . LYS A 1 72  ? 4.809   2.804   -17.719 0.50 29.88 ? 66  LYS A CE  1 
ATOM   585 N  NZ  . LYS A 1 72  ? 5.052   4.248   -17.449 0.50 30.19 ? 66  LYS A NZ  1 
ATOM   586 N  N   . ASN A 1 73  ? 0.008   0.008   -13.273 1.00 21.34 ? 67  ASN A N   1 
ATOM   587 C  CA  . ASN A 1 73  ? -0.297  -1.082  -12.352 1.00 20.36 ? 67  ASN A CA  1 
ATOM   588 C  C   . ASN A 1 73  ? -1.755  -1.500  -12.455 1.00 19.57 ? 67  ASN A C   1 
ATOM   589 O  O   . ASN A 1 73  ? -2.209  -2.296  -11.651 1.00 18.96 ? 67  ASN A O   1 
ATOM   590 C  CB  . ASN A 1 73  ? 0.052   -0.684  -10.917 1.00 20.05 ? 67  ASN A CB  1 
ATOM   591 C  CG  . ASN A 1 73  ? 1.576   -0.671  -10.676 1.00 21.13 ? 67  ASN A CG  1 
ATOM   592 O  OD1 . ASN A 1 73  ? 2.180   -1.705  -10.405 1.00 21.53 ? 67  ASN A OD1 1 
ATOM   593 N  ND2 . ASN A 1 73  ? 2.203   0.483   -10.842 1.00 21.74 ? 67  ASN A ND2 1 
ATOM   594 N  N   . GLU A 1 74  ? -2.480  -0.950  -13.441 1.00 18.39 ? 68  GLU A N   1 
ATOM   595 C  CA  . GLU A 1 74  ? -3.887  -1.329  -13.683 1.00 18.82 ? 68  GLU A CA  1 
ATOM   596 C  C   . GLU A 1 74  ? -4.718  -1.207  -12.422 1.00 18.97 ? 68  GLU A C   1 
ATOM   597 O  O   . GLU A 1 74  ? -5.519  -2.056  -12.067 1.00 18.42 ? 68  GLU A O   1 
ATOM   598 C  CB  . GLU A 1 74  ? -3.952  -2.743  -14.297 1.00 20.33 ? 68  GLU A CB  1 
ATOM   599 C  CG  . GLU A 1 74  ? -3.281  -2.744  -15.658 1.00 18.22 ? 68  GLU A CG  1 
ATOM   600 C  CD  . GLU A 1 74  ? -2.724  -4.109  -16.084 1.00 22.31 ? 68  GLU A CD  1 
ATOM   601 O  OE1 . GLU A 1 74  ? -3.186  -5.186  -15.604 1.00 22.24 ? 68  GLU A OE1 1 
ATOM   602 O  OE2 . GLU A 1 74  ? -1.779  -4.084  -16.912 1.00 22.19 ? 68  GLU A OE2 1 
ATOM   603 N  N   . VAL A 1 75  ? -4.559  -0.080  -11.731 1.00 19.02 ? 69  VAL A N   1 
ATOM   604 C  CA  . VAL A 1 75  ? -5.452  0.205   -10.616 1.00 20.32 ? 69  VAL A CA  1 
ATOM   605 C  C   . VAL A 1 75  ? -6.659  0.958   -11.090 1.00 21.72 ? 69  VAL A C   1 
ATOM   606 O  O   . VAL A 1 75  ? -6.516  2.002   -11.719 1.00 21.87 ? 69  VAL A O   1 
ATOM   607 C  CB  . VAL A 1 75  ? -4.716  1.049   -9.577  1.00 20.79 ? 69  VAL A CB  1 
ATOM   608 C  CG1 . VAL A 1 75  ? -5.674  1.468   -8.436  1.00 20.46 ? 69  VAL A CG1 1 
ATOM   609 C  CG2 . VAL A 1 75  ? -3.525  0.224   -9.072  1.00 21.10 ? 69  VAL A CG2 1 
ATOM   610 N  N   . SER A 1 76  ? -7.843  0.430   -10.773 1.00 22.92 ? 70  SER A N   1 
ATOM   611 C  CA  . SER A 1 76  ? -9.129  1.023   -11.163 1.00 24.75 ? 70  SER A CA  1 
ATOM   612 C  C   . SER A 1 76  ? -10.026 1.219   -9.939  1.00 24.59 ? 70  SER A C   1 
ATOM   613 O  O   . SER A 1 76  ? -10.374 2.322   -9.612  1.00 24.81 ? 70  SER A O   1 
ATOM   614 C  CB  . SER A 1 76  ? -9.813  0.135   -12.215 1.00 24.78 ? 70  SER A CB  1 
ATOM   615 O  OG  . SER A 1 76  ? -9.925  -1.202  -11.739 1.00 27.50 ? 70  SER A OG  1 
ATOM   616 N  N   . ALA A 1 77  ? -10.358 0.154   -9.230  1.00 25.43 ? 71  ALA A N   1 
ATOM   617 C  CA  . ALA A 1 77  ? -11.189 0.286   -8.048  1.00 25.20 ? 71  ALA A CA  1 
ATOM   618 C  C   . ALA A 1 77  ? -10.382 0.948   -6.955  1.00 24.86 ? 71  ALA A C   1 
ATOM   619 O  O   . ALA A 1 77  ? -9.146  0.862   -6.929  1.00 25.27 ? 71  ALA A O   1 
ATOM   620 C  CB  . ALA A 1 77  ? -11.684 -1.069  -7.558  1.00 26.72 ? 71  ALA A CB  1 
ATOM   621 N  N   . MET A 1 78  ? -11.085 1.572   -6.023  1.00 22.93 ? 72  MET A N   1 
ATOM   622 C  CA  . MET A 1 78  ? -10.425 2.356   -4.998  1.00 22.41 ? 72  MET A CA  1 
ATOM   623 C  C   . MET A 1 78  ? -11.116 2.067   -3.672  1.00 22.37 ? 72  MET A C   1 
ATOM   624 O  O   . MET A 1 78  ? -12.357 2.065   -3.603  1.00 22.94 ? 72  MET A O   1 
ATOM   625 C  CB  . MET A 1 78  ? -10.511 3.853   -5.339  1.00 22.70 ? 72  MET A CB  1 
ATOM   626 C  CG  . MET A 1 78  ? -9.905  4.236   -6.675  1.00 26.04 ? 72  MET A CG  1 
ATOM   627 S  SD  . MET A 1 78  ? -8.104  4.302   -6.463  1.00 32.14 ? 72  MET A SD  1 
ATOM   628 C  CE  . MET A 1 78  ? -8.084  5.579   -5.280  1.00 29.46 ? 72  MET A CE  1 
ATOM   629 N  N   . PRO A 1 79  ? -10.327 1.824   -2.607  1.00 22.18 ? 73  PRO A N   1 
ATOM   630 C  CA  . PRO A 1 79  ? -8.882  1.768   -2.644  1.00 21.09 ? 73  PRO A CA  1 
ATOM   631 C  C   . PRO A 1 79  ? -8.441  0.463   -3.293  1.00 20.01 ? 73  PRO A C   1 
ATOM   632 O  O   . PRO A 1 79  ? -9.248  -0.496  -3.402  1.00 19.07 ? 73  PRO A O   1 
ATOM   633 C  CB  . PRO A 1 79  ? -8.502  1.737   -1.169  1.00 22.56 ? 73  PRO A CB  1 
ATOM   634 C  CG  . PRO A 1 79  ? -9.601  1.135   -0.530  1.00 21.24 ? 73  PRO A CG  1 
ATOM   635 C  CD  . PRO A 1 79  ? -10.829 1.626   -1.228  1.00 20.90 ? 73  PRO A CD  1 
ATOM   636 N  N   . THR A 1 80  ? -7.186  0.429   -3.710  1.00 17.94 ? 74  THR A N   1 
ATOM   637 C  CA  . THR A 1 80  ? -6.575  -0.846  -4.084  1.00 17.35 ? 74  THR A CA  1 
ATOM   638 C  C   . THR A 1 80  ? -5.266  -0.952  -3.292  1.00 18.00 ? 74  THR A C   1 
ATOM   639 O  O   . THR A 1 80  ? -4.466  0.000   -3.240  1.00 18.14 ? 74  THR A O   1 
ATOM   640 C  CB  . THR A 1 80  ? -6.269  -0.941  -5.594  1.00 18.54 ? 74  THR A CB  1 
ATOM   641 O  OG1 . THR A 1 80  ? -7.485  -1.064  -6.346  1.00 17.58 ? 74  THR A OG1 1 
ATOM   642 C  CG2 . THR A 1 80  ? -5.376  -2.199  -5.898  1.00 16.83 ? 74  THR A CG2 1 
ATOM   643 N  N   . LEU A 1 81  ? -5.066  -2.093  -2.651  1.00 17.39 ? 75  LEU A N   1 
ATOM   644 C  CA  . LEU A 1 81  ? -3.846  -2.322  -1.915  1.00 17.09 ? 75  LEU A CA  1 
ATOM   645 C  C   . LEU A 1 81  ? -3.054  -3.308  -2.743  1.00 16.80 ? 75  LEU A C   1 
ATOM   646 O  O   . LEU A 1 81  ? -3.506  -4.477  -2.960  1.00 16.42 ? 75  LEU A O   1 
ATOM   647 C  CB  . LEU A 1 81  ? -4.177  -2.922  -0.534  1.00 17.54 ? 75  LEU A CB  1 
ATOM   648 C  CG  . LEU A 1 81  ? -4.347  -1.987  0.658   1.00 17.61 ? 75  LEU A CG  1 
ATOM   649 C  CD1 . LEU A 1 81  ? -3.000  -1.435  1.190   1.00 16.23 ? 75  LEU A CD1 1 
ATOM   650 C  CD2 . LEU A 1 81  ? -5.379  -0.892  0.336   1.00 17.55 ? 75  LEU A CD2 1 
ATOM   651 N  N   . LEU A 1 82  ? -1.921  -2.822  -3.263  1.00 15.54 ? 76  LEU A N   1 
ATOM   652 C  CA  . LEU A 1 82  ? -1.019  -3.680  -4.016  1.00 15.32 ? 76  LEU A CA  1 
ATOM   653 C  C   . LEU A 1 82  ? 0.163   -4.080  -3.143  1.00 17.48 ? 76  LEU A C   1 
ATOM   654 O  O   . LEU A 1 82  ? 0.806   -3.229  -2.539  1.00 18.51 ? 76  LEU A O   1 
ATOM   655 C  CB  . LEU A 1 82  ? -0.488  -2.970  -5.257  1.00 15.86 ? 76  LEU A CB  1 
ATOM   656 C  CG  . LEU A 1 82  ? -1.348  -2.757  -6.489  1.00 17.60 ? 76  LEU A CG  1 
ATOM   657 C  CD1 . LEU A 1 82  ? -0.411  -2.299  -7.653  1.00 22.60 ? 76  LEU A CD1 1 
ATOM   658 C  CD2 . LEU A 1 82  ? -2.108  -4.040  -6.852  1.00 19.25 ? 76  LEU A CD2 1 
ATOM   659 N  N   . LEU A 1 83  ? 0.466   -5.359  -3.133  1.00 17.04 ? 77  LEU A N   1 
ATOM   660 C  CA  . LEU A 1 83  ? 1.588   -5.895  -2.354  1.00 17.76 ? 77  LEU A CA  1 
ATOM   661 C  C   . LEU A 1 83  ? 2.629   -6.486  -3.323  1.00 18.42 ? 77  LEU A C   1 
ATOM   662 O  O   . LEU A 1 83  ? 2.279   -7.177  -4.295  1.00 18.04 ? 77  LEU A O   1 
ATOM   663 C  CB  . LEU A 1 83  ? 1.083   -6.983  -1.397  1.00 16.94 ? 77  LEU A CB  1 
ATOM   664 C  CG  . LEU A 1 83  ? 0.341   -6.574  -0.120  1.00 17.25 ? 77  LEU A CG  1 
ATOM   665 C  CD1 . LEU A 1 83  ? -0.937  -5.748  -0.280  1.00 18.97 ? 77  LEU A CD1 1 
ATOM   666 C  CD2 . LEU A 1 83  ? 0.005   -7.859  0.682   1.00 18.45 ? 77  LEU A CD2 1 
ATOM   667 N  N   . PHE A 1 84  ? 3.910   -6.202  -3.050  1.00 17.78 ? 78  PHE A N   1 
ATOM   668 C  CA  . PHE A 1 84  ? 4.992   -6.610  -3.914  1.00 18.62 ? 78  PHE A CA  1 
ATOM   669 C  C   . PHE A 1 84  ? 6.061   -7.279  -3.063  1.00 20.41 ? 78  PHE A C   1 
ATOM   670 O  O   . PHE A 1 84  ? 6.208   -6.976  -1.851  1.00 18.91 ? 78  PHE A O   1 
ATOM   671 C  CB  . PHE A 1 84  ? 5.643   -5.396  -4.587  1.00 18.69 ? 78  PHE A CB  1 
ATOM   672 C  CG  . PHE A 1 84  ? 4.694   -4.582  -5.457  1.00 17.82 ? 78  PHE A CG  1 
ATOM   673 C  CD1 . PHE A 1 84  ? 3.954   -3.553  -4.910  1.00 16.45 ? 78  PHE A CD1 1 
ATOM   674 C  CD2 . PHE A 1 84  ? 4.553   -4.880  -6.795  1.00 18.32 ? 78  PHE A CD2 1 
ATOM   675 C  CE1 . PHE A 1 84  ? 3.078   -2.815  -5.708  1.00 17.53 ? 78  PHE A CE1 1 
ATOM   676 C  CE2 . PHE A 1 84  ? 3.719   -4.148  -7.612  1.00 16.95 ? 78  PHE A CE2 1 
ATOM   677 C  CZ  . PHE A 1 84  ? 2.967   -3.131  -7.073  1.00 18.30 ? 78  PHE A CZ  1 
ATOM   678 N  N   . LYS A 1 85  ? 6.812   -8.149  -3.720  1.00 22.41 ? 79  LYS A N   1 
ATOM   679 C  CA  . LYS A 1 85  ? 8.042   -8.678  -3.135  1.00 25.14 ? 79  LYS A CA  1 
ATOM   680 C  C   . LYS A 1 85  ? 8.993   -8.927  -4.287  1.00 25.44 ? 79  LYS A C   1 
ATOM   681 O  O   . LYS A 1 85  ? 8.596   -9.453  -5.314  1.00 25.54 ? 79  LYS A O   1 
ATOM   682 C  CB  . LYS A 1 85  ? 7.752   -9.957  -2.355  1.00 24.93 ? 79  LYS A CB  1 
ATOM   683 C  CG  . LYS A 1 85  ? 8.947   -10.429 -1.535  1.00 29.27 ? 79  LYS A CG  1 
ATOM   684 C  CD  . LYS A 1 85  ? 8.619   -11.648 -0.693  1.00 31.45 ? 79  LYS A CD  1 
ATOM   685 C  CE  . LYS A 1 85  ? 7.627   -11.354 0.417   1.00 33.64 ? 79  LYS A CE  1 
ATOM   686 N  NZ  . LYS A 1 85  ? 7.212   -12.640 1.098   1.00 32.51 ? 79  LYS A NZ  1 
ATOM   687 N  N   . ASN A 1 86  ? 10.253  -8.515  -4.135  1.00 26.95 ? 80  ASN A N   1 
ATOM   688 C  CA  . ASN A 1 86  ? 11.232  -8.665  -5.199  1.00 28.05 ? 80  ASN A CA  1 
ATOM   689 C  C   . ASN A 1 86  ? 10.790  -8.223  -6.570  1.00 27.20 ? 80  ASN A C   1 
ATOM   690 O  O   . ASN A 1 86  ? 11.018  -8.935  -7.551  1.00 26.89 ? 80  ASN A O   1 
ATOM   691 C  CB  . ASN A 1 86  ? 11.691  -10.122 -5.270  1.00 29.28 ? 80  ASN A CB  1 
ATOM   692 C  CG  . ASN A 1 86  ? 12.711  -10.431 -4.249  1.00 32.65 ? 80  ASN A CG  1 
ATOM   693 O  OD1 . ASN A 1 86  ? 13.777  -9.825  -4.240  1.00 35.92 ? 80  ASN A OD1 1 
ATOM   694 N  ND2 . ASN A 1 86  ? 12.398  -11.375 -3.355  1.00 36.13 ? 80  ASN A ND2 1 
ATOM   695 N  N   . GLY A 1 87  ? 10.157  -7.048  -6.641  1.00 25.97 ? 81  GLY A N   1 
ATOM   696 C  CA  . GLY A 1 87  ? 9.801   -6.421  -7.907  1.00 25.41 ? 81  GLY A CA  1 
ATOM   697 C  C   . GLY A 1 87  ? 8.537   -6.957  -8.553  1.00 24.67 ? 81  GLY A C   1 
ATOM   698 O  O   . GLY A 1 87  ? 8.160   -6.549  -9.669  1.00 26.43 ? 81  GLY A O   1 
ATOM   699 N  N   . LYS A 1 88  ? 7.867   -7.875  -7.873  1.00 23.33 ? 82  LYS A N   1 
ATOM   700 C  CA  . LYS A 1 88  ? 6.692   -8.533  -8.459  1.00 21.08 ? 82  LYS A CA  1 
ATOM   701 C  C   . LYS A 1 88  ? 5.476   -8.409  -7.582  1.00 19.62 ? 82  LYS A C   1 
ATOM   702 O  O   . LYS A 1 88  ? 5.552   -8.583  -6.370  1.00 20.41 ? 82  LYS A O   1 
ATOM   703 C  CB  . LYS A 1 88  ? 6.974   -10.018 -8.708  1.00 21.68 ? 82  LYS A CB  1 
ATOM   704 C  CG  . LYS A 1 88  ? 7.906   -10.290 -9.857  1.00 23.93 ? 82  LYS A CG  1 
ATOM   705 C  CD  . LYS A 1 88  ? 7.257   -9.905  -11.178 1.00 28.11 ? 82  LYS A CD  1 
ATOM   706 C  CE  . LYS A 1 88  ? 8.296   -9.664  -12.242 1.00 29.25 ? 82  LYS A CE  1 
ATOM   707 N  NZ  . LYS A 1 88  ? 9.481   -8.884  -11.760 1.00 31.33 ? 82  LYS A NZ  1 
ATOM   708 N  N   . GLU A 1 89  ? 4.335   -8.109  -8.205  1.00 17.89 ? 83  GLU A N   1 
ATOM   709 C  CA  . GLU A 1 89  ? 3.088   -8.017  -7.479  1.00 17.13 ? 83  GLU A CA  1 
ATOM   710 C  C   . GLU A 1 89  ? 2.722   -9.396  -6.927  1.00 15.89 ? 83  GLU A C   1 
ATOM   711 O  O   . GLU A 1 89  ? 2.756   -10.408 -7.653  1.00 17.62 ? 83  GLU A O   1 
ATOM   712 C  CB  . GLU A 1 89  ? 1.992   -7.477  -8.389  1.00 16.89 ? 83  GLU A CB  1 
ATOM   713 C  CG  . GLU A 1 89  ? 0.584   -7.402  -7.760  1.00 17.79 ? 83  GLU A CG  1 
ATOM   714 C  CD  . GLU A 1 89  ? -0.467  -7.026  -8.797  1.00 19.33 ? 83  GLU A CD  1 
ATOM   715 O  OE1 . GLU A 1 89  ? -0.290  -5.995  -9.500  1.00 20.51 ? 83  GLU A OE1 1 
ATOM   716 O  OE2 . GLU A 1 89  ? -1.472  -7.777  -8.882  1.00 23.25 ? 83  GLU A OE2 1 
ATOM   717 N  N   . VAL A 1 90  ? 2.380   -9.442  -5.641  1.00 16.36 ? 84  VAL A N   1 
ATOM   718 C  CA  . VAL A 1 90  ? 1.997   -10.717 -5.008  1.00 16.92 ? 84  VAL A CA  1 
ATOM   719 C  C   . VAL A 1 90  ? 0.549   -10.682 -4.481  1.00 17.78 ? 84  VAL A C   1 
ATOM   720 O  O   . VAL A 1 90  ? -0.029  -11.735 -4.241  1.00 17.17 ? 84  VAL A O   1 
ATOM   721 C  CB  . VAL A 1 90  ? 2.956   -11.188 -3.881  1.00 17.55 ? 84  VAL A CB  1 
ATOM   722 C  CG1 . VAL A 1 90  ? 4.357   -11.446 -4.405  1.00 19.78 ? 84  VAL A CG1 1 
ATOM   723 C  CG2 . VAL A 1 90  ? 2.961   -10.158 -2.727  1.00 17.86 ? 84  VAL A CG2 1 
ATOM   724 N  N   . ALA A 1 91  ? -0.036  -9.497  -4.286  1.00 16.89 ? 85  ALA A N   1 
ATOM   725 C  CA  . ALA A 1 91  ? -1.497  -9.441  -4.012  1.00 15.99 ? 85  ALA A CA  1 
ATOM   726 C  C   . ALA A 1 91  ? -2.058  -8.145  -4.561  1.00 16.84 ? 85  ALA A C   1 
ATOM   727 O  O   . ALA A 1 91  ? -1.370  -7.122  -4.606  1.00 15.66 ? 85  ALA A O   1 
ATOM   728 C  CB  . ALA A 1 91  ? -1.805  -9.550  -2.480  1.00 15.48 ? 85  ALA A CB  1 
ATOM   729 N  N   . LYS A 1 92  ? -3.327  -8.188  -4.902  1.00 16.35 ? 86  LYS A N   1 
ATOM   730 C  CA  . LYS A 1 92  ? -4.055  -7.011  -5.311  1.00 15.59 ? 86  LYS A CA  1 
ATOM   731 C  C   . LYS A 1 92  ? -5.409  -7.029  -4.657  1.00 17.21 ? 86  LYS A C   1 
ATOM   732 O  O   . LYS A 1 92  ? -6.333  -7.680  -5.158  1.00 16.36 ? 86  LYS A O   1 
ATOM   733 C  CB  . LYS A 1 92  ? -4.184  -7.031  -6.829  1.00 15.60 ? 86  LYS A CB  1 
ATOM   734 C  CG  . LYS A 1 92  ? -4.968  -5.864  -7.454  1.00 17.10 ? 86  LYS A CG  1 
ATOM   735 C  CD  . LYS A 1 92  ? -4.618  -5.843  -8.945  1.00 17.81 ? 86  LYS A CD  1 
ATOM   736 C  CE  . LYS A 1 92  ? -5.190  -4.629  -9.692  1.00 20.35 ? 86  LYS A CE  1 
ATOM   737 N  NZ  . LYS A 1 92  ? -4.785  -4.655  -11.120 1.00 18.77 ? 86  LYS A NZ  1 
ATOM   738 N  N   . VAL A 1 93  ? -5.519  -6.386  -3.489  1.00 17.59 ? 87  VAL A N   1 
ATOM   739 C  CA  . VAL A 1 93  ? -6.743  -6.417  -2.713  1.00 18.65 ? 87  VAL A CA  1 
ATOM   740 C  C   . VAL A 1 93  ? -7.603  -5.214  -3.084  1.00 20.18 ? 87  VAL A C   1 
ATOM   741 O  O   . VAL A 1 93  ? -7.185  -4.050  -2.926  1.00 20.46 ? 87  VAL A O   1 
ATOM   742 C  CB  . VAL A 1 93  ? -6.487  -6.469  -1.193  1.00 18.88 ? 87  VAL A CB  1 
ATOM   743 C  CG1 . VAL A 1 93  ? -7.790  -6.606  -0.469  1.00 22.19 ? 87  VAL A CG1 1 
ATOM   744 C  CG2 . VAL A 1 93  ? -5.580  -7.680  -0.870  1.00 19.18 ? 87  VAL A CG2 1 
ATOM   745 N  N   . VAL A 1 94  ? -8.785  -5.489  -3.628  1.00 21.39 ? 88  VAL A N   1 
ATOM   746 C  CA  . VAL A 1 94  ? -9.634  -4.368  -4.072  1.00 23.03 ? 88  VAL A CA  1 
ATOM   747 C  C   . VAL A 1 94  ? -10.801 -4.057  -3.139  1.00 24.79 ? 88  VAL A C   1 
ATOM   748 O  O   . VAL A 1 94  ? -11.542 -4.932  -2.729  1.00 24.56 ? 88  VAL A O   1 
ATOM   749 C  CB  . VAL A 1 94  ? -10.180 -4.578  -5.487  1.00 22.90 ? 88  VAL A CB  1 
ATOM   750 C  CG1 . VAL A 1 94  ? -9.041  -4.696  -6.525  1.00 23.13 ? 88  VAL A CG1 1 
ATOM   751 C  CG2 . VAL A 1 94  ? -11.021 -5.802  -5.526  1.00 23.51 ? 88  VAL A CG2 1 
ATOM   752 N  N   . GLY A 1 95  ? -10.983 -2.784  -2.838  1.00 26.82 ? 89  GLY A N   1 
ATOM   753 C  CA  . GLY A 1 95  ? -12.096 -2.361  -2.023  1.00 27.66 ? 89  GLY A CA  1 
ATOM   754 C  C   . GLY A 1 95  ? -11.695 -2.077  -0.603  1.00 28.71 ? 89  GLY A C   1 
ATOM   755 O  O   . GLY A 1 95  ? -10.520 -2.140  -0.243  1.00 29.83 ? 89  GLY A O   1 
ATOM   756 N  N   . ALA A 1 96  ? -12.696 -1.792  0.219   1.00 29.46 ? 90  ALA A N   1 
ATOM   757 C  CA  . ALA A 1 96  ? -12.487 -1.431  1.604   1.00 30.89 ? 90  ALA A CA  1 
ATOM   758 C  C   . ALA A 1 96  ? -12.823 -2.571  2.575   1.00 31.99 ? 90  ALA A C   1 
ATOM   759 O  O   . ALA A 1 96  ? -13.521 -2.312  3.551   1.00 33.90 ? 90  ALA A O   1 
ATOM   760 C  CB  . ALA A 1 96  ? -13.324 -0.200  1.956   1.00 30.03 ? 90  ALA A CB  1 
ATOM   761 N  N   . ASN A 1 97  ? -12.333 -3.797  2.372   1.00 32.84 ? 91  ASN A N   1 
ATOM   762 C  CA  . ASN A 1 97  ? -12.475 -4.765  3.496   1.00 32.97 ? 91  ASN A CA  1 
ATOM   763 C  C   . ASN A 1 97  ? -11.150 -4.995  4.156   1.00 31.30 ? 91  ASN A C   1 
ATOM   764 O  O   . ASN A 1 97  ? -10.264 -5.597  3.578   1.00 30.75 ? 91  ASN A O   1 
ATOM   765 C  CB  . ASN A 1 97  ? -13.180 -6.114  3.210   1.00 33.39 ? 91  ASN A CB  1 
ATOM   766 C  CG  . ASN A 1 97  ? -13.555 -6.894  4.529   1.00 34.59 ? 91  ASN A CG  1 
ATOM   767 O  OD1 . ASN A 1 97  ? -13.027 -6.627  5.612   1.00 31.51 ? 91  ASN A OD1 1 
ATOM   768 N  ND2 . ASN A 1 97  ? -14.474 -7.858  4.410   1.00 36.46 ? 91  ASN A ND2 1 
ATOM   769 N  N   . PRO A 1 98  ? -11.048 -4.534  5.392   1.00 31.66 ? 92  PRO A N   1 
ATOM   770 C  CA  . PRO A 1 98  ? -9.863  -4.623  6.216   1.00 31.20 ? 92  PRO A CA  1 
ATOM   771 C  C   . PRO A 1 98  ? -9.432  -6.070  6.458   1.00 31.05 ? 92  PRO A C   1 
ATOM   772 O  O   . PRO A 1 98  ? -8.246  -6.328  6.608   1.00 30.15 ? 92  PRO A O   1 
ATOM   773 C  CB  . PRO A 1 98  ? -10.303 -3.963  7.537   1.00 31.93 ? 92  PRO A CB  1 
ATOM   774 C  CG  . PRO A 1 98  ? -11.499 -3.086  7.158   1.00 32.17 ? 92  PRO A CG  1 
ATOM   775 C  CD  . PRO A 1 98  ? -12.172 -3.854  6.080   1.00 31.60 ? 92  PRO A CD  1 
ATOM   776 N  N   . ALA A 1 99  ? -10.384 -6.992  6.511   1.00 30.08 ? 93  ALA A N   1 
ATOM   777 C  CA  . ALA A 1 99  ? -10.101 -8.410  6.717   1.00 29.03 ? 93  ALA A CA  1 
ATOM   778 C  C   . ALA A 1 99  ? -9.317  -9.021  5.593   1.00 27.25 ? 93  ALA A C   1 
ATOM   779 O  O   . ALA A 1 99  ? -8.409  -9.819  5.838   1.00 26.84 ? 93  ALA A O   1 
ATOM   780 C  CB  . ALA A 1 99  ? -11.413 -9.220  6.906   1.00 29.99 ? 93  ALA A CB  1 
ATOM   781 N  N   . ALA A 1 100 ? -9.684  -8.677  4.355   1.00 25.25 ? 94  ALA A N   1 
ATOM   782 C  CA  . ALA A 1 100 ? -8.974  -9.198  3.210   1.00 23.16 ? 94  ALA A CA  1 
ATOM   783 C  C   . ALA A 1 100 ? -7.549  -8.599  3.196   1.00 22.24 ? 94  ALA A C   1 
ATOM   784 O  O   . ALA A 1 100 ? -6.586  -9.272  2.859   1.00 20.76 ? 94  ALA A O   1 
ATOM   785 C  CB  . ALA A 1 100 ? -9.716  -8.898  1.914   1.00 23.14 ? 94  ALA A CB  1 
ATOM   786 N  N   . ILE A 1 101 ? -7.431  -7.328  3.574   1.00 21.12 ? 95  ILE A N   1 
ATOM   787 C  CA  . ILE A 1 101 ? -6.130  -6.679  3.494   1.00 20.57 ? 95  ILE A CA  1 
ATOM   788 C  C   . ILE A 1 101 ? -5.200  -7.346  4.514   1.00 21.36 ? 95  ILE A C   1 
ATOM   789 O  O   . ILE A 1 101 ? -4.043  -7.669  4.237   1.00 21.21 ? 95  ILE A O   1 
ATOM   790 C  CB  . ILE A 1 101 ? -6.278  -5.131  3.732   1.00 19.47 ? 95  ILE A CB  1 
ATOM   791 C  CG1 . ILE A 1 101 ? -7.122  -4.506  2.609   1.00 19.96 ? 95  ILE A CG1 1 
ATOM   792 C  CG2 . ILE A 1 101 ? -4.869  -4.483  3.884   1.00 17.71 ? 95  ILE A CG2 1 
ATOM   793 C  CD1 . ILE A 1 101 ? -7.614  -3.072  2.910   1.00 19.94 ? 95  ILE A CD1 1 
ATOM   794 N  N   . LYS A 1 102 ? -5.729  -7.539  5.717   1.00 22.91 ? 96  LYS A N   1 
ATOM   795 C  CA  . LYS A 1 102 ? -5.022  -8.224  6.770   1.00 23.22 ? 96  LYS A CA  1 
ATOM   796 C  C   . LYS A 1 102 ? -4.575  -9.638  6.369   1.00 23.89 ? 96  LYS A C   1 
ATOM   797 O  O   . LYS A 1 102 ? -3.406  -9.994  6.569   1.00 23.35 ? 96  LYS A O   1 
ATOM   798 C  CB  . LYS A 1 102 ? -5.880  -8.243  8.034   1.00 24.47 ? 96  LYS A CB  1 
ATOM   799 C  CG  . LYS A 1 102 ? -5.146  -8.906  9.186   1.00 28.63 ? 96  LYS A CG  1 
ATOM   800 C  CD  . LYS A 1 102 ? -6.011  -8.951  10.424  1.00 32.87 ? 96  LYS A CD  1 
ATOM   801 C  CE  . LYS A 1 102 ? -5.167  -9.427  11.589  1.00 34.86 ? 96  LYS A CE  1 
ATOM   802 N  NZ  . LYS A 1 102 ? -6.069  -9.874  12.711  0.50 34.44 ? 96  LYS A NZ  1 
ATOM   803 N  N   . GLN A 1 103 ? -5.468  -10.421 5.757   1.00 23.54 ? 97  GLN A N   1 
ATOM   804 C  CA  . GLN A 1 103 ? -5.106  -11.759 5.240   1.00 23.79 ? 97  GLN A CA  1 
ATOM   805 C  C   . GLN A 1 103 ? -3.957  -11.710 4.229   1.00 22.66 ? 97  GLN A C   1 
ATOM   806 O  O   . GLN A 1 103 ? -2.991  -12.500 4.279   1.00 21.44 ? 97  GLN A O   1 
ATOM   807 C  CB  . GLN A 1 103 ? -6.325  -12.409 4.580   1.00 24.75 ? 97  GLN A CB  1 
ATOM   808 C  CG  . GLN A 1 103 ? -7.475  -12.916 5.516   1.00 26.79 ? 97  GLN A CG  1 
ATOM   809 C  CD  . GLN A 1 103 ? -8.651  -13.547 4.681   1.00 27.33 ? 97  GLN A CD  1 
ATOM   810 O  OE1 . GLN A 1 103 ? -9.037  -13.024 3.624   1.00 31.53 ? 97  GLN A OE1 1 
ATOM   811 N  NE2 . GLN A 1 103 ? -9.170  -14.687 5.145   1.00 27.95 ? 97  GLN A NE2 1 
ATOM   812 N  N   . ALA A 1 104 ? -4.021  -10.734 3.317   1.00 20.49 ? 98  ALA A N   1 
ATOM   813 C  CA  . ALA A 1 104 ? -2.995  -10.599 2.286   1.00 19.48 ? 98  ALA A CA  1 
ATOM   814 C  C   . ALA A 1 104 ? -1.655  -10.218 2.875   1.00 18.52 ? 98  ALA A C   1 
ATOM   815 O  O   . ALA A 1 104 ? -0.642  -10.730 2.455   1.00 19.18 ? 98  ALA A O   1 
ATOM   816 C  CB  . ALA A 1 104 ? -3.433  -9.585  1.241   1.00 19.12 ? 98  ALA A CB  1 
ATOM   817 N  N   . ILE A 1 105 ? -1.633  -9.283  3.836   1.00 18.96 ? 99  ILE A N   1 
ATOM   818 C  CA  . ILE A 1 105 ? -0.363  -8.892  4.426   1.00 18.99 ? 99  ILE A CA  1 
ATOM   819 C  C   . ILE A 1 105 ? 0.206   -10.103 5.165   1.00 21.73 ? 99  ILE A C   1 
ATOM   820 O  O   . ILE A 1 105 ? 1.367   -10.513 4.923   1.00 21.92 ? 99  ILE A O   1 
ATOM   821 C  CB  . ILE A 1 105 ? -0.547  -7.686  5.390   1.00 18.95 ? 99  ILE A CB  1 
ATOM   822 C  CG1 . ILE A 1 105 ? -0.996  -6.461  4.576   1.00 18.04 ? 99  ILE A CG1 1 
ATOM   823 C  CG2 . ILE A 1 105 ? 0.786   -7.369  6.077   1.00 16.90 ? 99  ILE A CG2 1 
ATOM   824 C  CD1 . ILE A 1 105 ? -1.486  -5.245  5.365   1.00 16.41 ? 99  ILE A CD1 1 
ATOM   825 N  N   . ALA A 1 106 ? -0.639  -10.716 6.010   1.00 22.84 ? 100 ALA A N   1 
ATOM   826 C  CA  . ALA A 1 106 ? -0.226  -11.877 6.818   1.00 24.94 ? 100 ALA A CA  1 
ATOM   827 C  C   . ALA A 1 106 ? 0.329   -12.974 5.932   1.00 25.90 ? 100 ALA A C   1 
ATOM   828 O  O   . ALA A 1 106 ? 1.320   -13.606 6.296   1.00 27.25 ? 100 ALA A O   1 
ATOM   829 C  CB  . ALA A 1 106 ? -1.380  -12.415 7.621   1.00 25.72 ? 100 ALA A CB  1 
ATOM   830 N  N   . ALA A 1 107 ? -0.271  -13.169 4.760   1.00 26.17 ? 101 ALA A N   1 
ATOM   831 C  CA  . ALA A 1 107 ? 0.203   -14.187 3.804   1.00 26.40 ? 101 ALA A CA  1 
ATOM   832 C  C   . ALA A 1 107 ? 1.607   -13.926 3.282   1.00 27.09 ? 101 ALA A C   1 
ATOM   833 O  O   . ALA A 1 107 ? 2.367   -14.856 3.051   1.00 28.40 ? 101 ALA A O   1 
ATOM   834 C  CB  . ALA A 1 107 ? -0.762  -14.365 2.639   1.00 25.59 ? 101 ALA A CB  1 
ATOM   835 N  N   . ASN A 1 108 ? 1.963   -12.662 3.134   1.00 26.32 ? 102 ASN A N   1 
ATOM   836 C  CA  . ASN A 1 108 ? 3.130   -12.296 2.368   1.00 26.65 ? 102 ASN A CA  1 
ATOM   837 C  C   . ASN A 1 108 ? 4.270   -11.716 3.178   1.00 26.96 ? 102 ASN A C   1 
ATOM   838 O  O   . ASN A 1 108 ? 5.346   -11.536 2.644   1.00 27.18 ? 102 ASN A O   1 
ATOM   839 C  CB  . ASN A 1 108 ? 2.700   -11.319 1.244   1.00 24.99 ? 102 ASN A CB  1 
ATOM   840 C  CG  . ASN A 1 108 ? 1.900   -12.015 0.170   1.00 23.08 ? 102 ASN A CG  1 
ATOM   841 O  OD1 . ASN A 1 108 ? 0.664   -11.804 0.028   1.00 23.94 ? 102 ASN A OD1 1 
ATOM   842 N  ND2 . ASN A 1 108 ? 2.567   -12.886 -0.568  1.00 16.81 ? 102 ASN A ND2 1 
ATOM   843 N  N   . ALA A 1 109 ? 4.038   -11.421 4.456   1.00 29.50 ? 103 ALA A N   1 
ATOM   844 C  CA  . ALA A 1 109 ? 5.010   -10.673 5.255   1.00 30.94 ? 103 ALA A CA  1 
ATOM   845 C  C   . ALA A 1 109 ? 6.235   -11.489 5.619   1.00 32.61 ? 103 ALA A C   1 
ATOM   846 O  O   . ALA A 1 109 ? 7.322   -10.888 5.796   1.00 34.21 ? 103 ALA A O   1 
ATOM   847 C  CB  . ALA A 1 109 ? 4.360   -10.081 6.528   1.00 30.69 ? 103 ALA A CB  1 
ATOM   848 O  OXT . ALA A 1 109 ? 6.150   -12.718 5.734   1.00 32.51 ? 103 ALA A OXT 1 
HETATM 849 ZN ZN  . ZN  B 2 .   ? 3.402   4.625   16.457  1.00 26.81 ? 104 ZN  A ZN  1 
HETATM 850 ZN ZN  . ZN  C 2 .   ? 8.866   -1.250  15.133  1.00 27.56 ? 105 ZN  A ZN  1 
HETATM 851 ZN ZN  . ZN  D 2 .   ? 9.738   -1.451  26.212  1.00 35.32 ? 106 ZN  A ZN  1 
HETATM 852 O  O   . HOH E 3 .   ? -1.014  -13.238 -2.078  1.00 21.13 ? 107 HOH A O   1 
HETATM 853 O  O   . HOH E 3 .   ? -6.364  12.827  -4.640  1.00 29.30 ? 108 HOH A O   1 
HETATM 854 O  O   . HOH E 3 .   ? -14.446 3.862   -3.760  1.00 22.23 ? 109 HOH A O   1 
HETATM 855 O  O   . HOH E 3 .   ? -1.426  -10.213 -7.538  1.00 24.96 ? 110 HOH A O   1 
HETATM 856 O  O   . HOH E 3 .   ? 1.468   10.171  -4.207  1.00 23.15 ? 111 HOH A O   1 
HETATM 857 O  O   . HOH E 3 .   ? 12.638  1.958   19.743  1.00 18.15 ? 112 HOH A O   1 
HETATM 858 O  O   . HOH E 3 .   ? -9.598  -8.258  -3.485  1.00 22.40 ? 113 HOH A O   1 
HETATM 859 O  O   . HOH E 3 .   ? -1.988  -5.157  -11.260 1.00 23.34 ? 114 HOH A O   1 
HETATM 860 O  O   . HOH E 3 .   ? -10.419 0.338   9.008   1.00 28.48 ? 115 HOH A O   1 
HETATM 861 O  O   . HOH E 3 .   ? -7.891  -1.846  -9.094  1.00 20.63 ? 116 HOH A O   1 
HETATM 862 O  O   . HOH E 3 .   ? 11.987  4.626   -3.295  1.00 35.34 ? 117 HOH A O   1 
HETATM 863 O  O   . HOH E 3 .   ? 8.858   -8.375  4.531   1.00 21.49 ? 118 HOH A O   1 
HETATM 864 O  O   . HOH E 3 .   ? 12.494  10.490  -8.463  1.00 39.06 ? 119 HOH A O   1 
HETATM 865 O  O   . HOH E 3 .   ? -10.351 16.213  -3.014  1.00 24.29 ? 120 HOH A O   1 
HETATM 866 O  O   . HOH E 3 .   ? -7.511  -8.724  -7.372  1.00 24.67 ? 121 HOH A O   1 
HETATM 867 O  O   . HOH E 3 .   ? 8.142   3.616   8.486   1.00 36.16 ? 122 HOH A O   1 
HETATM 868 O  O   . HOH E 3 .   ? 3.654   -10.786 -10.236 1.00 23.61 ? 123 HOH A O   1 
HETATM 869 O  O   . HOH E 3 .   ? -2.853  -8.273  -11.074 1.00 31.68 ? 124 HOH A O   1 
HETATM 870 O  O   . HOH E 3 .   ? -8.190  -3.158  -12.413 1.00 32.55 ? 125 HOH A O   1 
HETATM 871 O  O   . HOH E 3 .   ? -8.279  -2.943  -0.517  1.00 34.14 ? 126 HOH A O   1 
HETATM 872 O  O   . HOH E 3 .   ? 6.048   -1.051  8.786   1.00 30.43 ? 127 HOH A O   1 
HETATM 873 O  O   . HOH E 3 .   ? -6.516  4.892   2.331   1.00 34.58 ? 128 HOH A O   1 
HETATM 874 O  O   . HOH E 3 .   ? -0.542  2.089   15.386  1.00 37.95 ? 129 HOH A O   1 
HETATM 875 O  O   . HOH E 3 .   ? -3.938  15.093  -3.892  1.00 43.08 ? 130 HOH A O   1 
HETATM 876 O  O   . HOH E 3 .   ? -2.495  13.144  -1.137  1.00 36.30 ? 131 HOH A O   1 
HETATM 877 O  O   . HOH E 3 .   ? -2.407  11.710  -11.699 1.00 36.46 ? 132 HOH A O   1 
HETATM 878 O  O   . HOH E 3 .   ? -8.904  -4.140  -9.970  1.00 30.60 ? 133 HOH A O   1 
HETATM 879 O  O   . HOH E 3 .   ? 5.290   -12.891 -9.542  1.00 32.51 ? 134 HOH A O   1 
HETATM 880 O  O   . HOH E 3 .   ? -8.459  -6.958  -9.393  1.00 25.49 ? 135 HOH A O   1 
HETATM 881 O  O   . HOH E 3 .   ? 7.001   -1.763  16.201  1.00 33.79 ? 136 HOH A O   1 
HETATM 882 O  O   . HOH E 3 .   ? -6.163  15.745  -5.312  1.00 36.36 ? 137 HOH A O   1 
HETATM 883 O  O   . HOH E 3 .   ? 13.912  6.332   -4.346  1.00 37.94 ? 138 HOH A O   1 
HETATM 884 O  O   . HOH E 3 .   ? 7.510   3.537   4.768   1.00 29.91 ? 139 HOH A O   1 
HETATM 885 O  O   . HOH E 3 .   ? 10.407  2.628   3.480   1.00 47.71 ? 140 HOH A O   1 
HETATM 886 O  O   . HOH E 3 .   ? 6.201   0.924   6.911   1.00 25.77 ? 141 HOH A O   1 
HETATM 887 O  O   . HOH E 3 .   ? 8.038   -12.120 -5.647  1.00 33.09 ? 142 HOH A O   1 
HETATM 888 O  O   . HOH E 3 .   ? 2.223   -13.178 -8.117  1.00 31.05 ? 143 HOH A O   1 
HETATM 889 O  O   . HOH E 3 .   ? -3.316  -14.768 5.481   1.00 32.99 ? 144 HOH A O   1 
HETATM 890 O  O   . HOH E 3 .   ? 10.985  -2.049  -10.424 1.00 47.42 ? 145 HOH A O   1 
HETATM 891 O  O   . HOH E 3 .   ? -7.344  8.434   2.580   1.00 38.45 ? 146 HOH A O   1 
HETATM 892 O  O   . HOH E 3 .   ? -14.553 -0.348  -4.197  1.00 43.62 ? 147 HOH A O   1 
HETATM 893 O  O   . HOH E 3 .   ? 9.437   6.266   9.799   1.00 44.08 ? 148 HOH A O   1 
HETATM 894 O  O   . HOH E 3 .   ? -2.776  -6.518  -13.402 1.00 38.13 ? 149 HOH A O   1 
HETATM 895 O  O   . HOH E 3 .   ? 5.044   -13.707 -0.790  1.00 28.07 ? 150 HOH A O   1 
HETATM 896 O  O   . HOH E 3 .   ? -8.345  5.340   -9.728  1.00 31.78 ? 151 HOH A O   1 
HETATM 897 O  O   . HOH E 3 .   ? -4.640  -14.631 7.841   1.00 39.90 ? 152 HOH A O   1 
HETATM 898 O  O   . HOH E 3 .   ? -1.466  17.163  -4.772  1.00 40.01 ? 153 HOH A O   1 
HETATM 899 O  O   . HOH E 3 .   ? 16.737  -5.878  -1.070  1.00 38.26 ? 154 HOH A O   1 
HETATM 900 O  O   . HOH E 3 .   ? -5.026  7.293   2.330   1.00 51.97 ? 155 HOH A O   1 
HETATM 901 O  O   . HOH E 3 .   ? -7.526  9.620   5.110   1.00 34.17 ? 156 HOH A O   1 
HETATM 902 O  O   . HOH E 3 .   ? 13.432  2.686   -1.544  1.00 44.28 ? 157 HOH A O   1 
HETATM 903 O  O   . HOH E 3 .   ? 4.097   13.725  -6.355  1.00 25.52 ? 158 HOH A O   1 
HETATM 904 O  O   . HOH E 3 .   ? -6.336  4.818   -10.818 1.00 33.04 ? 159 HOH A O   1 
HETATM 905 O  O   . HOH E 3 .   ? 12.931  -12.688 -5.427  1.00 34.74 ? 160 HOH A O   1 
HETATM 906 O  O   . HOH E 3 .   ? 6.063   10.349  18.973  1.00 32.52 ? 161 HOH A O   1 
HETATM 907 O  O   . HOH E 3 .   ? -12.572 -1.785  -12.471 1.00 44.51 ? 162 HOH A O   1 
HETATM 908 O  O   . HOH E 3 .   ? 9.124   -4.954  -11.160 1.00 36.62 ? 163 HOH A O   1 
HETATM 909 O  O   . HOH E 3 .   ? 15.624  -13.413 0.424   1.00 46.36 ? 164 HOH A O   1 
HETATM 910 O  O   . HOH E 3 .   ? -5.609  -5.837  -15.265 1.00 35.00 ? 165 HOH A O   1 
HETATM 911 O  O   . HOH E 3 .   ? 10.922  5.313   -0.950  1.00 41.57 ? 166 HOH A O   1 
HETATM 912 O  O   . HOH E 3 .   ? -8.989  8.283   7.436   1.00 39.12 ? 167 HOH A O   1 
HETATM 913 O  O   . HOH E 3 .   ? 7.474   0.517   19.088  1.00 37.42 ? 168 HOH A O   1 
HETATM 914 O  O   . HOH E 3 .   ? -3.019  8.849   9.825   1.00 45.67 ? 169 HOH A O   1 
HETATM 915 O  O   . HOH E 3 .   ? -9.645  18.711  -2.491  1.00 37.58 ? 170 HOH A O   1 
HETATM 916 O  O   . HOH E 3 .   ? 10.018  6.733   15.312  1.00 25.47 ? 171 HOH A O   1 
HETATM 917 O  O   . HOH E 3 .   ? 14.758  -8.171  -5.836  1.00 45.87 ? 172 HOH A O   1 
HETATM 918 O  O   . HOH E 3 .   ? -9.116  -10.533 9.228   1.00 47.64 ? 173 HOH A O   1 
HETATM 919 O  O   . HOH E 3 .   ? 1.880   4.674   11.420  1.00 33.72 ? 174 HOH A O   1 
HETATM 920 O  O   . HOH E 3 .   ? -15.568 -1.707  4.810   1.00 31.93 ? 175 HOH A O   1 
HETATM 921 O  O   . HOH E 3 .   ? -4.004  15.807  -10.877 1.00 35.76 ? 176 HOH A O   1 
HETATM 922 O  O   . HOH E 3 .   ? 9.109   1.120   8.873   1.00 43.95 ? 177 HOH A O   1 
HETATM 923 O  O   . HOH E 3 .   ? -3.789  -6.178  16.915  1.00 46.69 ? 178 HOH A O   1 
HETATM 924 O  O   . HOH E 3 .   ? 4.111   -9.437  12.805  1.00 44.53 ? 179 HOH A O   1 
HETATM 925 O  O   . HOH E 3 .   ? 16.485  4.786   0.506   1.00 53.64 ? 180 HOH A O   1 
HETATM 926 O  O   . HOH E 3 .   ? 11.355  -2.826  25.386  1.00 18.49 ? 181 HOH A O   1 
HETATM 927 O  O   . HOH E 3 .   ? -13.900 12.166  -0.144  1.00 44.79 ? 182 HOH A O   1 
HETATM 928 O  O   . HOH E 3 .   ? -8.947  -7.072  10.707  1.00 48.39 ? 183 HOH A O   1 
# 
